data_9IJV
#
_entry.id   9IJV
#
loop_
_entity.id
_entity.type
_entity.pdbx_description
1 polymer Neuraminidase
2 branched 2-acetamido-2-deoxy-beta-D-glucopyranose-(1-4)-2-acetamido-2-deoxy-beta-D-glucopyranose
3 branched alpha-D-mannopyranose-(1-2)-alpha-D-mannopyranose-(1-3)-[alpha-D-mannopyranose-(1-3)-alpha-D-mannopyranose-(1-6)]beta-D-mannopyranose-(1-4)-2-acetamido-2-deoxy-beta-D-glucopyranose-(1-4)-2-acetamido-2-deoxy-beta-D-glucopyranose
4 non-polymer 2-acetamido-2-deoxy-beta-D-glucopyranose
5 non-polymer 'CALCIUM ION'
#
_entity_poly.entity_id   1
_entity_poly.type   'polypeptide(L)'
_entity_poly.pdbx_seq_one_letter_code
;EYRNWSKPQCGITGFAPFSKDNSIRLSAGGDIWVTREPYVSCDPDKCYQFALGQGTTLNNVHSNNTVRDRTPYRTLLMNE
LGVPFHLGTKQVCIAWSSSSCHDGKAWLHVCITGDDKNATASFIYNGRLVDSVVSWSKDILRTQESECVCINGTCTVVMT
DGSASGKADTKILFIEEGKIVHTSTLSGSAQHVEECSCYPRYPGVRCVCRDNWKGSNRPIVDINIKDHSIVSSYVCSGLV
GDTPRKNDSSSSSHCLDPNNEEGGHGVKGWAFDDGNDVWMGRTINETSRLGYETFKVIEGWSNPKSKLQTNRQVIVDRGD
RSGYSGIFSVEGKSCINRCFYVELIRGRKEETEVLWTSNSIVVFCGTSGTYGTGSWPDGADLNLMPI
;
_entity_poly.pdbx_strand_id   A,B,C,D
#
# COMPACT_ATOMS: atom_id res chain seq x y z
N GLU A 1 10.27 -2.34 27.10
CA GLU A 1 9.63 -2.77 25.88
C GLU A 1 8.19 -3.21 26.15
N TYR A 2 8.01 -4.07 27.14
CA TYR A 2 6.68 -4.51 27.53
C TYR A 2 5.88 -3.34 28.09
N ARG A 3 4.57 -3.40 27.86
CA ARG A 3 3.63 -2.39 28.34
C ARG A 3 3.12 -2.79 29.72
N ASN A 4 3.10 -1.77 30.59
CA ASN A 4 2.71 -1.98 31.99
C ASN A 4 1.48 -1.17 32.36
N TRP A 5 1.14 -0.14 31.61
CA TRP A 5 -0.03 0.71 31.81
C TRP A 5 -0.07 1.27 33.23
N SER A 6 1.10 1.59 33.78
CA SER A 6 1.19 2.03 35.16
C SER A 6 0.88 3.51 35.35
N LYS A 7 0.66 4.25 34.27
CA LYS A 7 0.29 5.64 34.37
C LYS A 7 -1.15 5.76 34.89
N PRO A 8 -1.48 6.88 35.53
CA PRO A 8 -2.85 7.07 36.03
C PRO A 8 -3.84 7.28 34.90
N GLN A 9 -5.13 7.14 35.16
CA GLN A 9 -6.15 7.42 34.11
C GLN A 9 -6.31 8.94 33.86
N CYS A 10 -6.26 9.36 32.59
CA CYS A 10 -6.45 10.78 32.20
C CYS A 10 -7.81 11.25 32.74
N GLY A 11 -7.95 12.51 33.15
CA GLY A 11 -9.22 13.13 33.58
C GLY A 11 -10.08 13.34 32.38
N ILE A 12 -11.36 13.03 32.50
CA ILE A 12 -12.22 13.02 31.32
C ILE A 12 -13.41 13.91 31.63
N THR A 13 -13.71 14.83 30.75
CA THR A 13 -14.87 15.71 30.90
C THR A 13 -15.85 15.17 29.90
N GLY A 14 -15.33 14.42 28.94
CA GLY A 14 -16.16 13.90 27.88
C GLY A 14 -15.32 13.27 26.83
N PHE A 15 -15.86 13.15 25.64
CA PHE A 15 -15.16 12.51 24.53
C PHE A 15 -15.22 13.39 23.30
N ALA A 16 -14.11 13.42 22.56
CA ALA A 16 -13.97 14.18 21.33
C ALA A 16 -13.87 13.24 20.15
N PRO A 17 -14.39 13.64 18.98
CA PRO A 17 -14.32 12.77 17.80
C PRO A 17 -12.87 12.45 17.44
N PHE A 18 -12.64 11.19 17.10
CA PHE A 18 -11.30 10.76 16.78
C PHE A 18 -11.15 10.21 15.37
N SER A 19 -12.02 9.29 14.96
CA SER A 19 -11.89 8.66 13.66
C SER A 19 -13.25 8.23 13.15
N LYS A 20 -13.33 8.11 11.83
CA LYS A 20 -14.54 7.67 11.14
C LYS A 20 -14.11 7.04 9.83
N ASP A 21 -14.63 5.85 9.51
CA ASP A 21 -14.18 5.14 8.34
C ASP A 21 -15.05 5.33 7.10
N ASN A 22 -16.35 5.59 7.27
CA ASN A 22 -17.27 5.78 6.15
C ASN A 22 -17.26 4.57 5.21
N SER A 23 -17.23 3.37 5.81
CA SER A 23 -17.03 2.15 5.03
C SER A 23 -18.18 1.91 4.06
N ILE A 24 -19.42 2.04 4.53
CA ILE A 24 -20.57 1.74 3.67
C ILE A 24 -20.72 2.77 2.57
N ARG A 25 -20.47 4.04 2.88
CA ARG A 25 -20.54 5.08 1.85
C ARG A 25 -19.48 4.85 0.77
N LEU A 26 -18.28 4.42 1.18
CA LEU A 26 -17.25 4.08 0.20
C LEU A 26 -17.54 2.77 -0.52
N SER A 27 -18.37 1.91 0.06
CA SER A 27 -18.71 0.64 -0.57
C SER A 27 -19.56 0.81 -1.82
N ALA A 28 -20.32 1.89 -1.92
CA ALA A 28 -21.16 2.10 -3.08
C ALA A 28 -20.34 2.20 -4.36
N GLY A 29 -19.22 2.90 -4.29
CA GLY A 29 -18.24 2.86 -5.37
C GLY A 29 -16.87 2.49 -4.85
N GLY A 30 -16.39 1.30 -5.20
CA GLY A 30 -15.14 0.80 -4.64
C GLY A 30 -15.31 -0.54 -3.99
N ASP A 31 -14.21 -1.28 -3.82
CA ASP A 31 -14.22 -2.63 -3.28
C ASP A 31 -13.89 -2.56 -1.79
N ILE A 32 -14.92 -2.69 -0.95
CA ILE A 32 -14.77 -2.59 0.49
C ILE A 32 -15.26 -3.88 1.12
N TRP A 33 -14.50 -4.40 2.08
CA TRP A 33 -14.86 -5.63 2.77
C TRP A 33 -16.20 -5.49 3.49
N VAL A 34 -16.94 -6.59 3.52
CA VAL A 34 -18.12 -6.70 4.37
C VAL A 34 -17.65 -7.14 5.74
N THR A 35 -17.93 -6.33 6.76
CA THR A 35 -17.41 -6.55 8.10
C THR A 35 -18.54 -6.48 9.11
N ARG A 36 -18.23 -6.97 10.32
CA ARG A 36 -19.05 -6.77 11.50
C ARG A 36 -18.17 -7.07 12.70
N GLU A 37 -18.68 -6.70 13.88
CA GLU A 37 -17.97 -6.85 15.15
C GLU A 37 -16.57 -6.24 15.09
N PRO A 38 -16.45 -4.94 14.85
CA PRO A 38 -15.13 -4.31 14.81
C PRO A 38 -14.66 -3.93 16.21
N TYR A 39 -13.40 -3.52 16.28
CA TYR A 39 -12.84 -2.94 17.49
C TYR A 39 -11.56 -2.20 17.12
N VAL A 40 -11.02 -1.48 18.09
CA VAL A 40 -9.80 -0.70 17.90
C VAL A 40 -8.79 -1.13 18.94
N SER A 41 -7.56 -1.37 18.49
CA SER A 41 -6.45 -1.66 19.39
C SER A 41 -5.22 -0.95 18.84
N CYS A 42 -4.45 -0.36 19.74
CA CYS A 42 -3.32 0.48 19.35
C CYS A 42 -2.02 -0.15 19.84
N ASP A 43 -1.00 -0.13 18.99
CA ASP A 43 0.36 -0.36 19.44
C ASP A 43 0.89 0.95 20.02
N PRO A 44 2.10 0.94 20.62
CA PRO A 44 2.59 2.16 21.26
C PRO A 44 2.71 3.36 20.32
N ASP A 45 2.70 3.12 19.01
CA ASP A 45 2.89 4.18 18.03
C ASP A 45 1.58 4.67 17.42
N LYS A 46 0.77 3.76 16.87
CA LYS A 46 -0.45 4.17 16.17
C LYS A 46 -1.55 3.16 16.51
N CYS A 47 -2.78 3.54 16.20
CA CYS A 47 -3.95 2.72 16.47
C CYS A 47 -4.33 1.94 15.22
N TYR A 48 -4.94 0.78 15.43
CA TYR A 48 -5.39 -0.09 14.35
C TYR A 48 -6.87 -0.38 14.53
N GLN A 49 -7.56 -0.53 13.41
CA GLN A 49 -8.95 -0.98 13.41
C GLN A 49 -8.98 -2.45 13.01
N PHE A 50 -9.81 -3.22 13.70
CA PHE A 50 -10.02 -4.62 13.40
C PHE A 50 -11.48 -4.85 13.10
N ALA A 51 -11.77 -5.90 12.33
CA ALA A 51 -13.13 -6.31 12.07
C ALA A 51 -13.14 -7.75 11.63
N LEU A 52 -14.27 -8.40 11.82
CA LEU A 52 -14.48 -9.76 11.33
C LEU A 52 -15.07 -9.64 9.93
N GLY A 53 -14.24 -9.91 8.93
CA GLY A 53 -14.69 -9.89 7.56
C GLY A 53 -15.60 -11.06 7.26
N GLN A 54 -16.32 -10.96 6.15
CA GLN A 54 -17.17 -12.06 5.69
C GLN A 54 -16.62 -12.75 4.46
N GLY A 55 -15.33 -12.57 4.17
CA GLY A 55 -14.73 -13.19 3.01
C GLY A 55 -15.20 -12.62 1.69
N THR A 56 -15.73 -11.41 1.70
CA THR A 56 -16.33 -10.84 0.50
C THR A 56 -16.36 -9.32 0.64
N THR A 57 -16.55 -8.65 -0.51
CA THR A 57 -16.79 -7.22 -0.52
C THR A 57 -18.29 -6.95 -0.60
N LEU A 58 -18.67 -5.68 -0.45
CA LEU A 58 -20.08 -5.32 -0.46
C LEU A 58 -20.68 -5.40 -1.86
N ASN A 59 -20.00 -4.87 -2.86
CA ASN A 59 -20.44 -4.98 -4.25
C ASN A 59 -19.97 -6.33 -4.83
N ASN A 60 -20.66 -7.38 -4.41
CA ASN A 60 -20.22 -8.75 -4.61
C ASN A 60 -21.42 -9.67 -4.46
N VAL A 61 -21.45 -10.72 -5.29
CA VAL A 61 -22.52 -11.71 -5.17
C VAL A 61 -22.45 -12.44 -3.84
N HIS A 62 -21.27 -12.53 -3.23
CA HIS A 62 -21.10 -13.25 -1.98
C HIS A 62 -21.45 -12.42 -0.76
N SER A 63 -21.80 -11.15 -0.93
CA SER A 63 -22.28 -10.33 0.17
C SER A 63 -23.70 -10.67 0.58
N ASN A 64 -24.41 -11.45 -0.22
CA ASN A 64 -25.74 -11.97 0.13
C ASN A 64 -25.68 -12.88 1.35
N ASN A 65 -26.61 -12.73 2.27
CA ASN A 65 -26.70 -13.55 3.49
C ASN A 65 -25.48 -13.37 4.39
N THR A 66 -24.94 -12.14 4.44
CA THR A 66 -23.83 -11.83 5.31
C THR A 66 -24.29 -11.43 6.71
N VAL A 67 -25.55 -11.71 7.05
CA VAL A 67 -26.04 -11.55 8.42
C VAL A 67 -25.65 -12.74 9.29
N ARG A 68 -25.20 -13.83 8.70
CA ARG A 68 -24.76 -14.99 9.48
C ARG A 68 -23.52 -14.63 10.30
N ASP A 69 -23.47 -15.14 11.53
CA ASP A 69 -22.40 -14.77 12.44
C ASP A 69 -21.15 -15.60 12.23
N ARG A 70 -21.30 -16.91 11.99
CA ARG A 70 -20.17 -17.83 11.92
C ARG A 70 -20.18 -18.54 10.58
N THR A 71 -19.15 -18.28 9.77
CA THR A 71 -18.93 -18.93 8.49
C THR A 71 -17.46 -19.31 8.41
N PRO A 72 -17.10 -20.31 7.59
CA PRO A 72 -15.67 -20.66 7.46
C PRO A 72 -14.83 -19.57 6.83
N TYR A 73 -15.49 -18.65 6.12
CA TYR A 73 -14.80 -17.63 5.35
C TYR A 73 -14.51 -16.35 6.12
N ARG A 74 -14.96 -16.25 7.37
CA ARG A 74 -14.71 -15.07 8.16
C ARG A 74 -13.25 -15.01 8.60
N THR A 75 -12.65 -13.85 8.45
CA THR A 75 -11.26 -13.61 8.83
C THR A 75 -11.17 -12.29 9.58
N LEU A 76 -10.15 -12.17 10.42
CA LEU A 76 -9.89 -10.95 11.16
C LEU A 76 -9.10 -10.00 10.28
N LEU A 77 -9.72 -8.88 9.91
CA LEU A 77 -9.07 -7.85 9.12
C LEU A 77 -8.39 -6.85 10.05
N MET A 78 -7.23 -6.37 9.62
CA MET A 78 -6.43 -5.46 10.43
C MET A 78 -5.88 -4.35 9.54
N ASN A 79 -6.36 -3.13 9.76
CA ASN A 79 -5.84 -1.94 9.11
C ASN A 79 -5.42 -0.93 10.17
N GLU A 80 -4.62 0.03 9.77
CA GLU A 80 -4.41 1.20 10.61
C GLU A 80 -5.72 1.97 10.76
N LEU A 81 -5.92 2.54 11.94
CA LEU A 81 -7.14 3.30 12.20
C LEU A 81 -7.27 4.44 11.19
N GLY A 82 -8.37 4.46 10.46
CA GLY A 82 -8.56 5.46 9.42
C GLY A 82 -8.56 4.85 8.04
N VAL A 83 -7.72 3.85 7.81
CA VAL A 83 -7.67 3.19 6.49
C VAL A 83 -8.85 2.25 6.38
N PRO A 84 -9.77 2.48 5.44
CA PRO A 84 -10.91 1.57 5.29
C PRO A 84 -10.47 0.21 4.77
N PHE A 85 -11.31 -0.78 5.01
CA PHE A 85 -11.01 -2.16 4.64
C PHE A 85 -11.19 -2.32 3.13
N HIS A 86 -10.15 -1.96 2.40
CA HIS A 86 -10.11 -2.14 0.96
C HIS A 86 -9.48 -3.49 0.63
N LEU A 87 -9.28 -3.76 -0.67
CA LEU A 87 -8.77 -5.05 -1.10
C LEU A 87 -7.32 -5.29 -0.69
N GLY A 88 -6.59 -4.25 -0.29
CA GLY A 88 -5.24 -4.41 0.21
C GLY A 88 -5.14 -4.72 1.68
N THR A 89 -6.28 -4.90 2.35
CA THR A 89 -6.29 -5.15 3.79
C THR A 89 -5.75 -6.56 4.09
N LYS A 90 -4.93 -6.66 5.13
CA LYS A 90 -4.43 -7.95 5.59
C LYS A 90 -5.46 -8.61 6.49
N GLN A 91 -5.77 -9.87 6.22
CA GLN A 91 -6.53 -10.71 7.14
C GLN A 91 -5.53 -11.58 7.89
N VAL A 92 -5.44 -11.39 9.20
CA VAL A 92 -4.36 -11.97 9.98
C VAL A 92 -4.66 -13.37 10.49
N CYS A 93 -5.91 -13.83 10.40
CA CYS A 93 -6.27 -15.16 10.90
C CYS A 93 -7.69 -15.48 10.48
N ILE A 94 -8.01 -16.77 10.51
CA ILE A 94 -9.38 -17.23 10.31
C ILE A 94 -10.10 -17.10 11.64
N ALA A 95 -11.20 -16.35 11.64
CA ALA A 95 -11.92 -16.08 12.89
C ALA A 95 -13.31 -15.54 12.61
N TRP A 96 -14.31 -16.16 13.21
CA TRP A 96 -15.61 -15.53 13.38
C TRP A 96 -15.80 -15.03 14.80
N SER A 97 -14.74 -15.05 15.61
CA SER A 97 -14.70 -14.45 16.93
C SER A 97 -13.25 -14.12 17.22
N SER A 98 -13.00 -12.90 17.68
CA SER A 98 -11.62 -12.42 17.69
C SER A 98 -11.35 -11.51 18.87
N SER A 99 -10.06 -11.37 19.18
CA SER A 99 -9.56 -10.40 20.15
C SER A 99 -8.08 -10.19 19.86
N SER A 100 -7.65 -8.94 19.97
CA SER A 100 -6.30 -8.58 19.58
C SER A 100 -5.59 -7.79 20.67
N CYS A 101 -4.29 -8.06 20.80
CA CYS A 101 -3.45 -7.49 21.85
C CYS A 101 -2.12 -7.02 21.27
N HIS A 102 -1.62 -5.92 21.81
CA HIS A 102 -0.21 -5.58 21.65
C HIS A 102 0.39 -5.46 23.05
N ASP A 103 1.41 -6.25 23.32
CA ASP A 103 2.06 -6.28 24.61
C ASP A 103 3.21 -5.28 24.71
N GLY A 104 3.39 -4.45 23.69
CA GLY A 104 4.52 -3.56 23.61
C GLY A 104 5.64 -4.06 22.72
N LYS A 105 5.67 -5.36 22.43
CA LYS A 105 6.67 -5.96 21.56
C LYS A 105 6.06 -6.47 20.26
N ALA A 106 4.93 -7.17 20.33
CA ALA A 106 4.34 -7.78 19.16
C ALA A 106 2.83 -7.88 19.34
N TRP A 107 2.13 -8.10 18.23
CA TRP A 107 0.69 -8.27 18.27
C TRP A 107 0.32 -9.69 18.65
N LEU A 108 -0.68 -9.82 19.51
CA LEU A 108 -1.31 -11.10 19.82
C LEU A 108 -2.73 -11.08 19.27
N HIS A 109 -3.07 -12.09 18.49
CA HIS A 109 -4.41 -12.23 17.94
C HIS A 109 -5.02 -13.53 18.44
N VAL A 110 -6.20 -13.44 19.04
CA VAL A 110 -6.93 -14.60 19.54
C VAL A 110 -8.08 -14.84 18.59
N CYS A 111 -8.04 -15.95 17.87
CA CYS A 111 -8.93 -16.19 16.75
C CYS A 111 -9.68 -17.50 16.94
N ILE A 112 -11.00 -17.45 16.85
CA ILE A 112 -11.85 -18.62 17.00
C ILE A 112 -12.58 -18.86 15.69
N THR A 113 -12.48 -20.09 15.19
CA THR A 113 -13.18 -20.49 13.98
C THR A 113 -13.49 -21.98 14.07
N GLY A 114 -14.17 -22.49 13.05
CA GLY A 114 -14.55 -23.89 13.02
C GLY A 114 -16.01 -24.10 13.35
N ASP A 115 -16.32 -25.36 13.68
CA ASP A 115 -17.69 -25.76 13.95
C ASP A 115 -18.20 -25.10 15.23
N ASP A 116 -19.51 -24.85 15.29
CA ASP A 116 -20.09 -24.24 16.48
C ASP A 116 -19.90 -25.11 17.71
N LYS A 117 -20.01 -26.41 17.54
CA LYS A 117 -19.94 -27.33 18.68
C LYS A 117 -18.54 -27.87 18.90
N ASN A 118 -17.61 -27.64 18.00
CA ASN A 118 -16.19 -28.07 18.16
C ASN A 118 -15.32 -26.99 17.56
N ALA A 119 -15.01 -25.95 18.29
CA ALA A 119 -14.33 -24.78 17.77
C ALA A 119 -12.92 -24.68 18.32
N THR A 120 -12.04 -24.11 17.50
CA THR A 120 -10.64 -23.93 17.84
C THR A 120 -10.35 -22.46 18.06
N ALA A 121 -9.66 -22.14 19.14
CA ALA A 121 -9.11 -20.82 19.36
C ALA A 121 -7.61 -20.87 19.07
N SER A 122 -7.18 -20.13 18.05
CA SER A 122 -5.77 -20.07 17.67
C SER A 122 -5.17 -18.81 18.28
N PHE A 123 -3.98 -18.96 18.86
CA PHE A 123 -3.28 -17.85 19.48
C PHE A 123 -2.06 -17.52 18.63
N ILE A 124 -2.12 -16.39 17.94
CA ILE A 124 -1.09 -15.97 17.00
C ILE A 124 -0.36 -14.78 17.60
N TYR A 125 0.94 -14.94 17.83
CA TYR A 125 1.77 -13.91 18.43
C TYR A 125 2.97 -13.68 17.53
N ASN A 126 3.24 -12.42 17.22
CA ASN A 126 4.37 -12.03 16.37
C ASN A 126 4.30 -12.74 15.01
N GLY A 127 3.09 -12.93 14.52
CA GLY A 127 2.88 -13.56 13.23
C GLY A 127 2.97 -15.06 13.20
N ARG A 128 3.07 -15.71 14.36
CA ARG A 128 3.20 -17.16 14.44
C ARG A 128 2.13 -17.74 15.33
N LEU A 129 1.57 -18.87 14.90
CA LEU A 129 0.65 -19.63 15.74
C LEU A 129 1.42 -20.27 16.88
N VAL A 130 1.17 -19.83 18.11
CA VAL A 130 1.91 -20.29 19.27
C VAL A 130 1.15 -21.33 20.08
N ASP A 131 -0.16 -21.20 20.20
CA ASP A 131 -0.94 -22.13 21.00
C ASP A 131 -2.35 -22.22 20.41
N SER A 132 -3.08 -23.25 20.84
CA SER A 132 -4.45 -23.42 20.42
C SER A 132 -5.19 -24.22 21.48
N VAL A 133 -6.50 -23.95 21.61
CA VAL A 133 -7.35 -24.63 22.58
C VAL A 133 -8.69 -24.92 21.93
N VAL A 134 -9.26 -26.07 22.29
CA VAL A 134 -10.55 -26.49 21.78
C VAL A 134 -11.65 -25.96 22.71
N SER A 135 -12.85 -25.84 22.15
CA SER A 135 -14.03 -25.53 22.93
C SER A 135 -14.18 -26.53 24.07
N TRP A 136 -14.41 -26.02 25.28
CA TRP A 136 -14.53 -26.89 26.44
C TRP A 136 -15.98 -27.26 26.75
N SER A 137 -16.92 -26.38 26.47
CA SER A 137 -18.34 -26.65 26.69
C SER A 137 -19.02 -27.22 25.47
N LYS A 138 -18.30 -27.42 24.36
CA LYS A 138 -18.84 -27.99 23.14
C LYS A 138 -20.04 -27.19 22.65
N ASP A 139 -19.94 -25.87 22.80
CA ASP A 139 -20.94 -24.94 22.32
C ASP A 139 -20.17 -23.82 21.62
N ILE A 140 -20.85 -22.73 21.29
CA ILE A 140 -20.23 -21.67 20.50
C ILE A 140 -19.15 -21.00 21.37
N LEU A 141 -17.89 -21.31 21.08
CA LEU A 141 -16.80 -20.68 21.78
C LEU A 141 -16.58 -19.27 21.24
N ARG A 142 -16.59 -18.28 22.13
CA ARG A 142 -16.55 -16.88 21.74
C ARG A 142 -15.65 -16.11 22.69
N THR A 143 -15.12 -15.00 22.19
CA THR A 143 -14.21 -14.14 22.94
C THR A 143 -14.73 -12.70 22.90
N GLN A 144 -13.86 -11.77 23.32
CA GLN A 144 -14.31 -10.43 23.71
C GLN A 144 -14.87 -9.64 22.53
N GLU A 145 -14.37 -9.88 21.33
CA GLU A 145 -14.67 -9.07 20.14
C GLU A 145 -14.18 -7.64 20.33
N SER A 146 -13.16 -7.47 21.16
CA SER A 146 -12.54 -6.17 21.38
C SER A 146 -11.08 -6.39 21.73
N GLU A 147 -10.37 -5.30 21.98
CA GLU A 147 -8.98 -5.41 22.37
C GLU A 147 -8.86 -6.06 23.74
N CYS A 148 -7.87 -6.93 23.88
CA CYS A 148 -7.50 -7.48 25.16
C CYS A 148 -6.35 -6.65 25.74
N VAL A 149 -6.00 -6.96 26.99
CA VAL A 149 -5.04 -6.16 27.74
C VAL A 149 -3.84 -7.03 28.11
N CYS A 150 -2.64 -6.54 27.79
CA CYS A 150 -1.40 -7.14 28.25
C CYS A 150 -0.73 -6.20 29.25
N ILE A 151 -0.39 -6.75 30.41
CA ILE A 151 0.38 -6.03 31.42
C ILE A 151 1.62 -6.87 31.67
N ASN A 152 2.80 -6.23 31.54
CA ASN A 152 4.18 -6.82 31.70
C ASN A 152 4.46 -8.00 30.80
N GLY A 153 3.75 -8.12 29.69
CA GLY A 153 3.88 -9.23 28.78
C GLY A 153 2.84 -10.31 28.95
N THR A 154 2.03 -10.23 30.00
CA THR A 154 0.96 -11.21 30.25
C THR A 154 -0.35 -10.62 29.76
N CYS A 155 -0.91 -11.21 28.71
CA CYS A 155 -2.17 -10.78 28.16
C CYS A 155 -3.31 -11.62 28.71
N THR A 156 -4.44 -10.96 28.99
CA THR A 156 -5.62 -11.63 29.51
C THR A 156 -6.73 -11.55 28.47
N VAL A 157 -7.35 -12.68 28.19
CA VAL A 157 -8.50 -12.74 27.29
C VAL A 157 -9.63 -13.48 28.00
N VAL A 158 -10.85 -13.02 27.79
CA VAL A 158 -12.03 -13.63 28.40
C VAL A 158 -12.74 -14.46 27.34
N MET A 159 -12.96 -15.74 27.63
CA MET A 159 -13.58 -16.66 26.69
C MET A 159 -14.79 -17.30 27.34
N THR A 160 -15.91 -17.31 26.63
CA THR A 160 -17.13 -17.94 27.09
C THR A 160 -17.47 -19.12 26.19
N ASP A 161 -18.07 -20.15 26.80
CA ASP A 161 -18.48 -21.34 26.06
C ASP A 161 -19.68 -21.93 26.76
N GLY A 162 -20.77 -22.14 26.02
CA GLY A 162 -21.97 -22.69 26.58
C GLY A 162 -23.19 -21.92 26.11
N SER A 163 -24.29 -22.10 26.84
CA SER A 163 -25.55 -21.49 26.46
C SER A 163 -25.48 -19.98 26.52
N ALA A 164 -26.12 -19.33 25.54
CA ALA A 164 -26.22 -17.87 25.55
C ALA A 164 -27.37 -17.39 26.43
N SER A 165 -28.27 -18.28 26.82
CA SER A 165 -29.44 -17.94 27.62
C SER A 165 -29.48 -18.87 28.84
N GLY A 166 -28.33 -19.05 29.47
CA GLY A 166 -28.24 -19.94 30.62
C GLY A 166 -26.83 -19.91 31.17
N LYS A 167 -26.57 -20.84 32.07
CA LYS A 167 -25.24 -20.90 32.66
C LYS A 167 -24.26 -21.31 31.57
N ALA A 168 -23.19 -20.55 31.43
CA ALA A 168 -22.14 -20.79 30.47
C ALA A 168 -20.80 -20.79 31.20
N ASP A 169 -19.82 -21.47 30.60
CA ASP A 169 -18.50 -21.62 31.18
C ASP A 169 -17.59 -20.53 30.63
N THR A 170 -17.26 -19.56 31.48
CA THR A 170 -16.36 -18.47 31.12
C THR A 170 -15.00 -18.72 31.75
N LYS A 171 -13.95 -18.58 30.93
CA LYS A 171 -12.58 -18.78 31.38
C LYS A 171 -11.78 -17.53 31.08
N ILE A 172 -10.89 -17.16 32.01
CA ILE A 172 -9.95 -16.07 31.79
C ILE A 172 -8.59 -16.70 31.50
N LEU A 173 -8.08 -16.44 30.31
CA LEU A 173 -6.85 -17.05 29.84
C LEU A 173 -5.70 -16.07 29.99
N PHE A 174 -4.59 -16.54 30.54
CA PHE A 174 -3.39 -15.74 30.72
C PHE A 174 -2.37 -16.19 29.69
N ILE A 175 -2.03 -15.29 28.76
CA ILE A 175 -1.21 -15.62 27.61
C ILE A 175 0.09 -14.83 27.70
N GLU A 176 1.22 -15.54 27.61
CA GLU A 176 2.53 -14.93 27.59
C GLU A 176 3.20 -15.25 26.26
N GLU A 177 3.34 -14.24 25.40
CA GLU A 177 3.97 -14.39 24.08
C GLU A 177 3.28 -15.46 23.23
N GLY A 178 1.95 -15.47 23.29
CA GLY A 178 1.16 -16.40 22.52
C GLY A 178 0.90 -17.73 23.19
N LYS A 179 1.56 -18.01 24.31
CA LYS A 179 1.44 -19.29 24.99
C LYS A 179 0.53 -19.15 26.20
N ILE A 180 -0.41 -20.07 26.34
CA ILE A 180 -1.33 -20.07 27.47
C ILE A 180 -0.58 -20.60 28.69
N VAL A 181 -0.29 -19.70 29.64
CA VAL A 181 0.42 -20.11 30.84
C VAL A 181 -0.55 -20.49 31.96
N HIS A 182 -1.74 -19.91 31.97
CA HIS A 182 -2.74 -20.22 32.99
C HIS A 182 -4.12 -20.04 32.40
N THR A 183 -5.08 -20.75 32.99
CA THR A 183 -6.48 -20.64 32.59
C THR A 183 -7.34 -20.70 33.84
N SER A 184 -8.00 -19.59 34.16
CA SER A 184 -8.80 -19.47 35.37
C SER A 184 -10.28 -19.46 35.01
N THR A 185 -11.05 -20.30 35.68
CA THR A 185 -12.50 -20.28 35.53
C THR A 185 -13.05 -19.00 36.16
N LEU A 186 -14.00 -18.30 35.52
CA LEU A 186 -14.64 -17.09 36.09
C LEU A 186 -15.30 -17.36 37.44
N SER A 187 -15.07 -16.47 38.39
CA SER A 187 -15.57 -16.58 39.78
C SER A 187 -16.29 -15.27 40.07
N GLY A 188 -17.20 -15.25 41.04
CA GLY A 188 -17.88 -14.01 41.43
C GLY A 188 -19.36 -14.09 41.19
N SER A 189 -20.03 -12.96 41.31
CA SER A 189 -21.50 -12.92 41.18
C SER A 189 -21.97 -12.68 39.75
N ALA A 190 -21.08 -12.38 38.82
CA ALA A 190 -21.54 -12.25 37.42
C ALA A 190 -21.90 -13.64 36.92
N GLN A 191 -23.17 -13.86 36.71
CA GLN A 191 -23.69 -15.17 36.31
C GLN A 191 -23.46 -15.44 34.82
N HIS A 192 -23.67 -14.43 33.98
CA HIS A 192 -23.44 -14.56 32.54
C HIS A 192 -22.49 -13.46 32.08
N VAL A 193 -21.41 -13.85 31.43
CA VAL A 193 -20.36 -12.93 31.00
C VAL A 193 -20.06 -13.20 29.53
N GLU A 194 -20.10 -12.15 28.71
CA GLU A 194 -19.92 -12.27 27.27
C GLU A 194 -19.38 -10.96 26.72
N GLU A 195 -18.52 -11.07 25.70
CA GLU A 195 -18.02 -9.93 24.93
C GLU A 195 -17.56 -8.79 25.83
N CYS A 196 -16.53 -9.09 26.62
CA CYS A 196 -16.03 -8.15 27.61
C CYS A 196 -15.25 -7.02 26.97
N SER A 197 -15.54 -5.79 27.39
CA SER A 197 -14.75 -4.63 27.03
C SER A 197 -13.75 -4.41 28.17
N CYS A 198 -12.49 -4.78 27.93
CA CYS A 198 -11.48 -4.80 28.96
C CYS A 198 -10.51 -3.66 28.77
N TYR A 199 -10.13 -3.03 29.88
CA TYR A 199 -9.16 -1.94 29.87
C TYR A 199 -8.19 -2.11 31.03
N PRO A 200 -6.96 -1.67 30.86
CA PRO A 200 -5.97 -1.79 31.95
C PRO A 200 -6.27 -0.87 33.11
N ARG A 201 -6.51 -1.45 34.29
CA ARG A 201 -6.64 -0.70 35.53
C ARG A 201 -5.56 -1.22 36.46
N TYR A 202 -4.38 -0.60 36.36
CA TYR A 202 -3.18 -1.09 37.04
C TYR A 202 -3.44 -1.17 38.55
N PRO A 203 -2.97 -2.22 39.23
CA PRO A 203 -2.10 -3.30 38.74
C PRO A 203 -2.81 -4.41 37.98
N GLY A 204 -4.09 -4.28 37.65
CA GLY A 204 -4.79 -5.36 37.00
C GLY A 204 -5.58 -4.97 35.76
N VAL A 205 -6.57 -5.79 35.42
CA VAL A 205 -7.42 -5.56 34.26
C VAL A 205 -8.87 -5.60 34.73
N ARG A 206 -9.66 -4.63 34.28
CA ARG A 206 -11.08 -4.58 34.58
C ARG A 206 -11.86 -4.72 33.28
N CYS A 207 -12.86 -5.59 33.28
CA CYS A 207 -13.67 -5.87 32.11
C CYS A 207 -15.13 -5.58 32.39
N VAL A 208 -15.78 -4.90 31.46
CA VAL A 208 -17.22 -4.66 31.50
C VAL A 208 -17.82 -5.44 30.33
N CYS A 209 -18.71 -6.37 30.64
CA CYS A 209 -19.21 -7.34 29.68
C CYS A 209 -20.72 -7.18 29.54
N ARG A 210 -21.33 -8.06 28.75
CA ARG A 210 -22.78 -8.09 28.59
C ARG A 210 -23.35 -9.35 29.21
N ASP A 211 -24.44 -9.19 29.95
CA ASP A 211 -25.21 -10.31 30.48
C ASP A 211 -26.32 -10.62 29.48
N ASN A 212 -26.16 -11.70 28.74
CA ASN A 212 -27.11 -12.09 27.70
C ASN A 212 -28.20 -13.01 28.22
N TRP A 213 -28.25 -13.25 29.53
CA TRP A 213 -29.14 -14.25 30.09
C TRP A 213 -30.25 -13.64 30.93
N LYS A 214 -29.92 -12.88 31.98
CA LYS A 214 -30.96 -12.38 32.87
C LYS A 214 -30.69 -10.98 33.42
N GLY A 215 -29.85 -10.18 32.78
CA GLY A 215 -29.52 -8.87 33.32
C GLY A 215 -29.33 -7.84 32.24
N SER A 216 -29.90 -6.67 32.46
CA SER A 216 -29.61 -5.50 31.65
C SER A 216 -28.53 -4.61 32.25
N ASN A 217 -28.04 -4.94 33.44
CA ASN A 217 -26.85 -4.29 33.98
C ASN A 217 -25.61 -5.03 33.53
N ARG A 218 -24.49 -4.31 33.51
CA ARG A 218 -23.36 -4.98 32.88
C ARG A 218 -22.46 -5.65 33.93
N PRO A 219 -22.10 -6.91 33.70
CA PRO A 219 -21.17 -7.58 34.61
C PRO A 219 -19.79 -6.95 34.58
N ILE A 220 -19.11 -7.06 35.71
CA ILE A 220 -17.75 -6.55 35.88
C ILE A 220 -16.82 -7.72 36.20
N VAL A 221 -15.70 -7.81 35.50
CA VAL A 221 -14.67 -8.79 35.79
C VAL A 221 -13.40 -8.04 36.15
N ASP A 222 -12.86 -8.33 37.32
CA ASP A 222 -11.59 -7.76 37.77
C ASP A 222 -10.54 -8.85 37.77
N ILE A 223 -9.47 -8.62 37.03
CA ILE A 223 -8.40 -9.61 36.84
C ILE A 223 -7.11 -9.04 37.41
N ASN A 224 -6.51 -9.76 38.33
CA ASN A 224 -5.21 -9.39 38.89
C ASN A 224 -4.12 -10.11 38.12
N ILE A 225 -3.25 -9.37 37.46
CA ILE A 225 -2.30 -10.03 36.53
C ILE A 225 -1.28 -10.86 37.30
N LYS A 226 -0.85 -10.39 38.46
CA LYS A 226 0.16 -11.09 39.29
C LYS A 226 -0.41 -12.34 39.94
N ASP A 227 -1.41 -12.18 40.80
CA ASP A 227 -2.01 -13.32 41.54
C ASP A 227 -2.91 -14.18 40.67
N HIS A 228 -3.44 -13.68 39.55
CA HIS A 228 -4.36 -14.41 38.65
C HIS A 228 -5.77 -14.57 39.24
N SER A 229 -6.10 -13.84 40.30
CA SER A 229 -7.40 -13.96 40.94
C SER A 229 -8.47 -13.25 40.12
N ILE A 230 -9.68 -13.80 40.14
CA ILE A 230 -10.81 -13.27 39.39
C ILE A 230 -11.97 -13.00 40.35
N VAL A 231 -12.52 -11.80 40.26
CA VAL A 231 -13.71 -11.43 41.01
C VAL A 231 -14.72 -10.81 40.06
N SER A 232 -16.00 -11.10 40.29
CA SER A 232 -17.06 -10.66 39.40
C SER A 232 -18.13 -9.90 40.17
N SER A 233 -18.74 -8.94 39.50
CA SER A 233 -19.82 -8.13 40.05
C SER A 233 -20.60 -7.55 38.87
N TYR A 234 -21.45 -6.55 39.17
CA TYR A 234 -22.24 -5.88 38.14
C TYR A 234 -22.05 -4.38 38.27
N VAL A 235 -22.20 -3.66 37.15
CA VAL A 235 -22.15 -2.21 37.19
C VAL A 235 -23.32 -1.69 38.00
N CYS A 236 -23.03 -0.92 39.05
CA CYS A 236 -24.04 -0.53 40.01
C CYS A 236 -24.87 0.65 39.56
N SER A 237 -24.53 1.27 38.43
CA SER A 237 -25.27 2.44 37.96
C SER A 237 -26.73 2.09 37.71
N GLY A 238 -27.63 2.93 38.26
CA GLY A 238 -29.05 2.74 38.03
C GLY A 238 -29.46 2.94 36.59
N LEU A 239 -28.64 3.62 35.80
CA LEU A 239 -28.83 3.71 34.36
C LEU A 239 -28.03 2.61 33.69
N VAL A 240 -28.72 1.57 33.25
CA VAL A 240 -28.07 0.38 32.71
C VAL A 240 -27.68 0.61 31.27
N GLY A 241 -26.57 0.01 30.86
CA GLY A 241 -26.00 0.26 29.56
C GLY A 241 -26.29 -0.79 28.50
N ASP A 242 -26.98 -1.87 28.89
CA ASP A 242 -27.27 -2.96 27.98
C ASP A 242 -28.57 -2.69 27.22
N THR A 243 -28.63 -3.16 25.98
CA THR A 243 -29.83 -3.14 25.16
C THR A 243 -30.24 -4.57 24.84
N PRO A 244 -31.47 -4.99 25.11
CA PRO A 244 -32.63 -4.23 25.62
C PRO A 244 -32.53 -3.85 27.10
N ARG A 245 -33.36 -2.90 27.52
CA ARG A 245 -33.43 -2.47 28.90
C ARG A 245 -34.77 -1.78 29.13
N LYS A 246 -35.06 -1.49 30.39
CA LYS A 246 -36.17 -0.63 30.74
C LYS A 246 -35.73 0.82 30.66
N ASN A 247 -36.75 1.68 30.63
CA ASN A 247 -36.57 3.15 30.56
C ASN A 247 -35.87 3.66 31.82
N ASP A 248 -35.24 4.84 31.80
CA ASP A 248 -34.48 5.33 32.94
C ASP A 248 -35.33 5.43 34.20
N SER A 249 -36.61 5.78 34.06
CA SER A 249 -37.47 5.91 35.24
C SER A 249 -37.77 4.55 35.87
N SER A 250 -37.82 3.50 35.07
CA SER A 250 -38.22 2.17 35.55
C SER A 250 -37.05 1.22 35.74
N SER A 251 -35.93 1.45 35.06
CA SER A 251 -34.80 0.53 35.15
C SER A 251 -34.18 0.57 36.55
N SER A 252 -33.73 -0.60 37.00
CA SER A 252 -33.06 -0.72 38.28
C SER A 252 -31.82 -1.59 38.09
N SER A 253 -30.88 -1.48 39.03
CA SER A 253 -29.63 -2.22 38.94
C SER A 253 -29.32 -2.82 40.30
N HIS A 254 -28.26 -3.63 40.33
CA HIS A 254 -27.80 -4.29 41.54
C HIS A 254 -26.29 -4.36 41.50
N CYS A 255 -25.67 -4.17 42.66
CA CYS A 255 -24.22 -4.16 42.76
C CYS A 255 -23.60 -5.55 42.67
N LEU A 256 -24.40 -6.61 42.82
CA LEU A 256 -23.88 -7.97 42.83
C LEU A 256 -24.65 -8.95 41.95
N ASP A 257 -25.88 -8.64 41.56
CA ASP A 257 -26.74 -9.58 40.87
C ASP A 257 -27.28 -8.95 39.61
N PRO A 258 -27.65 -9.75 38.61
CA PRO A 258 -28.42 -9.22 37.49
C PRO A 258 -29.77 -8.72 37.95
N ASN A 259 -30.23 -7.65 37.31
CA ASN A 259 -31.42 -6.95 37.75
C ASN A 259 -32.71 -7.64 37.29
N ASN A 260 -32.61 -8.66 36.46
CA ASN A 260 -33.77 -9.41 35.98
C ASN A 260 -34.79 -8.50 35.31
N GLU A 261 -34.31 -7.54 34.52
CA GLU A 261 -35.18 -6.58 33.84
C GLU A 261 -34.75 -6.50 32.39
N GLU A 262 -35.49 -7.17 31.50
CA GLU A 262 -35.18 -7.20 30.07
C GLU A 262 -33.74 -7.65 29.83
N GLY A 263 -33.32 -8.68 30.56
CA GLY A 263 -31.96 -9.16 30.47
C GLY A 263 -31.74 -10.34 29.56
N GLY A 264 -32.78 -10.85 28.91
CA GLY A 264 -32.66 -12.05 28.10
C GLY A 264 -31.80 -11.90 26.87
N HIS A 265 -31.50 -10.67 26.48
CA HIS A 265 -30.66 -10.41 25.31
C HIS A 265 -29.59 -9.40 25.71
N GLY A 266 -28.84 -8.87 24.76
CA GLY A 266 -27.83 -7.90 25.11
C GLY A 266 -27.12 -7.36 23.88
N VAL A 267 -26.21 -6.43 24.15
CA VAL A 267 -25.32 -5.88 23.13
C VAL A 267 -23.98 -5.62 23.79
N LYS A 268 -22.91 -5.74 23.01
CA LYS A 268 -21.59 -5.40 23.51
C LYS A 268 -21.49 -3.91 23.79
N GLY A 269 -21.10 -3.58 25.02
CA GLY A 269 -20.93 -2.20 25.42
C GLY A 269 -19.70 -2.01 26.26
N TRP A 270 -19.60 -0.89 26.96
CA TRP A 270 -18.41 -0.58 27.74
C TRP A 270 -18.78 0.36 28.88
N ALA A 271 -17.90 0.40 29.87
CA ALA A 271 -18.01 1.29 31.01
C ALA A 271 -16.67 1.31 31.73
N PHE A 272 -16.35 2.45 32.34
CA PHE A 272 -15.17 2.55 33.18
C PHE A 272 -15.46 3.55 34.30
N ASP A 273 -14.77 3.38 35.42
CA ASP A 273 -15.02 4.16 36.61
C ASP A 273 -14.06 5.34 36.68
N ASP A 274 -14.57 6.47 37.16
CA ASP A 274 -13.77 7.66 37.46
C ASP A 274 -14.03 7.99 38.92
N GLY A 275 -13.26 7.37 39.81
CA GLY A 275 -13.60 7.43 41.22
C GLY A 275 -14.86 6.61 41.46
N ASN A 276 -15.84 7.22 42.14
CA ASN A 276 -17.11 6.56 42.35
C ASN A 276 -18.06 6.72 41.17
N ASP A 277 -17.75 7.60 40.23
CA ASP A 277 -18.57 7.78 39.05
C ASP A 277 -18.22 6.75 37.98
N VAL A 278 -19.16 6.55 37.06
CA VAL A 278 -18.97 5.63 35.94
C VAL A 278 -19.17 6.38 34.64
N TRP A 279 -18.25 6.20 33.71
CA TRP A 279 -18.43 6.65 32.34
C TRP A 279 -18.91 5.47 31.51
N MET A 280 -20.07 5.62 30.87
CA MET A 280 -20.66 4.51 30.14
C MET A 280 -21.20 5.00 28.81
N GLY A 281 -21.30 4.07 27.87
CA GLY A 281 -21.98 4.34 26.62
C GLY A 281 -23.06 3.29 26.39
N ARG A 282 -24.13 3.71 25.73
CA ARG A 282 -25.22 2.80 25.43
C ARG A 282 -25.99 3.35 24.24
N THR A 283 -26.91 2.54 23.73
CA THR A 283 -27.81 2.98 22.67
C THR A 283 -28.90 3.86 23.26
N ILE A 284 -29.30 4.88 22.48
CA ILE A 284 -30.37 5.76 22.93
C ILE A 284 -31.69 4.99 23.04
N ASN A 285 -32.04 4.16 22.05
CA ASN A 285 -33.26 3.32 22.06
C ASN A 285 -33.11 2.22 23.10
N GLU A 286 -34.11 2.06 23.95
CA GLU A 286 -34.11 1.08 25.04
C GLU A 286 -34.27 -0.36 24.58
N THR A 287 -34.77 -0.59 23.37
CA THR A 287 -35.02 -1.95 22.90
C THR A 287 -34.24 -2.29 21.64
N SER A 288 -33.96 -1.32 20.79
CA SER A 288 -33.20 -1.55 19.57
C SER A 288 -31.83 -0.89 19.65
N ARG A 289 -30.96 -1.26 18.72
CA ARG A 289 -29.62 -0.69 18.64
C ARG A 289 -29.66 0.55 17.74
N LEU A 290 -30.45 1.53 18.17
CA LEU A 290 -30.62 2.79 17.45
C LEU A 290 -30.02 3.90 18.30
N GLY A 291 -29.14 4.69 17.69
CA GLY A 291 -28.50 5.79 18.37
C GLY A 291 -27.42 5.33 19.33
N TYR A 292 -26.65 6.30 19.81
CA TYR A 292 -25.63 6.03 20.81
C TYR A 292 -25.36 7.29 21.60
N GLU A 293 -25.35 7.15 22.93
CA GLU A 293 -25.06 8.25 23.83
C GLU A 293 -24.05 7.80 24.87
N THR A 294 -23.23 8.75 25.33
CA THR A 294 -22.32 8.52 26.45
C THR A 294 -22.60 9.56 27.52
N PHE A 295 -22.44 9.15 28.77
CA PHE A 295 -22.65 10.05 29.90
C PHE A 295 -21.91 9.52 31.11
N LYS A 296 -21.79 10.37 32.12
CA LYS A 296 -21.22 10.00 33.40
C LYS A 296 -22.30 9.99 34.47
N VAL A 297 -22.38 8.91 35.23
CA VAL A 297 -23.35 8.78 36.31
C VAL A 297 -22.62 9.04 37.63
N ILE A 298 -23.13 10.00 38.41
CA ILE A 298 -22.53 10.32 39.69
C ILE A 298 -22.77 9.18 40.67
N GLU A 299 -21.69 8.71 41.31
CA GLU A 299 -21.74 7.58 42.22
C GLU A 299 -22.34 6.36 41.53
N GLY A 300 -22.12 6.24 40.24
CA GLY A 300 -22.70 5.16 39.47
C GLY A 300 -21.90 3.87 39.51
N TRP A 301 -20.69 3.95 40.04
CA TRP A 301 -19.88 2.74 40.21
C TRP A 301 -20.00 2.14 41.61
N SER A 302 -20.39 2.93 42.61
CA SER A 302 -20.42 2.47 43.98
C SER A 302 -21.79 2.45 44.62
N ASN A 303 -22.78 2.97 43.91
CA ASN A 303 -24.14 3.11 44.47
C ASN A 303 -25.16 2.66 43.45
N PRO A 304 -25.95 1.62 43.73
CA PRO A 304 -27.03 1.28 42.84
C PRO A 304 -27.97 2.40 43.20
N LYS A 305 -29.07 2.56 42.49
CA LYS A 305 -30.08 3.58 42.94
C LYS A 305 -29.63 5.00 42.57
N SER A 306 -28.60 5.13 41.76
CA SER A 306 -28.11 6.46 41.31
C SER A 306 -28.51 6.63 39.87
N LYS A 307 -29.40 7.58 39.58
CA LYS A 307 -29.84 7.82 38.20
C LYS A 307 -29.49 9.27 37.85
N LEU A 308 -28.47 9.82 38.47
CA LEU A 308 -28.03 11.19 38.25
C LEU A 308 -26.87 11.18 37.26
N GLN A 309 -27.17 11.46 35.99
CA GLN A 309 -26.16 11.48 34.96
C GLN A 309 -25.77 12.91 34.60
N THR A 310 -24.64 13.04 33.93
CA THR A 310 -24.12 14.34 33.52
C THR A 310 -23.14 14.13 32.39
N ASN A 311 -22.77 15.24 31.73
CA ASN A 311 -21.82 15.24 30.62
C ASN A 311 -22.29 14.32 29.50
N ARG A 312 -23.57 14.34 29.21
CA ARG A 312 -24.14 13.47 28.18
C ARG A 312 -23.77 13.99 26.80
N GLN A 313 -23.28 13.08 25.95
CA GLN A 313 -23.00 13.38 24.55
C GLN A 313 -23.78 12.41 23.67
N VAL A 314 -24.37 12.95 22.60
CA VAL A 314 -24.99 12.10 21.59
C VAL A 314 -23.94 11.77 20.55
N ILE A 315 -23.55 10.49 20.47
CA ILE A 315 -22.57 10.08 19.47
C ILE A 315 -23.28 9.79 18.15
N VAL A 316 -24.34 8.99 18.20
CA VAL A 316 -25.17 8.68 17.05
C VAL A 316 -26.59 9.10 17.38
N ASP A 317 -27.23 9.82 16.46
CA ASP A 317 -28.58 10.30 16.70
C ASP A 317 -29.55 9.13 16.87
N ARG A 318 -30.60 9.36 17.65
CA ARG A 318 -31.51 8.28 18.04
C ARG A 318 -32.17 7.61 16.85
N GLY A 319 -32.31 8.33 15.73
CA GLY A 319 -32.90 7.76 14.55
C GLY A 319 -31.96 6.96 13.68
N ASP A 320 -30.68 6.88 14.03
CA ASP A 320 -29.68 6.22 13.23
C ASP A 320 -29.19 4.94 13.91
N ARG A 321 -28.71 4.01 13.11
CA ARG A 321 -28.38 2.67 13.60
C ARG A 321 -27.01 2.62 14.24
N SER A 322 -26.93 1.96 15.39
CA SER A 322 -25.66 1.69 16.06
C SER A 322 -25.47 0.18 16.17
N GLY A 323 -24.48 -0.25 16.93
CA GLY A 323 -24.22 -1.66 17.13
C GLY A 323 -23.32 -1.93 18.31
N TYR A 324 -22.37 -2.84 18.13
CA TYR A 324 -21.40 -3.13 19.19
C TYR A 324 -20.58 -1.89 19.49
N SER A 325 -20.22 -1.75 20.76
CA SER A 325 -19.30 -0.70 21.18
C SER A 325 -18.35 -1.28 22.21
N GLY A 326 -17.12 -0.76 22.20
CA GLY A 326 -16.11 -1.26 23.12
C GLY A 326 -15.13 -0.17 23.45
N ILE A 327 -14.30 -0.47 24.44
CA ILE A 327 -13.31 0.47 24.95
C ILE A 327 -11.93 0.07 24.45
N PHE A 328 -11.03 1.05 24.39
CA PHE A 328 -9.62 0.78 24.21
C PHE A 328 -8.83 1.93 24.84
N SER A 329 -7.69 1.59 25.41
CA SER A 329 -6.89 2.54 26.19
C SER A 329 -5.66 2.93 25.39
N VAL A 330 -5.32 4.21 25.43
CA VAL A 330 -4.19 4.77 24.72
C VAL A 330 -3.29 5.45 25.74
N GLU A 331 -2.03 5.05 25.79
CA GLU A 331 -1.08 5.65 26.72
C GLU A 331 -0.68 7.04 26.24
N GLY A 332 -0.78 8.02 27.13
CA GLY A 332 -0.40 9.38 26.84
C GLY A 332 0.99 9.71 27.36
N LYS A 333 1.29 11.00 27.37
CA LYS A 333 2.57 11.47 27.87
C LYS A 333 2.75 11.10 29.35
N SER A 334 1.66 11.28 30.11
CA SER A 334 1.69 11.06 31.57
C SER A 334 0.49 10.26 32.12
N CYS A 335 -0.56 10.11 31.33
CA CYS A 335 -1.77 9.43 31.84
C CYS A 335 -2.25 8.41 30.82
N ILE A 336 -3.17 7.54 31.20
CA ILE A 336 -3.79 6.56 30.25
C ILE A 336 -5.17 7.09 29.87
N ASN A 337 -5.42 7.22 28.58
CA ASN A 337 -6.69 7.75 28.08
C ASN A 337 -7.63 6.61 27.74
N ARG A 338 -8.89 6.83 27.97
CA ARG A 338 -9.93 5.87 27.60
C ARG A 338 -10.61 6.35 26.34
N CYS A 339 -10.68 5.47 25.34
CA CYS A 339 -11.35 5.76 24.08
C CYS A 339 -12.33 4.64 23.79
N PHE A 340 -13.33 4.96 22.97
CA PHE A 340 -14.33 3.96 22.60
C PHE A 340 -14.68 4.09 21.13
N TYR A 341 -15.09 2.97 20.56
CA TYR A 341 -15.58 2.89 19.20
C TYR A 341 -17.04 2.51 19.23
N VAL A 342 -17.79 2.91 18.21
CA VAL A 342 -19.17 2.49 18.01
C VAL A 342 -19.29 1.89 16.62
N GLU A 343 -19.81 0.67 16.54
CA GLU A 343 -20.07 0.01 15.27
C GLU A 343 -21.43 0.48 14.77
N LEU A 344 -21.48 0.92 13.52
CA LEU A 344 -22.71 1.43 12.90
C LEU A 344 -23.18 0.38 11.91
N ILE A 345 -24.05 -0.51 12.36
CA ILE A 345 -24.55 -1.62 11.55
C ILE A 345 -25.55 -1.10 10.54
N ARG A 346 -25.36 -1.47 9.27
CA ARG A 346 -26.33 -1.19 8.22
C ARG A 346 -26.60 -2.49 7.48
N GLY A 347 -27.84 -2.68 7.05
CA GLY A 347 -28.15 -3.83 6.22
C GLY A 347 -29.23 -4.76 6.74
N ARG A 348 -29.06 -6.02 6.42
CA ARG A 348 -30.16 -6.98 6.57
C ARG A 348 -30.48 -7.45 7.97
N LYS A 349 -31.75 -7.88 8.06
CA LYS A 349 -32.44 -8.26 9.29
C LYS A 349 -33.00 -7.04 10.02
N GLU A 350 -32.66 -5.81 9.61
CA GLU A 350 -33.38 -4.61 10.04
C GLU A 350 -33.66 -3.64 8.91
N GLU A 351 -32.86 -3.62 7.85
CA GLU A 351 -33.12 -2.83 6.65
C GLU A 351 -33.09 -3.79 5.47
N THR A 352 -34.27 -4.04 4.89
CA THR A 352 -34.44 -5.09 3.90
C THR A 352 -34.25 -4.59 2.47
N GLU A 353 -33.87 -3.33 2.29
CA GLU A 353 -33.63 -2.82 0.94
C GLU A 353 -32.32 -3.34 0.34
N VAL A 354 -31.46 -3.97 1.14
CA VAL A 354 -30.22 -4.57 0.65
C VAL A 354 -30.16 -6.01 1.15
N LEU A 355 -29.36 -6.81 0.46
CA LEU A 355 -29.21 -8.22 0.77
C LEU A 355 -28.09 -8.50 1.75
N TRP A 356 -27.29 -7.50 2.10
CA TRP A 356 -26.09 -7.70 2.88
C TRP A 356 -26.23 -7.08 4.26
N THR A 357 -25.29 -7.45 5.14
CA THR A 357 -25.15 -6.83 6.45
C THR A 357 -23.69 -6.44 6.64
N SER A 358 -23.45 -5.16 6.91
CA SER A 358 -22.10 -4.66 7.12
C SER A 358 -22.15 -3.55 8.15
N ASN A 359 -21.00 -2.92 8.39
CA ASN A 359 -20.91 -1.93 9.44
C ASN A 359 -19.89 -0.86 9.08
N SER A 360 -20.06 0.29 9.69
CA SER A 360 -19.07 1.36 9.74
C SER A 360 -18.67 1.55 11.21
N ILE A 361 -17.62 2.34 11.43
CA ILE A 361 -17.12 2.57 12.78
C ILE A 361 -16.87 4.05 12.98
N VAL A 362 -17.20 4.53 14.18
CA VAL A 362 -16.87 5.88 14.61
C VAL A 362 -16.13 5.76 15.93
N VAL A 363 -15.03 6.49 16.06
CA VAL A 363 -14.12 6.37 17.20
C VAL A 363 -14.09 7.69 17.94
N PHE A 364 -14.28 7.63 19.26
CA PHE A 364 -14.17 8.79 20.12
C PHE A 364 -13.14 8.53 21.20
N CYS A 365 -12.47 9.58 21.63
CA CYS A 365 -11.44 9.49 22.66
C CYS A 365 -11.74 10.47 23.78
N GLY A 366 -11.42 10.05 25.00
CA GLY A 366 -11.63 10.90 26.15
C GLY A 366 -10.77 12.15 26.09
N THR A 367 -11.33 13.24 26.62
CA THR A 367 -10.64 14.52 26.59
C THR A 367 -10.80 15.19 27.95
N SER A 368 -9.76 15.92 28.36
CA SER A 368 -9.84 16.79 29.50
C SER A 368 -10.24 18.21 29.13
N GLY A 369 -10.36 18.50 27.84
CA GLY A 369 -10.74 19.81 27.36
C GLY A 369 -12.23 19.94 27.19
N THR A 370 -12.62 20.83 26.29
CA THR A 370 -14.02 21.09 26.00
C THR A 370 -14.39 20.54 24.63
N TYR A 371 -15.68 20.36 24.43
CA TYR A 371 -16.20 19.78 23.20
C TYR A 371 -17.61 20.32 22.97
N GLY A 372 -18.07 20.19 21.74
CA GLY A 372 -19.41 20.62 21.40
C GLY A 372 -20.36 19.45 21.25
N THR A 373 -21.35 19.60 20.38
CA THR A 373 -22.30 18.55 20.09
C THR A 373 -22.24 18.18 18.62
N GLY A 374 -22.98 17.15 18.27
CA GLY A 374 -23.04 16.70 16.89
C GLY A 374 -23.60 15.30 16.83
N SER A 375 -23.56 14.74 15.62
CA SER A 375 -23.95 13.36 15.40
C SER A 375 -23.16 12.85 14.21
N TRP A 376 -22.65 11.62 14.31
CA TRP A 376 -21.80 11.03 13.28
C TRP A 376 -22.35 9.65 12.94
N PRO A 377 -23.44 9.59 12.16
CA PRO A 377 -23.99 8.29 11.78
C PRO A 377 -23.24 7.67 10.61
N ASP A 378 -23.70 6.51 10.16
CA ASP A 378 -23.08 5.84 9.02
C ASP A 378 -23.18 6.70 7.76
N GLY A 379 -24.38 7.20 7.46
CA GLY A 379 -24.57 8.14 6.38
C GLY A 379 -24.80 7.56 5.01
N ALA A 380 -24.72 6.24 4.85
CA ALA A 380 -25.00 5.64 3.55
C ALA A 380 -26.50 5.63 3.28
N ASP A 381 -26.86 5.74 2.01
CA ASP A 381 -28.25 5.69 1.57
C ASP A 381 -28.46 4.34 0.89
N LEU A 382 -29.05 3.40 1.61
CA LEU A 382 -29.20 2.05 1.11
C LEU A 382 -30.23 1.92 -0.01
N ASN A 383 -31.11 2.91 -0.15
CA ASN A 383 -32.04 2.91 -1.28
C ASN A 383 -31.34 3.04 -2.62
N LEU A 384 -30.19 3.72 -2.66
CA LEU A 384 -29.42 3.90 -3.88
C LEU A 384 -28.22 2.96 -3.98
N MET A 385 -27.96 2.15 -2.97
CA MET A 385 -26.80 1.29 -2.98
C MET A 385 -27.10 -0.01 -3.71
N PRO A 386 -26.08 -0.64 -4.29
CA PRO A 386 -26.29 -1.95 -4.93
C PRO A 386 -26.76 -3.00 -3.91
N ILE A 387 -27.62 -3.88 -4.36
CA ILE A 387 -28.18 -4.93 -3.50
C ILE A 387 -27.25 -6.14 -3.48
N GLU B 1 15.66 17.40 16.72
CA GLU B 1 14.42 16.64 16.46
C GLU B 1 13.27 17.65 16.32
N TYR B 2 13.24 18.72 17.10
CA TYR B 2 12.22 19.75 16.85
C TYR B 2 12.70 20.70 15.79
N ARG B 3 11.88 21.02 14.79
CA ARG B 3 12.15 21.93 13.68
C ARG B 3 12.13 23.36 14.22
N ASN B 4 13.19 24.09 13.93
CA ASN B 4 13.32 25.52 14.30
C ASN B 4 13.21 26.46 13.09
N TRP B 5 13.34 26.00 11.84
CA TRP B 5 13.26 26.82 10.62
C TRP B 5 14.20 28.02 10.69
N SER B 6 15.38 27.83 11.29
CA SER B 6 16.27 28.94 11.58
C SER B 6 17.06 29.41 10.36
N LYS B 7 17.02 28.66 9.26
CA LYS B 7 17.77 29.04 8.08
C LYS B 7 17.11 30.24 7.39
N PRO B 8 17.87 31.00 6.59
CA PRO B 8 17.29 32.14 5.89
C PRO B 8 16.33 31.71 4.78
N GLN B 9 15.49 32.63 4.32
CA GLN B 9 14.61 32.35 3.20
C GLN B 9 15.41 32.20 1.91
N CYS B 10 15.04 31.21 1.12
CA CYS B 10 15.71 30.97 -0.15
C CYS B 10 15.52 32.17 -1.08
N GLY B 11 16.57 32.50 -1.82
CA GLY B 11 16.43 33.47 -2.88
C GLY B 11 15.52 32.93 -3.96
N ILE B 12 14.41 33.63 -4.23
CA ILE B 12 13.38 33.13 -5.13
C ILE B 12 13.26 34.10 -6.31
N THR B 13 13.46 33.57 -7.51
CA THR B 13 13.20 34.30 -8.75
C THR B 13 11.90 33.88 -9.40
N GLY B 14 11.18 32.95 -8.80
CA GLY B 14 9.98 32.39 -9.38
C GLY B 14 9.71 31.02 -8.81
N PHE B 15 8.87 30.27 -9.51
CA PHE B 15 8.43 28.98 -9.02
C PHE B 15 8.51 27.96 -10.15
N ALA B 16 8.84 26.72 -9.78
CA ALA B 16 8.99 25.62 -10.72
C ALA B 16 7.96 24.55 -10.41
N PRO B 17 7.46 23.85 -11.43
CA PRO B 17 6.46 22.80 -11.18
C PRO B 17 7.00 21.70 -10.27
N PHE B 18 6.19 21.31 -9.32
CA PHE B 18 6.62 20.32 -8.34
C PHE B 18 5.77 19.07 -8.34
N SER B 19 4.45 19.20 -8.32
CA SER B 19 3.57 18.04 -8.20
C SER B 19 2.23 18.34 -8.83
N LYS B 20 1.62 17.30 -9.41
CA LYS B 20 0.27 17.36 -9.93
C LYS B 20 -0.48 16.11 -9.48
N ASP B 21 -1.76 16.29 -9.14
CA ASP B 21 -2.55 15.19 -8.59
C ASP B 21 -3.26 14.38 -9.68
N ASN B 22 -3.87 15.05 -10.66
CA ASN B 22 -4.69 14.43 -11.69
C ASN B 22 -5.86 13.64 -11.11
N SER B 23 -6.38 14.06 -9.94
CA SER B 23 -7.36 13.27 -9.22
C SER B 23 -8.66 13.11 -10.01
N ILE B 24 -9.16 14.21 -10.59
CA ILE B 24 -10.43 14.14 -11.30
C ILE B 24 -10.32 13.31 -12.57
N ARG B 25 -9.20 13.44 -13.28
CA ARG B 25 -9.00 12.62 -14.48
C ARG B 25 -8.94 11.15 -14.12
N LEU B 26 -8.27 10.79 -13.03
CA LEU B 26 -8.24 9.41 -12.57
C LEU B 26 -9.59 8.95 -12.03
N SER B 27 -10.44 9.88 -11.60
CA SER B 27 -11.74 9.50 -11.06
C SER B 27 -12.67 8.92 -12.12
N ALA B 28 -12.46 9.24 -13.40
CA ALA B 28 -13.34 8.72 -14.44
C ALA B 28 -13.24 7.21 -14.52
N GLY B 29 -12.05 6.65 -14.39
CA GLY B 29 -11.88 5.23 -14.16
C GLY B 29 -11.04 4.95 -12.95
N GLY B 30 -11.65 4.40 -11.90
CA GLY B 30 -10.95 4.21 -10.64
C GLY B 30 -11.63 4.91 -9.48
N ASP B 31 -11.49 4.35 -8.28
CA ASP B 31 -12.16 4.88 -7.09
C ASP B 31 -11.27 5.93 -6.44
N ILE B 32 -11.67 7.18 -6.55
CA ILE B 32 -10.91 8.32 -6.04
C ILE B 32 -11.81 9.12 -5.12
N TRP B 33 -11.28 9.52 -3.96
CA TRP B 33 -12.05 10.28 -2.99
C TRP B 33 -12.53 11.59 -3.57
N VAL B 34 -13.73 12.00 -3.16
CA VAL B 34 -14.23 13.35 -3.41
C VAL B 34 -13.66 14.24 -2.32
N THR B 35 -12.92 15.26 -2.72
CA THR B 35 -12.20 16.12 -1.77
C THR B 35 -12.44 17.58 -2.11
N ARG B 36 -12.12 18.44 -1.15
CA ARG B 36 -12.02 19.88 -1.36
C ARG B 36 -11.17 20.42 -0.21
N GLU B 37 -10.77 21.69 -0.35
CA GLU B 37 -9.89 22.36 0.60
C GLU B 37 -8.63 21.56 0.88
N PRO B 38 -7.79 21.29 -0.12
CA PRO B 38 -6.55 20.57 0.12
C PRO B 38 -5.44 21.50 0.59
N TYR B 39 -4.36 20.89 1.06
CA TYR B 39 -3.13 21.62 1.37
C TYR B 39 -1.99 20.63 1.42
N VAL B 40 -0.77 21.16 1.45
CA VAL B 40 0.45 20.36 1.47
C VAL B 40 1.23 20.69 2.73
N SER B 41 1.67 19.65 3.43
CA SER B 41 2.60 19.79 4.53
C SER B 41 3.69 18.74 4.35
N CYS B 42 4.88 19.04 4.85
CA CYS B 42 6.02 18.16 4.70
C CYS B 42 6.61 17.87 6.08
N ASP B 43 6.97 16.62 6.31
CA ASP B 43 7.85 16.25 7.40
C ASP B 43 9.30 16.49 6.97
N PRO B 44 10.28 16.27 7.86
CA PRO B 44 11.68 16.52 7.45
C PRO B 44 12.14 15.68 6.26
N ASP B 45 11.45 14.58 5.96
CA ASP B 45 11.84 13.68 4.88
C ASP B 45 11.12 14.00 3.58
N LYS B 46 9.80 14.01 3.57
CA LYS B 46 9.04 14.16 2.34
C LYS B 46 7.80 15.00 2.62
N CYS B 47 7.04 15.28 1.57
CA CYS B 47 5.85 16.10 1.65
C CYS B 47 4.61 15.24 1.56
N TYR B 48 3.53 15.71 2.19
CA TYR B 48 2.26 15.01 2.20
C TYR B 48 1.17 15.94 1.71
N GLN B 49 0.20 15.37 1.01
CA GLN B 49 -0.97 16.12 0.57
C GLN B 49 -2.14 15.78 1.48
N PHE B 50 -2.85 16.81 1.93
CA PHE B 50 -4.02 16.66 2.76
C PHE B 50 -5.23 17.19 2.01
N ALA B 51 -6.40 16.65 2.34
CA ALA B 51 -7.65 17.15 1.80
C ALA B 51 -8.78 16.72 2.71
N LEU B 52 -9.84 17.51 2.70
CA LEU B 52 -11.05 17.20 3.43
C LEU B 52 -11.92 16.34 2.52
N GLY B 53 -11.98 15.04 2.81
CA GLY B 53 -12.80 14.14 2.05
C GLY B 53 -14.28 14.38 2.33
N GLN B 54 -15.12 13.89 1.44
CA GLN B 54 -16.56 13.97 1.62
C GLN B 54 -17.18 12.65 2.03
N GLY B 55 -16.38 11.70 2.49
CA GLY B 55 -16.90 10.40 2.88
C GLY B 55 -17.37 9.55 1.73
N THR B 56 -16.93 9.87 0.51
CA THR B 56 -17.38 9.14 -0.67
C THR B 56 -16.31 9.26 -1.75
N THR B 57 -16.38 8.34 -2.71
CA THR B 57 -15.60 8.46 -3.93
C THR B 57 -16.42 9.20 -4.98
N LEU B 58 -15.83 9.44 -6.15
CA LEU B 58 -16.50 10.24 -7.17
C LEU B 58 -17.53 9.42 -7.96
N ASN B 59 -17.15 8.24 -8.44
CA ASN B 59 -18.09 7.36 -9.13
C ASN B 59 -18.94 6.61 -8.10
N ASN B 60 -19.80 7.37 -7.43
CA ASN B 60 -20.51 6.92 -6.25
C ASN B 60 -21.85 7.63 -6.17
N VAL B 61 -22.86 6.93 -5.64
CA VAL B 61 -24.16 7.56 -5.46
C VAL B 61 -24.08 8.65 -4.40
N HIS B 62 -23.17 8.52 -3.43
CA HIS B 62 -23.03 9.49 -2.36
C HIS B 62 -22.25 10.73 -2.79
N SER B 63 -21.72 10.74 -4.01
CA SER B 63 -21.05 11.92 -4.56
C SER B 63 -22.03 13.03 -4.90
N ASN B 64 -23.32 12.79 -4.77
CA ASN B 64 -24.34 13.78 -5.14
C ASN B 64 -24.32 14.91 -4.15
N ASN B 65 -24.55 16.11 -4.66
CA ASN B 65 -24.54 17.34 -3.87
C ASN B 65 -23.43 17.32 -2.81
N THR B 66 -22.20 17.09 -3.27
CA THR B 66 -21.01 17.19 -2.43
C THR B 66 -20.49 18.62 -2.36
N VAL B 67 -21.34 19.59 -2.74
CA VAL B 67 -20.98 21.00 -2.62
C VAL B 67 -21.08 21.51 -1.19
N ARG B 68 -21.75 20.78 -0.31
CA ARG B 68 -21.88 21.19 1.08
C ARG B 68 -20.53 21.15 1.78
N ASP B 69 -20.26 22.15 2.60
CA ASP B 69 -18.95 22.30 3.21
C ASP B 69 -18.81 21.54 4.53
N ARG B 70 -19.90 21.35 5.27
CA ARG B 70 -19.85 20.75 6.59
C ARG B 70 -20.85 19.60 6.67
N THR B 71 -20.34 18.38 6.69
CA THR B 71 -21.13 17.17 6.88
C THR B 71 -20.45 16.32 7.94
N PRO B 72 -21.21 15.46 8.64
CA PRO B 72 -20.59 14.56 9.62
C PRO B 72 -19.61 13.57 9.01
N TYR B 73 -19.68 13.34 7.70
CA TYR B 73 -18.90 12.32 7.03
C TYR B 73 -17.57 12.85 6.51
N ARG B 74 -17.30 14.14 6.67
CA ARG B 74 -16.07 14.72 6.18
C ARG B 74 -14.90 14.34 7.09
N THR B 75 -13.81 13.89 6.49
CA THR B 75 -12.62 13.49 7.21
C THR B 75 -11.40 14.07 6.50
N LEU B 76 -10.30 14.17 7.24
CA LEU B 76 -9.04 14.66 6.70
C LEU B 76 -8.26 13.48 6.12
N LEU B 77 -8.03 13.52 4.82
CA LEU B 77 -7.26 12.48 4.13
C LEU B 77 -5.80 12.89 4.06
N MET B 78 -4.91 11.90 4.12
CA MET B 78 -3.48 12.14 4.17
C MET B 78 -2.76 11.10 3.32
N ASN B 79 -2.15 11.55 2.23
CA ASN B 79 -1.23 10.74 1.43
C ASN B 79 0.08 11.48 1.26
N GLU B 80 1.11 10.74 0.89
CA GLU B 80 2.33 11.36 0.39
C GLU B 80 2.02 12.16 -0.87
N LEU B 81 2.72 13.27 -1.03
CA LEU B 81 2.49 14.13 -2.20
C LEU B 81 2.75 13.35 -3.48
N GLY B 82 1.75 13.27 -4.34
CA GLY B 82 1.86 12.49 -5.56
C GLY B 82 1.00 11.26 -5.55
N VAL B 83 0.63 10.76 -4.37
CA VAL B 83 -0.28 9.62 -4.30
C VAL B 83 -1.71 10.16 -4.34
N PRO B 84 -2.48 9.84 -5.37
CA PRO B 84 -3.88 10.29 -5.40
C PRO B 84 -4.69 9.64 -4.29
N PHE B 85 -5.73 10.35 -3.87
CA PHE B 85 -6.58 9.90 -2.77
C PHE B 85 -7.43 8.73 -3.26
N HIS B 86 -6.83 7.54 -3.20
CA HIS B 86 -7.49 6.30 -3.59
C HIS B 86 -8.09 5.65 -2.35
N LEU B 87 -8.61 4.43 -2.50
CA LEU B 87 -9.32 3.77 -1.41
C LEU B 87 -8.41 3.33 -0.27
N GLY B 88 -7.11 3.21 -0.51
CA GLY B 88 -6.16 2.93 0.54
C GLY B 88 -5.71 4.14 1.33
N THR B 89 -6.27 5.31 1.03
CA THR B 89 -5.88 6.53 1.72
C THR B 89 -6.33 6.49 3.17
N LYS B 90 -5.48 6.98 4.06
CA LYS B 90 -5.81 7.05 5.48
C LYS B 90 -6.50 8.37 5.79
N GLN B 91 -7.69 8.30 6.37
CA GLN B 91 -8.34 9.47 6.94
C GLN B 91 -7.96 9.54 8.41
N VAL B 92 -7.25 10.60 8.78
CA VAL B 92 -6.60 10.67 10.09
C VAL B 92 -7.51 11.25 11.16
N CYS B 93 -8.65 11.84 10.80
CA CYS B 93 -9.54 12.43 11.79
C CYS B 93 -10.85 12.82 11.11
N ILE B 94 -11.86 13.08 11.94
CA ILE B 94 -13.12 13.63 11.46
C ILE B 94 -13.01 15.14 11.44
N ALA B 95 -13.17 15.74 10.26
CA ALA B 95 -13.01 17.18 10.15
C ALA B 95 -13.67 17.69 8.88
N TRP B 96 -14.41 18.79 9.00
CA TRP B 96 -14.73 19.63 7.87
C TRP B 96 -13.95 20.94 7.89
N SER B 97 -13.03 21.10 8.84
CA SER B 97 -12.01 22.14 8.83
C SER B 97 -10.77 21.57 9.47
N SER B 98 -9.61 21.79 8.85
CA SER B 98 -8.43 21.06 9.27
C SER B 98 -7.18 21.92 9.11
N SER B 99 -6.14 21.52 9.85
CA SER B 99 -4.81 22.09 9.73
C SER B 99 -3.84 21.06 10.27
N SER B 100 -2.71 20.91 9.57
CA SER B 100 -1.78 19.83 9.90
C SER B 100 -0.37 20.38 10.06
N CYS B 101 0.34 19.81 11.03
CA CYS B 101 1.67 20.24 11.44
C CYS B 101 2.59 19.04 11.62
N HIS B 102 3.83 19.20 11.19
CA HIS B 102 4.90 18.31 11.63
C HIS B 102 5.94 19.17 12.35
N ASP B 103 6.16 18.88 13.62
CA ASP B 103 7.08 19.66 14.45
C ASP B 103 8.51 19.12 14.43
N GLY B 104 8.79 18.15 13.57
CA GLY B 104 10.09 17.50 13.53
C GLY B 104 10.13 16.17 14.22
N LYS B 105 9.17 15.90 15.11
CA LYS B 105 9.06 14.62 15.80
C LYS B 105 7.83 13.85 15.37
N ALA B 106 6.68 14.51 15.26
CA ALA B 106 5.42 13.83 14.98
C ALA B 106 4.48 14.79 14.28
N TRP B 107 3.42 14.22 13.69
CA TRP B 107 2.40 15.01 13.05
C TRP B 107 1.40 15.53 14.07
N LEU B 108 1.00 16.80 13.91
CA LEU B 108 -0.09 17.38 14.65
C LEU B 108 -1.23 17.69 13.69
N HIS B 109 -2.41 17.14 13.96
CA HIS B 109 -3.59 17.38 13.15
C HIS B 109 -4.62 18.11 13.98
N VAL B 110 -5.09 19.25 13.48
CA VAL B 110 -6.12 20.04 14.13
C VAL B 110 -7.40 19.86 13.30
N CYS B 111 -8.42 19.26 13.92
CA CYS B 111 -9.61 18.81 13.20
C CYS B 111 -10.85 19.35 13.88
N ILE B 112 -11.71 20.00 13.09
CA ILE B 112 -12.96 20.58 13.59
C ILE B 112 -14.11 19.85 12.92
N THR B 113 -15.05 19.37 13.73
CA THR B 113 -16.25 18.71 13.22
C THR B 113 -17.39 18.98 14.19
N GLY B 114 -18.55 18.42 13.88
CA GLY B 114 -19.72 18.56 14.72
C GLY B 114 -20.72 19.57 14.17
N ASP B 115 -21.56 20.05 15.08
CA ASP B 115 -22.61 20.99 14.71
C ASP B 115 -22.02 22.34 14.32
N ASP B 116 -22.78 23.10 13.53
CA ASP B 116 -22.32 24.41 13.11
C ASP B 116 -22.11 25.35 14.29
N LYS B 117 -23.06 25.37 15.22
CA LYS B 117 -22.99 26.28 16.35
C LYS B 117 -22.34 25.66 17.59
N ASN B 118 -21.92 24.42 17.54
CA ASN B 118 -21.23 23.86 18.72
C ASN B 118 -20.17 22.93 18.18
N ALA B 119 -19.37 23.37 17.23
CA ALA B 119 -18.28 22.61 16.65
C ALA B 119 -17.20 22.30 17.68
N THR B 120 -16.58 21.14 17.52
CA THR B 120 -15.50 20.69 18.38
C THR B 120 -14.20 20.63 17.59
N ALA B 121 -13.15 21.22 18.14
CA ALA B 121 -11.81 21.15 17.57
C ALA B 121 -11.04 20.09 18.33
N SER B 122 -10.62 19.04 17.61
CA SER B 122 -9.83 17.96 18.20
C SER B 122 -8.38 18.13 17.80
N PHE B 123 -7.49 18.00 18.79
CA PHE B 123 -6.06 18.16 18.57
C PHE B 123 -5.41 16.78 18.68
N ILE B 124 -4.97 16.26 17.55
CA ILE B 124 -4.43 14.91 17.45
C ILE B 124 -2.95 15.02 17.13
N TYR B 125 -2.11 14.53 18.04
CA TYR B 125 -0.67 14.60 17.92
C TYR B 125 -0.10 13.20 18.07
N ASN B 126 0.77 12.81 17.14
CA ASN B 126 1.41 11.50 17.16
C ASN B 126 0.40 10.36 17.24
N GLY B 127 -0.72 10.50 16.53
CA GLY B 127 -1.75 9.49 16.54
C GLY B 127 -2.61 9.45 17.78
N ARG B 128 -2.57 10.45 18.62
CA ARG B 128 -3.37 10.36 19.84
C ARG B 128 -4.08 11.68 20.00
N LEU B 129 -5.29 11.63 20.45
CA LEU B 129 -6.12 12.79 20.78
C LEU B 129 -5.59 13.33 22.11
N VAL B 130 -4.95 14.49 22.05
CA VAL B 130 -4.35 15.08 23.24
C VAL B 130 -5.25 16.14 23.85
N ASP B 131 -5.77 17.06 23.04
CA ASP B 131 -6.57 18.16 23.57
C ASP B 131 -7.80 18.33 22.71
N SER B 132 -8.69 19.20 23.17
CA SER B 132 -9.96 19.47 22.50
C SER B 132 -10.51 20.79 23.02
N VAL B 133 -11.14 21.54 22.13
CA VAL B 133 -11.76 22.81 22.49
C VAL B 133 -13.07 22.96 21.75
N VAL B 134 -14.01 23.65 22.38
CA VAL B 134 -15.33 23.89 21.82
C VAL B 134 -15.33 25.27 21.17
N SER B 135 -16.34 25.50 20.31
CA SER B 135 -16.56 26.83 19.75
C SER B 135 -16.72 27.85 20.86
N TRP B 136 -16.11 29.02 20.68
CA TRP B 136 -16.26 30.08 21.66
C TRP B 136 -17.32 31.10 21.26
N SER B 137 -17.58 31.24 19.96
CA SER B 137 -18.58 32.16 19.46
C SER B 137 -19.86 31.46 19.03
N LYS B 138 -19.93 30.15 19.17
CA LYS B 138 -21.11 29.35 18.84
C LYS B 138 -21.56 29.59 17.40
N ASP B 139 -20.56 29.60 16.53
CA ASP B 139 -20.74 29.74 15.09
C ASP B 139 -19.79 28.74 14.45
N ILE B 140 -19.58 28.87 13.14
CA ILE B 140 -18.80 27.88 12.40
C ILE B 140 -17.34 28.07 12.80
N LEU B 141 -16.86 27.22 13.70
CA LEU B 141 -15.46 27.24 14.10
C LEU B 141 -14.60 26.70 12.97
N ARG B 142 -13.63 27.48 12.53
CA ARG B 142 -12.86 27.16 11.34
C ARG B 142 -11.38 27.45 11.60
N THR B 143 -10.53 26.77 10.83
CA THR B 143 -9.09 26.92 10.97
C THR B 143 -8.45 27.22 9.62
N GLN B 144 -7.13 27.13 9.55
CA GLN B 144 -6.39 27.68 8.42
C GLN B 144 -6.73 26.99 7.10
N GLU B 145 -7.10 25.71 7.13
CA GLU B 145 -7.24 24.88 5.94
C GLU B 145 -5.92 24.74 5.19
N SER B 146 -4.80 24.92 5.89
CA SER B 146 -3.47 24.77 5.31
C SER B 146 -2.55 24.29 6.40
N GLU B 147 -1.26 24.19 6.09
CA GLU B 147 -0.30 23.77 7.10
C GLU B 147 -0.16 24.86 8.15
N CYS B 148 -0.10 24.43 9.40
CA CYS B 148 0.31 25.29 10.50
C CYS B 148 1.82 25.21 10.65
N VAL B 149 2.38 26.08 11.48
CA VAL B 149 3.83 26.20 11.62
C VAL B 149 4.21 25.87 13.05
N CYS B 150 5.20 24.97 13.20
CA CYS B 150 5.81 24.68 14.49
C CYS B 150 7.24 25.18 14.51
N ILE B 151 7.61 25.83 15.60
CA ILE B 151 8.97 26.25 15.87
C ILE B 151 9.31 25.79 17.29
N ASN B 152 10.52 25.24 17.45
CA ASN B 152 11.10 24.75 18.74
C ASN B 152 10.11 23.95 19.56
N GLY B 153 9.31 23.19 18.90
CA GLY B 153 8.34 22.33 19.56
C GLY B 153 6.99 22.98 19.82
N THR B 154 6.84 24.27 19.54
CA THR B 154 5.58 24.97 19.72
C THR B 154 4.94 25.22 18.35
N CYS B 155 3.76 24.66 18.14
CA CYS B 155 2.98 24.87 16.93
C CYS B 155 1.91 25.93 17.17
N THR B 156 1.62 26.71 16.14
CA THR B 156 0.63 27.77 16.25
C THR B 156 -0.44 27.58 15.18
N VAL B 157 -1.70 27.73 15.59
CA VAL B 157 -2.86 27.59 14.70
C VAL B 157 -3.74 28.82 14.87
N VAL B 158 -4.24 29.35 13.75
CA VAL B 158 -5.16 30.47 13.77
C VAL B 158 -6.57 29.92 13.61
N MET B 159 -7.43 30.24 14.59
CA MET B 159 -8.81 29.78 14.60
C MET B 159 -9.76 30.96 14.59
N THR B 160 -10.77 30.90 13.75
CA THR B 160 -11.80 31.93 13.66
C THR B 160 -13.14 31.33 14.04
N ASP B 161 -13.94 32.10 14.78
CA ASP B 161 -15.28 31.70 15.18
C ASP B 161 -16.16 32.93 15.19
N GLY B 162 -17.25 32.88 14.44
CA GLY B 162 -18.18 33.99 14.38
C GLY B 162 -18.69 34.18 12.98
N SER B 163 -19.18 35.39 12.71
CA SER B 163 -19.79 35.70 11.43
C SER B 163 -18.76 35.69 10.32
N ALA B 164 -19.17 35.18 9.16
CA ALA B 164 -18.34 35.24 7.96
C ALA B 164 -18.40 36.61 7.29
N SER B 165 -19.46 37.38 7.54
CA SER B 165 -19.61 38.74 7.02
C SER B 165 -19.90 39.65 8.21
N GLY B 166 -18.84 40.12 8.84
CA GLY B 166 -18.95 40.87 10.07
C GLY B 166 -17.82 40.50 11.01
N LYS B 167 -17.80 41.16 12.15
CA LYS B 167 -16.74 40.91 13.12
C LYS B 167 -16.86 39.50 13.67
N ALA B 168 -15.74 38.77 13.66
CA ALA B 168 -15.66 37.42 14.19
C ALA B 168 -14.53 37.35 15.21
N ASP B 169 -14.54 36.29 15.99
CA ASP B 169 -13.57 36.09 17.06
C ASP B 169 -12.47 35.18 16.54
N THR B 170 -11.27 35.74 16.37
CA THR B 170 -10.11 34.99 15.89
C THR B 170 -9.14 34.79 17.04
N LYS B 171 -8.68 33.56 17.20
CA LYS B 171 -7.75 33.21 18.26
C LYS B 171 -6.55 32.48 17.67
N ILE B 172 -5.38 32.76 18.25
CA ILE B 172 -4.15 32.08 17.87
C ILE B 172 -3.81 31.11 18.99
N LEU B 173 -3.78 29.82 18.67
CA LEU B 173 -3.60 28.77 19.64
C LEU B 173 -2.18 28.22 19.54
N PHE B 174 -1.47 28.20 20.67
CA PHE B 174 -0.13 27.64 20.74
C PHE B 174 -0.23 26.23 21.32
N ILE B 175 0.22 25.25 20.55
CA ILE B 175 0.05 23.84 20.88
C ILE B 175 1.42 23.19 21.01
N GLU B 176 1.63 22.50 22.12
CA GLU B 176 2.89 21.80 22.39
C GLU B 176 2.57 20.31 22.57
N GLU B 177 3.04 19.49 21.63
CA GLU B 177 2.82 18.04 21.66
C GLU B 177 1.34 17.71 21.78
N GLY B 178 0.51 18.44 21.04
CA GLY B 178 -0.92 18.22 21.03
C GLY B 178 -1.69 18.94 22.11
N LYS B 179 -1.00 19.54 23.08
CA LYS B 179 -1.64 20.20 24.21
C LYS B 179 -1.66 21.70 23.99
N ILE B 180 -2.82 22.32 24.18
CA ILE B 180 -2.95 23.76 24.07
C ILE B 180 -2.33 24.39 25.31
N VAL B 181 -1.22 25.09 25.15
CA VAL B 181 -0.56 25.72 26.28
C VAL B 181 -0.97 27.19 26.44
N HIS B 182 -1.35 27.84 25.35
CA HIS B 182 -1.75 29.24 25.40
C HIS B 182 -2.76 29.52 24.31
N THR B 183 -3.62 30.50 24.56
CA THR B 183 -4.61 30.94 23.59
C THR B 183 -4.62 32.47 23.58
N SER B 184 -4.27 33.06 22.44
CA SER B 184 -4.17 34.50 22.31
C SER B 184 -5.27 35.01 21.39
N THR B 185 -6.01 36.01 21.86
CA THR B 185 -6.99 36.68 21.03
C THR B 185 -6.28 37.53 19.98
N LEU B 186 -6.80 37.49 18.75
CA LEU B 186 -6.21 38.26 17.67
C LEU B 186 -6.20 39.75 18.01
N SER B 187 -5.04 40.37 17.86
CA SER B 187 -4.87 41.78 18.14
C SER B 187 -4.17 42.42 16.94
N GLY B 188 -4.46 43.69 16.72
CA GLY B 188 -3.89 44.42 15.61
C GLY B 188 -4.97 45.12 14.83
N SER B 189 -4.62 45.51 13.60
CA SER B 189 -5.50 46.30 12.76
C SER B 189 -6.28 45.47 11.74
N ALA B 190 -6.10 44.14 11.72
CA ALA B 190 -6.88 43.30 10.83
C ALA B 190 -8.25 43.04 11.46
N GLN B 191 -9.30 43.22 10.66
CA GLN B 191 -10.66 43.14 11.18
C GLN B 191 -11.29 41.77 10.95
N HIS B 192 -11.08 41.16 9.80
CA HIS B 192 -11.59 39.82 9.51
C HIS B 192 -10.44 38.94 9.04
N VAL B 193 -10.25 37.81 9.73
CA VAL B 193 -9.13 36.91 9.45
C VAL B 193 -9.68 35.50 9.34
N GLU B 194 -9.41 34.86 8.20
CA GLU B 194 -9.85 33.49 7.96
C GLU B 194 -8.83 32.78 7.08
N GLU B 195 -8.77 31.46 7.23
CA GLU B 195 -8.03 30.57 6.35
C GLU B 195 -6.61 31.11 6.08
N CYS B 196 -5.85 31.28 7.16
CA CYS B 196 -4.53 31.88 7.05
C CYS B 196 -3.55 30.93 6.39
N SER B 197 -2.76 31.47 5.46
CA SER B 197 -1.64 30.76 4.86
C SER B 197 -0.39 31.19 5.64
N CYS B 198 0.09 30.31 6.51
CA CYS B 198 1.16 30.65 7.44
C CYS B 198 2.46 29.99 7.01
N TYR B 199 3.56 30.71 7.22
CA TYR B 199 4.89 30.18 6.96
C TYR B 199 5.83 30.62 8.08
N PRO B 200 6.87 29.83 8.34
CA PRO B 200 7.84 30.24 9.36
C PRO B 200 8.72 31.39 8.91
N ARG B 201 8.74 32.49 9.63
CA ARG B 201 9.62 33.64 9.38
C ARG B 201 10.40 33.85 10.68
N TYR B 202 11.45 33.07 10.90
CA TYR B 202 12.16 32.97 12.16
C TYR B 202 12.58 34.36 12.64
N PRO B 203 12.43 34.66 13.94
CA PRO B 203 12.01 33.79 15.04
C PRO B 203 10.50 33.70 15.23
N GLY B 204 9.69 33.93 14.20
CA GLY B 204 8.26 33.90 14.39
C GLY B 204 7.49 33.23 13.28
N VAL B 205 6.18 33.41 13.27
CA VAL B 205 5.29 32.88 12.23
C VAL B 205 4.52 34.03 11.63
N ARG B 206 4.48 34.07 10.30
CA ARG B 206 3.73 35.09 9.57
C ARG B 206 2.63 34.41 8.76
N CYS B 207 1.42 34.95 8.85
CA CYS B 207 0.25 34.40 8.20
C CYS B 207 -0.38 35.43 7.30
N VAL B 208 -0.69 35.04 6.06
CA VAL B 208 -1.43 35.87 5.12
C VAL B 208 -2.81 35.24 4.94
N CYS B 209 -3.83 35.92 5.40
CA CYS B 209 -5.18 35.37 5.51
C CYS B 209 -6.10 36.05 4.51
N ARG B 210 -7.38 35.74 4.58
CA ARG B 210 -8.39 36.38 3.73
C ARG B 210 -9.36 37.19 4.57
N ASP B 211 -9.64 38.40 4.10
CA ASP B 211 -10.68 39.24 4.67
C ASP B 211 -11.97 38.96 3.92
N ASN B 212 -12.95 38.36 4.60
CA ASN B 212 -14.20 37.97 3.99
C ASN B 212 -15.29 39.01 4.18
N TRP B 213 -14.98 40.15 4.79
CA TRP B 213 -16.02 41.06 5.21
C TRP B 213 -15.89 42.40 4.48
N LYS B 214 -14.74 43.03 4.69
CA LYS B 214 -14.48 44.41 4.24
C LYS B 214 -13.20 44.62 3.44
N GLY B 215 -12.59 43.58 2.86
CA GLY B 215 -11.33 43.83 2.19
C GLY B 215 -10.90 42.84 1.12
N SER B 216 -10.49 43.36 -0.04
CA SER B 216 -9.82 42.55 -1.05
C SER B 216 -8.31 42.50 -0.85
N ASN B 217 -7.77 43.31 0.06
CA ASN B 217 -6.38 43.12 0.46
C ASN B 217 -6.31 42.05 1.53
N ARG B 218 -5.16 41.40 1.61
CA ARG B 218 -5.13 40.27 2.52
C ARG B 218 -4.56 40.67 3.88
N PRO B 219 -5.20 40.25 4.96
CA PRO B 219 -4.66 40.53 6.30
C PRO B 219 -3.38 39.77 6.57
N ILE B 220 -2.57 40.33 7.46
CA ILE B 220 -1.31 39.72 7.90
C ILE B 220 -1.37 39.54 9.40
N VAL B 221 -1.02 38.35 9.88
CA VAL B 221 -0.89 38.07 11.30
C VAL B 221 0.55 37.67 11.57
N ASP B 222 1.22 38.44 12.43
CA ASP B 222 2.61 38.18 12.80
C ASP B 222 2.62 37.60 14.20
N ILE B 223 3.06 36.35 14.33
CA ILE B 223 3.05 35.63 15.59
C ILE B 223 4.49 35.47 16.08
N ASN B 224 4.77 35.96 17.27
CA ASN B 224 6.07 35.77 17.92
C ASN B 224 5.98 34.54 18.82
N ILE B 225 6.75 33.51 18.49
CA ILE B 225 6.71 32.28 19.26
C ILE B 225 7.32 32.49 20.65
N LYS B 226 8.33 33.36 20.74
CA LYS B 226 9.06 33.53 22.00
C LYS B 226 8.16 34.05 23.11
N ASP B 227 7.32 35.04 22.80
CA ASP B 227 6.50 35.68 23.83
C ASP B 227 5.01 35.73 23.47
N HIS B 228 4.59 34.97 22.46
CA HIS B 228 3.17 34.81 22.12
C HIS B 228 2.47 36.15 21.92
N SER B 229 3.13 37.03 21.18
CA SER B 229 2.57 38.34 20.85
C SER B 229 2.03 38.34 19.43
N ILE B 230 0.88 38.98 19.25
CA ILE B 230 0.19 39.03 17.97
C ILE B 230 0.04 40.48 17.53
N VAL B 231 0.42 40.76 16.29
CA VAL B 231 0.14 42.04 15.65
C VAL B 231 -0.50 41.75 14.30
N SER B 232 -1.28 42.69 13.79
CA SER B 232 -2.03 42.48 12.56
C SER B 232 -1.95 43.69 11.67
N SER B 233 -1.97 43.45 10.36
CA SER B 233 -2.00 44.48 9.33
C SER B 233 -2.52 43.85 8.05
N TYR B 234 -2.35 44.55 6.93
CA TYR B 234 -2.73 44.04 5.62
C TYR B 234 -1.52 44.10 4.71
N VAL B 235 -1.68 43.58 3.49
CA VAL B 235 -0.62 43.64 2.49
C VAL B 235 -0.71 44.97 1.76
N CYS B 236 0.41 45.71 1.71
CA CYS B 236 0.39 47.04 1.10
C CYS B 236 0.21 46.98 -0.42
N SER B 237 0.44 45.82 -1.03
CA SER B 237 0.50 45.71 -2.48
C SER B 237 -0.75 46.29 -3.14
N GLY B 238 -0.55 47.21 -4.08
CA GLY B 238 -1.65 47.81 -4.81
C GLY B 238 -2.35 46.80 -5.70
N LEU B 239 -1.66 45.71 -6.01
CA LEU B 239 -2.26 44.57 -6.69
C LEU B 239 -2.73 43.59 -5.62
N VAL B 240 -4.01 43.64 -5.28
CA VAL B 240 -4.53 42.84 -4.19
C VAL B 240 -4.66 41.38 -4.64
N GLY B 241 -4.67 40.49 -3.65
CA GLY B 241 -4.61 39.06 -3.93
C GLY B 241 -5.89 38.28 -3.69
N ASP B 242 -6.93 38.95 -3.22
CA ASP B 242 -8.19 38.28 -2.95
C ASP B 242 -9.08 38.28 -4.19
N THR B 243 -9.97 37.29 -4.24
CA THR B 243 -11.00 37.21 -5.28
C THR B 243 -12.34 37.07 -4.59
N PRO B 244 -13.32 37.94 -4.87
CA PRO B 244 -13.33 39.03 -5.87
C PRO B 244 -12.50 40.24 -5.48
N ARG B 245 -12.21 41.09 -6.46
CA ARG B 245 -11.43 42.31 -6.29
C ARG B 245 -11.76 43.26 -7.44
N LYS B 246 -11.24 44.48 -7.35
CA LYS B 246 -11.29 45.37 -8.49
C LYS B 246 -10.14 45.07 -9.44
N ASN B 247 -10.18 45.68 -10.61
CA ASN B 247 -9.15 45.42 -11.63
C ASN B 247 -7.84 46.06 -11.22
N ASP B 248 -6.80 45.75 -11.97
CA ASP B 248 -5.48 46.26 -11.61
C ASP B 248 -5.39 47.77 -11.66
N SER B 249 -6.17 48.40 -12.54
CA SER B 249 -6.08 49.86 -12.69
C SER B 249 -6.78 50.59 -11.55
N SER B 250 -7.80 49.96 -10.95
CA SER B 250 -8.62 50.63 -9.95
C SER B 250 -8.46 50.07 -8.53
N SER B 251 -7.62 49.05 -8.34
CA SER B 251 -7.45 48.47 -7.02
C SER B 251 -6.58 49.37 -6.15
N SER B 252 -6.58 49.08 -4.85
CA SER B 252 -5.81 49.85 -3.88
C SER B 252 -5.66 49.05 -2.60
N SER B 253 -4.76 49.51 -1.74
CA SER B 253 -4.49 48.88 -0.46
C SER B 253 -4.07 49.94 0.55
N HIS B 254 -4.10 49.57 1.84
CA HIS B 254 -3.75 50.49 2.90
C HIS B 254 -2.77 49.81 3.83
N CYS B 255 -2.81 48.49 3.99
CA CYS B 255 -2.00 47.69 4.90
C CYS B 255 -2.03 48.17 6.34
N LEU B 256 -3.00 49.02 6.68
CA LEU B 256 -3.47 49.18 8.05
C LEU B 256 -4.96 48.91 8.19
N ASP B 257 -5.73 49.03 7.11
CA ASP B 257 -7.17 48.85 7.11
C ASP B 257 -7.56 48.17 5.81
N PRO B 258 -8.68 47.46 5.80
CA PRO B 258 -9.16 46.88 4.54
C PRO B 258 -9.54 47.98 3.55
N ASN B 259 -9.34 47.68 2.27
CA ASN B 259 -9.48 48.68 1.22
C ASN B 259 -10.94 48.98 0.87
N ASN B 260 -11.89 48.20 1.41
CA ASN B 260 -13.32 48.41 1.16
C ASN B 260 -13.64 48.35 -0.32
N GLU B 261 -12.97 47.45 -1.05
CA GLU B 261 -13.15 47.32 -2.49
C GLU B 261 -13.54 45.88 -2.80
N GLU B 262 -14.83 45.62 -2.93
CA GLU B 262 -15.35 44.30 -3.27
C GLU B 262 -14.82 43.24 -2.30
N GLY B 263 -14.88 43.58 -1.01
CA GLY B 263 -14.36 42.69 0.01
C GLY B 263 -15.42 41.82 0.66
N GLY B 264 -16.61 41.77 0.06
CA GLY B 264 -17.71 41.04 0.67
C GLY B 264 -17.49 39.55 0.71
N HIS B 265 -16.67 39.03 -0.22
CA HIS B 265 -16.36 37.61 -0.27
C HIS B 265 -14.85 37.44 -0.30
N GLY B 266 -14.36 36.24 -0.56
CA GLY B 266 -12.93 36.03 -0.64
C GLY B 266 -12.59 34.62 -1.06
N VAL B 267 -11.29 34.37 -1.18
CA VAL B 267 -10.74 33.06 -1.45
C VAL B 267 -9.45 32.94 -0.66
N LYS B 268 -9.15 31.73 -0.21
CA LYS B 268 -7.90 31.50 0.51
C LYS B 268 -6.72 31.63 -0.44
N GLY B 269 -5.76 32.46 -0.06
CA GLY B 269 -4.58 32.70 -0.87
C GLY B 269 -3.33 32.81 -0.03
N TRP B 270 -2.21 33.21 -0.63
CA TRP B 270 -0.95 33.27 0.06
C TRP B 270 -0.13 34.46 -0.43
N ALA B 271 0.82 34.86 0.40
CA ALA B 271 1.81 35.87 0.07
C ALA B 271 2.97 35.71 1.03
N PHE B 272 4.16 36.08 0.57
CA PHE B 272 5.32 36.15 1.47
C PHE B 272 6.24 37.26 0.98
N ASP B 273 7.03 37.78 1.90
CA ASP B 273 7.83 38.97 1.66
C ASP B 273 9.25 38.59 1.23
N ASP B 274 9.77 39.32 0.25
CA ASP B 274 11.16 39.21 -0.19
C ASP B 274 11.78 40.59 0.01
N GLY B 275 12.28 40.84 1.21
CA GLY B 275 12.72 42.19 1.54
C GLY B 275 11.51 43.11 1.59
N ASN B 276 11.54 44.18 0.79
CA ASN B 276 10.39 45.04 0.66
C ASN B 276 9.40 44.56 -0.39
N ASP B 277 9.78 43.57 -1.19
CA ASP B 277 8.90 43.03 -2.22
C ASP B 277 8.07 41.87 -1.67
N VAL B 278 6.96 41.59 -2.36
CA VAL B 278 6.05 40.52 -1.97
C VAL B 278 5.86 39.58 -3.14
N TRP B 279 5.98 38.28 -2.88
CA TRP B 279 5.55 37.25 -3.82
C TRP B 279 4.15 36.82 -3.43
N MET B 280 3.26 36.95 -4.39
CA MET B 280 1.86 36.56 -4.15
C MET B 280 1.25 35.76 -5.30
N GLY B 281 0.25 34.98 -5.01
CA GLY B 281 -0.52 34.32 -6.05
C GLY B 281 -1.98 34.68 -5.91
N ARG B 282 -2.68 34.66 -7.05
CA ARG B 282 -4.10 34.98 -7.06
C ARG B 282 -4.71 34.39 -8.33
N THR B 283 -6.04 34.39 -8.36
CA THR B 283 -6.76 34.03 -9.57
C THR B 283 -6.56 35.09 -10.62
N ILE B 284 -6.43 34.65 -11.88
CA ILE B 284 -6.32 35.60 -12.98
C ILE B 284 -7.62 36.37 -13.16
N ASN B 285 -8.77 35.74 -12.89
CA ASN B 285 -10.07 36.43 -12.97
C ASN B 285 -10.20 37.20 -11.67
N GLU B 286 -10.58 38.46 -11.81
CA GLU B 286 -10.64 39.27 -10.57
C GLU B 286 -11.93 39.00 -9.79
N THR B 287 -12.93 38.40 -10.45
CA THR B 287 -14.18 38.20 -9.74
C THR B 287 -14.54 36.73 -9.56
N SER B 288 -13.88 35.83 -10.27
CA SER B 288 -14.15 34.40 -10.19
C SER B 288 -12.85 33.62 -9.97
N ARG B 289 -13.01 32.40 -9.46
CA ARG B 289 -11.86 31.53 -9.17
C ARG B 289 -11.45 30.80 -10.45
N LEU B 290 -11.08 31.59 -11.46
CA LEU B 290 -10.64 31.09 -12.74
C LEU B 290 -9.20 31.51 -12.96
N GLY B 291 -8.35 30.55 -13.34
CA GLY B 291 -6.95 30.83 -13.57
C GLY B 291 -6.19 31.08 -12.29
N TYR B 292 -4.87 31.08 -12.41
CA TYR B 292 -4.00 31.38 -11.28
C TYR B 292 -2.69 31.94 -11.79
N GLU B 293 -2.27 33.05 -11.20
CA GLU B 293 -1.03 33.72 -11.57
C GLU B 293 -0.24 34.03 -10.31
N THR B 294 1.08 33.97 -10.42
CA THR B 294 1.98 34.41 -9.37
C THR B 294 2.91 35.47 -9.94
N PHE B 295 3.31 36.41 -9.10
CA PHE B 295 4.20 37.48 -9.53
C PHE B 295 4.82 38.11 -8.29
N LYS B 296 5.77 39.02 -8.53
CA LYS B 296 6.42 39.78 -7.48
C LYS B 296 6.05 41.26 -7.65
N VAL B 297 5.71 41.91 -6.55
CA VAL B 297 5.41 43.33 -6.55
C VAL B 297 6.59 44.07 -5.93
N ILE B 298 7.13 45.04 -6.67
CA ILE B 298 8.26 45.82 -6.19
C ILE B 298 7.76 46.78 -5.11
N GLU B 299 8.32 46.61 -3.92
CA GLU B 299 7.95 47.46 -2.75
C GLU B 299 6.53 47.15 -2.38
N GLY B 300 6.08 45.95 -2.64
CA GLY B 300 4.70 45.58 -2.39
C GLY B 300 4.37 45.22 -0.97
N TRP B 301 5.39 44.90 -0.16
CA TRP B 301 5.17 44.59 1.24
C TRP B 301 5.26 45.80 2.14
N SER B 302 5.88 46.88 1.69
CA SER B 302 6.12 48.06 2.52
C SER B 302 5.54 49.35 1.99
N ASN B 303 4.89 49.25 0.82
CA ASN B 303 4.39 50.45 0.13
C ASN B 303 3.01 50.22 -0.45
N PRO B 304 1.96 50.83 0.12
CA PRO B 304 0.65 50.75 -0.48
C PRO B 304 0.97 51.64 -1.66
N LYS B 305 0.25 51.52 -2.78
CA LYS B 305 0.46 52.40 -3.96
C LYS B 305 1.34 51.70 -5.01
N SER B 306 2.21 50.79 -4.60
CA SER B 306 2.99 50.04 -5.61
C SER B 306 2.10 49.11 -6.42
N LYS B 307 2.25 49.13 -7.73
CA LYS B 307 1.49 48.31 -8.66
C LYS B 307 2.49 47.77 -9.68
N LEU B 308 3.78 47.99 -9.44
CA LEU B 308 4.87 47.52 -10.33
C LEU B 308 5.03 46.03 -10.12
N GLN B 309 4.94 45.32 -11.19
CA GLN B 309 4.92 43.87 -11.22
C GLN B 309 6.12 43.33 -11.98
N THR B 310 6.53 42.12 -11.62
CA THR B 310 7.62 41.44 -12.30
C THR B 310 7.51 39.94 -12.03
N ASN B 311 8.20 39.16 -12.87
CA ASN B 311 8.35 37.72 -12.68
C ASN B 311 7.00 37.01 -12.64
N ARG B 312 6.10 37.45 -13.52
CA ARG B 312 4.76 36.88 -13.57
C ARG B 312 4.78 35.48 -14.16
N GLN B 313 4.10 34.57 -13.49
CA GLN B 313 3.95 33.19 -13.97
C GLN B 313 2.47 32.84 -14.02
N VAL B 314 2.06 32.22 -15.13
CA VAL B 314 0.72 31.66 -15.21
C VAL B 314 0.78 30.22 -14.76
N ILE B 315 0.14 29.93 -13.63
CA ILE B 315 0.08 28.55 -13.14
C ILE B 315 -1.11 27.83 -13.76
N VAL B 316 -2.28 28.45 -13.72
CA VAL B 316 -3.49 27.91 -14.32
C VAL B 316 -3.99 28.93 -15.32
N ASP B 317 -4.34 28.44 -16.52
CA ASP B 317 -4.75 29.32 -17.60
C ASP B 317 -6.03 30.07 -17.22
N ARG B 318 -6.18 31.24 -17.84
CA ARG B 318 -7.23 32.18 -17.45
C ARG B 318 -8.63 31.56 -17.51
N GLY B 319 -8.89 30.74 -18.51
CA GLY B 319 -10.18 30.10 -18.67
C GLY B 319 -10.36 28.81 -17.89
N ASP B 320 -9.36 28.37 -17.16
CA ASP B 320 -9.42 27.13 -16.40
C ASP B 320 -9.73 27.42 -14.94
N ARG B 321 -10.34 26.47 -14.26
CA ARG B 321 -10.83 26.69 -12.91
C ARG B 321 -9.72 26.53 -11.89
N SER B 322 -9.72 27.41 -10.88
CA SER B 322 -8.82 27.31 -9.75
C SER B 322 -9.63 27.31 -8.47
N GLY B 323 -8.97 27.47 -7.32
CA GLY B 323 -9.67 27.48 -6.06
C GLY B 323 -8.82 28.00 -4.93
N TYR B 324 -8.87 27.33 -3.79
CA TYR B 324 -8.02 27.69 -2.66
C TYR B 324 -6.55 27.54 -3.05
N SER B 325 -5.72 28.39 -2.48
CA SER B 325 -4.28 28.25 -2.62
C SER B 325 -3.63 28.60 -1.29
N GLY B 326 -2.56 27.89 -0.97
CA GLY B 326 -1.87 28.13 0.27
C GLY B 326 -0.39 27.90 0.09
N ILE B 327 0.35 28.25 1.12
CA ILE B 327 1.81 28.18 1.10
C ILE B 327 2.26 27.05 2.02
N PHE B 328 3.39 26.44 1.68
CA PHE B 328 4.07 25.55 2.61
C PHE B 328 5.56 25.71 2.42
N SER B 329 6.29 25.62 3.52
CA SER B 329 7.72 25.87 3.55
C SER B 329 8.47 24.57 3.67
N VAL B 330 9.58 24.47 2.95
CA VAL B 330 10.43 23.27 2.93
C VAL B 330 11.84 23.69 3.29
N GLU B 331 12.41 23.02 4.29
CA GLU B 331 13.79 23.30 4.70
C GLU B 331 14.75 22.72 3.67
N GLY B 332 15.68 23.54 3.20
CA GLY B 332 16.70 23.11 2.28
C GLY B 332 18.02 22.84 2.98
N LYS B 333 19.08 22.69 2.20
CA LYS B 333 20.43 22.48 2.79
C LYS B 333 20.85 23.72 3.56
N SER B 334 20.61 24.92 3.02
CA SER B 334 21.05 26.13 3.68
C SER B 334 20.00 27.23 3.71
N CYS B 335 18.81 26.97 3.20
CA CYS B 335 17.80 28.00 2.99
C CYS B 335 16.42 27.38 3.05
N ILE B 336 15.45 28.18 3.50
CA ILE B 336 14.06 27.75 3.63
C ILE B 336 13.34 28.16 2.34
N ASN B 337 12.74 27.18 1.68
CA ASN B 337 12.06 27.39 0.41
C ASN B 337 10.58 27.57 0.64
N ARG B 338 9.99 28.49 -0.12
CA ARG B 338 8.55 28.72 -0.09
C ARG B 338 7.91 28.06 -1.30
N CYS B 339 6.96 27.17 -1.04
CA CYS B 339 6.20 26.49 -2.08
C CYS B 339 4.72 26.76 -1.88
N PHE B 340 3.96 26.58 -2.94
CA PHE B 340 2.51 26.78 -2.85
C PHE B 340 1.79 25.71 -3.66
N TYR B 341 0.54 25.48 -3.27
CA TYR B 341 -0.36 24.59 -3.98
C TYR B 341 -1.54 25.41 -4.50
N VAL B 342 -2.14 24.94 -5.59
CA VAL B 342 -3.38 25.52 -6.11
C VAL B 342 -4.41 24.42 -6.20
N GLU B 343 -5.56 24.63 -5.58
CA GLU B 343 -6.68 23.69 -5.65
C GLU B 343 -7.44 23.97 -6.94
N LEU B 344 -7.69 22.93 -7.71
CA LEU B 344 -8.39 23.04 -9.00
C LEU B 344 -9.78 22.45 -8.82
N ILE B 345 -10.74 23.29 -8.48
CA ILE B 345 -12.10 22.86 -8.19
C ILE B 345 -12.83 22.56 -9.50
N ARG B 346 -13.48 21.39 -9.55
CA ARG B 346 -14.35 21.03 -10.65
C ARG B 346 -15.68 20.56 -10.08
N GLY B 347 -16.78 20.95 -10.71
CA GLY B 347 -18.05 20.43 -10.28
C GLY B 347 -19.14 21.44 -10.01
N ARG B 348 -19.95 21.12 -9.03
CA ARG B 348 -21.21 21.88 -8.84
C ARG B 348 -21.12 23.26 -8.23
N LYS B 349 -22.15 24.03 -8.59
CA LYS B 349 -22.32 25.44 -8.32
C LYS B 349 -21.55 26.30 -9.32
N GLU B 350 -20.72 25.72 -10.17
CA GLU B 350 -20.14 26.41 -11.33
C GLU B 350 -20.17 25.59 -12.59
N GLU B 351 -20.23 24.26 -12.51
CA GLU B 351 -20.35 23.37 -13.67
C GLU B 351 -21.47 22.39 -13.36
N THR B 352 -22.55 22.45 -14.14
CA THR B 352 -23.78 21.75 -13.82
C THR B 352 -23.95 20.44 -14.59
N GLU B 353 -22.92 20.00 -15.32
CA GLU B 353 -22.99 18.73 -16.03
C GLU B 353 -22.69 17.53 -15.14
N VAL B 354 -22.27 17.77 -13.90
CA VAL B 354 -22.05 16.72 -12.91
C VAL B 354 -22.76 17.12 -11.63
N LEU B 355 -23.07 16.12 -10.82
CA LEU B 355 -23.74 16.34 -9.54
C LEU B 355 -22.77 16.51 -8.38
N TRP B 356 -21.48 16.27 -8.60
CA TRP B 356 -20.50 16.28 -7.53
C TRP B 356 -19.65 17.55 -7.60
N THR B 357 -18.99 17.85 -6.48
CA THR B 357 -17.98 18.87 -6.41
C THR B 357 -16.71 18.25 -5.85
N SER B 358 -15.61 18.40 -6.57
CA SER B 358 -14.34 17.82 -6.16
C SER B 358 -13.22 18.68 -6.72
N ASN B 359 -11.98 18.29 -6.43
CA ASN B 359 -10.83 19.11 -6.80
C ASN B 359 -9.65 18.22 -7.17
N SER B 360 -8.71 18.82 -7.89
CA SER B 360 -7.36 18.34 -8.08
C SER B 360 -6.40 19.41 -7.57
N ILE B 361 -5.13 19.03 -7.37
CA ILE B 361 -4.15 19.98 -6.88
C ILE B 361 -2.99 20.05 -7.86
N VAL B 362 -2.31 21.20 -7.86
CA VAL B 362 -1.05 21.37 -8.55
C VAL B 362 -0.12 22.13 -7.61
N VAL B 363 1.14 21.71 -7.53
CA VAL B 363 2.08 22.20 -6.54
C VAL B 363 3.27 22.81 -7.25
N PHE B 364 3.66 24.01 -6.83
CA PHE B 364 4.85 24.67 -7.33
C PHE B 364 5.75 25.04 -6.17
N CYS B 365 7.06 24.97 -6.40
CA CYS B 365 8.05 25.30 -5.40
C CYS B 365 8.94 26.43 -5.89
N GLY B 366 9.35 27.29 -4.97
CA GLY B 366 10.21 28.39 -5.33
C GLY B 366 11.55 27.93 -5.84
N THR B 367 12.12 28.69 -6.77
CA THR B 367 13.38 28.35 -7.38
C THR B 367 14.25 29.59 -7.51
N SER B 368 15.54 29.40 -7.30
CA SER B 368 16.54 30.42 -7.60
C SER B 368 17.09 30.29 -9.01
N GLY B 369 16.70 29.25 -9.73
CA GLY B 369 17.12 29.05 -11.10
C GLY B 369 16.17 29.66 -12.10
N THR B 370 16.22 29.16 -13.31
CA THR B 370 15.39 29.66 -14.40
C THR B 370 14.24 28.69 -14.67
N TYR B 371 13.21 29.21 -15.32
CA TYR B 371 12.00 28.44 -15.60
C TYR B 371 11.35 29.01 -16.85
N GLY B 372 10.46 28.22 -17.43
CA GLY B 372 9.74 28.65 -18.61
C GLY B 372 8.30 29.03 -18.33
N THR B 373 7.42 28.77 -19.28
CA THR B 373 6.00 29.03 -19.15
C THR B 373 5.23 27.74 -19.29
N GLY B 374 3.93 27.81 -19.00
CA GLY B 374 3.06 26.68 -19.16
C GLY B 374 1.77 26.90 -18.41
N SER B 375 0.88 25.93 -18.52
CA SER B 375 -0.37 25.94 -17.78
C SER B 375 -0.68 24.50 -17.40
N TRP B 376 -1.06 24.28 -16.15
CA TRP B 376 -1.27 22.94 -15.62
C TRP B 376 -2.67 22.88 -15.00
N PRO B 377 -3.71 22.79 -15.82
CA PRO B 377 -5.08 22.79 -15.30
C PRO B 377 -5.47 21.42 -14.79
N ASP B 378 -6.72 21.30 -14.31
CA ASP B 378 -7.22 20.00 -13.90
C ASP B 378 -7.26 19.02 -15.07
N GLY B 379 -7.82 19.44 -16.20
CA GLY B 379 -7.76 18.68 -17.42
C GLY B 379 -8.79 17.59 -17.60
N ALA B 380 -9.71 17.43 -16.66
CA ALA B 380 -10.76 16.44 -16.82
C ALA B 380 -11.87 16.99 -17.71
N ASP B 381 -12.40 16.14 -18.58
CA ASP B 381 -13.51 16.49 -19.45
C ASP B 381 -14.79 16.05 -18.77
N LEU B 382 -15.45 16.99 -18.09
CA LEU B 382 -16.63 16.66 -17.30
C LEU B 382 -17.84 16.28 -18.15
N ASN B 383 -17.84 16.65 -19.43
CA ASN B 383 -18.92 16.22 -20.33
C ASN B 383 -18.92 14.71 -20.56
N LEU B 384 -17.78 14.04 -20.36
CA LEU B 384 -17.69 12.61 -20.54
C LEU B 384 -17.59 11.82 -19.24
N MET B 385 -17.48 12.51 -18.10
CA MET B 385 -17.33 11.82 -16.82
C MET B 385 -18.69 11.39 -16.27
N PRO B 386 -18.71 10.33 -15.46
CA PRO B 386 -19.97 9.93 -14.82
C PRO B 386 -20.44 10.98 -13.83
N ILE B 387 -21.75 11.05 -13.64
CA ILE B 387 -22.37 12.04 -12.76
C ILE B 387 -21.92 11.85 -11.32
N GLU C 1 22.28 -14.16 12.00
CA GLU C 1 21.82 -13.60 10.70
C GLU C 1 21.40 -14.71 9.71
N TYR C 2 22.25 -15.68 9.39
CA TYR C 2 21.85 -16.83 8.54
C TYR C 2 21.08 -17.84 9.37
N ARG C 3 19.85 -18.14 9.01
CA ARG C 3 19.01 -19.19 9.61
C ARG C 3 19.67 -20.57 9.50
N ASN C 4 19.81 -21.23 10.62
CA ASN C 4 20.38 -22.59 10.69
C ASN C 4 19.33 -23.66 10.96
N TRP C 5 18.25 -23.37 11.69
CA TRP C 5 17.18 -24.33 12.04
C TRP C 5 17.67 -25.41 12.99
N SER C 6 18.53 -25.05 13.95
CA SER C 6 19.09 -26.06 14.86
C SER C 6 18.15 -26.42 15.99
N LYS C 7 17.02 -25.73 16.15
CA LYS C 7 16.07 -26.07 17.18
C LYS C 7 15.38 -27.39 16.84
N PRO C 8 14.92 -28.12 17.87
CA PRO C 8 14.20 -29.39 17.60
C PRO C 8 12.86 -29.14 16.95
N GLN C 9 12.19 -30.21 16.52
CA GLN C 9 10.87 -30.09 15.96
C GLN C 9 9.83 -30.00 17.08
N CYS C 10 8.92 -29.04 16.95
CA CYS C 10 7.89 -28.86 17.95
C CYS C 10 7.02 -30.12 18.04
N GLY C 11 6.60 -30.44 19.27
CA GLY C 11 5.65 -31.51 19.47
C GLY C 11 4.32 -31.14 18.83
N ILE C 12 3.82 -31.99 17.94
CA ILE C 12 2.62 -31.69 17.17
C ILE C 12 1.56 -32.73 17.51
N THR C 13 0.42 -32.25 17.98
CA THR C 13 -0.77 -33.08 18.17
C THR C 13 -1.79 -32.86 17.06
N GLY C 14 -1.49 -32.01 16.09
CA GLY C 14 -2.42 -31.65 15.05
C GLY C 14 -2.10 -30.26 14.54
N PHE C 15 -3.07 -29.71 13.81
CA PHE C 15 -2.88 -28.42 13.17
C PHE C 15 -4.08 -27.52 13.45
N ALA C 16 -3.79 -26.24 13.67
CA ALA C 16 -4.79 -25.23 13.95
C ALA C 16 -4.88 -24.24 12.79
N PRO C 17 -6.07 -23.69 12.53
CA PRO C 17 -6.23 -22.79 11.38
C PRO C 17 -5.34 -21.57 11.50
N PHE C 18 -4.74 -21.18 10.39
CA PHE C 18 -3.82 -20.06 10.45
C PHE C 18 -4.20 -18.91 9.52
N SER C 19 -4.50 -19.18 8.26
CA SER C 19 -4.72 -18.11 7.31
C SER C 19 -5.65 -18.59 6.20
N LYS C 20 -6.29 -17.61 5.56
CA LYS C 20 -7.25 -17.84 4.48
C LYS C 20 -7.41 -16.53 3.72
N ASP C 21 -7.30 -16.58 2.39
CA ASP C 21 -7.32 -15.35 1.61
C ASP C 21 -8.68 -15.02 1.01
N ASN C 22 -9.53 -16.02 0.77
CA ASN C 22 -10.83 -15.81 0.13
C ASN C 22 -10.66 -15.16 -1.24
N SER C 23 -9.66 -15.60 -1.98
CA SER C 23 -9.27 -14.92 -3.22
C SER C 23 -10.40 -14.95 -4.25
N ILE C 24 -10.99 -16.13 -4.47
CA ILE C 24 -12.03 -16.25 -5.49
C ILE C 24 -13.29 -15.52 -5.05
N ARG C 25 -13.61 -15.56 -3.76
CA ARG C 25 -14.78 -14.82 -3.28
C ARG C 25 -14.59 -13.32 -3.44
N LEU C 26 -13.38 -12.82 -3.19
CA LEU C 26 -13.09 -11.40 -3.38
C LEU C 26 -12.96 -11.04 -4.86
N SER C 27 -12.71 -12.02 -5.74
CA SER C 27 -12.60 -11.74 -7.16
C SER C 27 -13.93 -11.30 -7.77
N ALA C 28 -15.06 -11.74 -7.22
CA ALA C 28 -16.35 -11.40 -7.81
C ALA C 28 -16.60 -9.90 -7.79
N GLY C 29 -16.23 -9.23 -6.70
CA GLY C 29 -16.18 -7.79 -6.69
C GLY C 29 -14.80 -7.31 -6.31
N GLY C 30 -14.07 -6.75 -7.26
CA GLY C 30 -12.69 -6.39 -7.02
C GLY C 30 -11.73 -7.09 -7.95
N ASP C 31 -10.55 -6.51 -8.14
CA ASP C 31 -9.59 -6.99 -9.12
C ASP C 31 -8.55 -7.84 -8.41
N ILE C 32 -8.61 -9.15 -8.63
CA ILE C 32 -7.76 -10.11 -7.96
C ILE C 32 -7.00 -10.92 -9.01
N TRP C 33 -5.71 -11.13 -8.77
CA TRP C 33 -4.88 -11.87 -9.70
C TRP C 33 -5.41 -13.29 -9.89
N VAL C 34 -5.30 -13.78 -11.12
CA VAL C 34 -5.52 -15.19 -11.41
C VAL C 34 -4.22 -15.92 -11.11
N THR C 35 -4.27 -16.86 -10.19
CA THR C 35 -3.07 -17.52 -9.68
C THR C 35 -3.25 -19.03 -9.69
N ARG C 36 -2.12 -19.73 -9.63
CA ARG C 36 -2.10 -21.16 -9.34
C ARG C 36 -0.72 -21.49 -8.78
N GLU C 37 -0.57 -22.73 -8.33
CA GLU C 37 0.64 -23.23 -7.67
C GLU C 37 1.13 -22.28 -6.58
N PRO C 38 0.34 -22.02 -5.55
CA PRO C 38 0.78 -21.13 -4.48
C PRO C 38 1.63 -21.88 -3.45
N TYR C 39 2.29 -21.11 -2.61
CA TYR C 39 3.01 -21.65 -1.46
C TYR C 39 3.25 -20.53 -0.46
N VAL C 40 3.65 -20.92 0.74
CA VAL C 40 3.91 -20.00 1.83
C VAL C 40 5.36 -20.15 2.26
N SER C 41 6.04 -19.02 2.42
CA SER C 41 7.40 -19.01 2.95
C SER C 41 7.55 -17.76 3.81
N CYS C 42 8.29 -17.91 4.91
CA CYS C 42 8.37 -16.87 5.94
C CYS C 42 9.80 -16.41 6.08
N ASP C 43 10.00 -15.09 6.19
CA ASP C 43 11.27 -14.56 6.66
C ASP C 43 11.27 -14.69 8.19
N PRO C 44 12.38 -14.44 8.89
CA PRO C 44 12.38 -14.64 10.34
C PRO C 44 11.41 -13.75 11.11
N ASP C 45 10.65 -12.89 10.45
CA ASP C 45 9.69 -12.01 11.12
C ASP C 45 8.24 -12.35 10.79
N LYS C 46 7.88 -12.40 9.51
CA LYS C 46 6.51 -12.66 9.09
C LYS C 46 6.48 -13.61 7.91
N CYS C 47 5.31 -14.17 7.67
CA CYS C 47 5.12 -15.13 6.60
C CYS C 47 4.59 -14.45 5.34
N TYR C 48 4.97 -14.99 4.19
CA TYR C 48 4.57 -14.45 2.90
C TYR C 48 3.91 -15.54 2.07
N GLN C 49 2.89 -15.14 1.32
CA GLN C 49 2.25 -16.05 0.37
C GLN C 49 2.76 -15.75 -1.04
N PHE C 50 3.01 -16.82 -1.78
CA PHE C 50 3.50 -16.73 -3.15
C PHE C 50 2.55 -17.47 -4.06
N ALA C 51 2.50 -17.06 -5.32
CA ALA C 51 1.71 -17.76 -6.32
C ALA C 51 2.24 -17.40 -7.70
N LEU C 52 1.94 -18.26 -8.66
CA LEU C 52 2.28 -18.04 -10.05
C LEU C 52 1.06 -17.41 -10.72
N GLY C 53 1.14 -16.11 -10.99
CA GLY C 53 0.08 -15.41 -11.65
C GLY C 53 -0.02 -15.78 -13.11
N GLN C 54 -1.16 -15.45 -13.72
CA GLN C 54 -1.36 -15.69 -15.14
C GLN C 54 -1.35 -14.40 -15.95
N GLY C 55 -0.75 -13.34 -15.41
CA GLY C 55 -0.69 -12.07 -16.11
C GLY C 55 -2.02 -11.40 -16.29
N THR C 56 -2.99 -11.70 -15.42
CA THR C 56 -4.34 -11.19 -15.57
C THR C 56 -5.04 -11.20 -14.23
N THR C 57 -6.14 -10.44 -14.15
CA THR C 57 -7.06 -10.55 -13.04
C THR C 57 -8.21 -11.48 -13.44
N LEU C 58 -9.09 -11.76 -12.49
CA LEU C 58 -10.18 -12.70 -12.77
C LEU C 58 -11.30 -12.06 -13.59
N ASN C 59 -11.77 -10.88 -13.19
CA ASN C 59 -12.77 -10.15 -13.97
C ASN C 59 -12.10 -9.43 -15.14
N ASN C 60 -11.60 -10.25 -16.07
CA ASN C 60 -10.75 -9.79 -17.15
C ASN C 60 -11.00 -10.67 -18.38
N VAL C 61 -10.80 -10.09 -19.56
CA VAL C 61 -10.91 -10.88 -20.78
C VAL C 61 -9.77 -11.88 -20.87
N HIS C 62 -8.61 -11.55 -20.29
CA HIS C 62 -7.43 -12.40 -20.37
C HIS C 62 -7.48 -13.56 -19.40
N SER C 63 -8.47 -13.62 -18.51
CA SER C 63 -8.61 -14.77 -17.62
C SER C 63 -9.21 -15.97 -18.36
N ASN C 64 -9.60 -15.92 -19.61
CA ASN C 64 -10.06 -17.14 -20.34
C ASN C 64 -8.84 -18.01 -20.67
N ASN C 65 -8.98 -19.33 -20.69
CA ASN C 65 -7.89 -20.29 -21.07
C ASN C 65 -6.73 -20.28 -20.08
N THR C 66 -6.98 -19.99 -18.80
CA THR C 66 -5.94 -19.82 -17.78
C THR C 66 -5.69 -21.14 -17.08
N VAL C 67 -5.96 -22.24 -17.72
CA VAL C 67 -5.74 -23.62 -17.20
C VAL C 67 -4.32 -23.95 -17.64
N ARG C 68 -3.85 -23.29 -18.71
CA ARG C 68 -2.50 -23.50 -19.25
C ARG C 68 -1.49 -23.21 -18.16
N ASP C 69 -0.48 -24.06 -18.06
CA ASP C 69 0.50 -23.95 -16.98
C ASP C 69 1.69 -23.10 -17.37
N ARG C 70 2.05 -23.06 -18.64
CA ARG C 70 3.31 -22.38 -19.03
C ARG C 70 3.07 -21.32 -20.09
N THR C 71 3.02 -20.07 -19.65
CA THR C 71 2.81 -18.96 -20.57
C THR C 71 3.91 -17.95 -20.33
N PRO C 72 4.24 -17.11 -21.32
CA PRO C 72 5.26 -16.07 -21.10
C PRO C 72 4.88 -15.02 -20.08
N TYR C 73 3.59 -14.90 -19.74
CA TYR C 73 3.12 -13.83 -18.87
C TYR C 73 3.03 -14.24 -17.41
N ARG C 74 3.34 -15.49 -17.08
CA ARG C 74 3.30 -15.91 -15.69
C ARG C 74 4.43 -15.29 -14.90
N THR C 75 4.10 -14.76 -13.74
CA THR C 75 5.06 -14.12 -12.85
C THR C 75 4.81 -14.61 -11.43
N LEU C 76 5.86 -14.56 -10.61
CA LEU C 76 5.77 -14.95 -9.21
C LEU C 76 5.28 -13.76 -8.40
N LEU C 77 4.07 -13.85 -7.88
CA LEU C 77 3.49 -12.82 -7.03
C LEU C 77 3.85 -13.08 -5.58
N MET C 78 4.02 -12.00 -4.81
CA MET C 78 4.47 -12.08 -3.43
C MET C 78 3.76 -11.04 -2.60
N ASN C 79 2.93 -11.48 -1.67
CA ASN C 79 2.32 -10.63 -0.66
C ASN C 79 2.63 -11.17 0.72
N GLU C 80 2.36 -10.34 1.73
CA GLU C 80 2.32 -10.84 3.09
C GLU C 80 1.20 -11.85 3.22
N LEU C 81 1.43 -12.87 4.05
CA LEU C 81 0.40 -13.88 4.28
C LEU C 81 -0.86 -13.23 4.82
N GLY C 82 -1.95 -13.37 4.10
CA GLY C 82 -3.19 -12.70 4.47
C GLY C 82 -3.64 -11.69 3.44
N VAL C 83 -2.71 -10.97 2.84
CA VAL C 83 -3.07 -9.96 1.85
C VAL C 83 -3.43 -10.64 0.54
N PRO C 84 -4.65 -10.49 0.04
CA PRO C 84 -5.01 -11.09 -1.24
C PRO C 84 -4.26 -10.44 -2.39
N PHE C 85 -4.10 -11.20 -3.46
CA PHE C 85 -3.31 -10.76 -4.61
C PHE C 85 -4.09 -9.71 -5.39
N HIS C 86 -4.07 -8.49 -4.87
CA HIS C 86 -4.72 -7.36 -5.52
C HIS C 86 -3.75 -6.73 -6.51
N LEU C 87 -4.14 -5.60 -7.12
CA LEU C 87 -3.33 -4.97 -8.14
C LEU C 87 -2.05 -4.35 -7.60
N GLY C 88 -1.95 -4.11 -6.31
CA GLY C 88 -0.73 -3.63 -5.72
C GLY C 88 0.29 -4.70 -5.41
N THR C 89 -0.01 -5.95 -5.74
CA THR C 89 0.89 -7.06 -5.47
C THR C 89 2.14 -6.95 -6.31
N LYS C 90 3.29 -7.24 -5.71
CA LYS C 90 4.56 -7.24 -6.42
C LYS C 90 4.80 -8.59 -7.06
N GLN C 91 5.01 -8.60 -8.37
CA GLN C 91 5.48 -9.78 -9.08
C GLN C 91 7.01 -9.69 -9.14
N VAL C 92 7.68 -10.59 -8.42
CA VAL C 92 9.12 -10.47 -8.17
C VAL C 92 9.98 -11.03 -9.29
N CYS C 93 9.41 -11.81 -10.21
CA CYS C 93 10.19 -12.39 -11.29
C CYS C 93 9.24 -12.99 -12.31
N ILE C 94 9.80 -13.34 -13.47
CA ILE C 94 9.06 -14.05 -14.51
C ILE C 94 9.25 -15.55 -14.28
N ALA C 95 8.14 -16.27 -14.14
CA ALA C 95 8.23 -17.69 -13.84
C ALA C 95 6.89 -18.36 -14.06
N TRP C 96 6.88 -19.48 -14.79
CA TRP C 96 5.80 -20.43 -14.72
C TRP C 96 6.16 -21.62 -13.82
N SER C 97 7.32 -21.57 -13.18
CA SER C 97 7.70 -22.51 -12.14
C SER C 97 8.65 -21.80 -11.19
N SER C 98 8.37 -21.86 -9.89
CA SER C 98 9.08 -21.01 -8.96
C SER C 98 9.34 -21.74 -7.65
N SER C 99 10.31 -21.20 -6.91
CA SER C 99 10.59 -21.60 -5.54
C SER C 99 11.26 -20.43 -4.83
N SER C 100 10.87 -20.20 -3.59
CA SER C 100 11.35 -19.03 -2.87
C SER C 100 11.97 -19.44 -1.55
N CYS C 101 13.01 -18.69 -1.16
CA CYS C 101 13.81 -18.94 0.02
C CYS C 101 14.09 -17.64 0.75
N HIS C 102 14.08 -17.71 2.07
CA HIS C 102 14.70 -16.67 2.89
C HIS C 102 15.73 -17.34 3.78
N ASP C 103 16.98 -16.90 3.65
CA ASP C 103 18.10 -17.50 4.37
C ASP C 103 18.38 -16.83 5.71
N GLY C 104 17.52 -15.90 6.13
CA GLY C 104 17.75 -15.09 7.30
C GLY C 104 18.29 -13.71 7.00
N LYS C 105 18.84 -13.48 5.81
CA LYS C 105 19.33 -12.18 5.40
C LYS C 105 18.51 -11.58 4.27
N ALA C 106 18.17 -12.38 3.26
CA ALA C 106 17.47 -11.86 2.09
C ALA C 106 16.66 -12.98 1.46
N TRP C 107 15.75 -12.59 0.58
CA TRP C 107 14.93 -13.55 -0.14
C TRP C 107 15.67 -14.10 -1.35
N LEU C 108 15.54 -15.39 -1.57
CA LEU C 108 16.03 -16.05 -2.77
C LEU C 108 14.84 -16.56 -3.57
N HIS C 109 14.74 -16.16 -4.82
CA HIS C 109 13.69 -16.61 -5.72
C HIS C 109 14.31 -17.39 -6.87
N VAL C 110 13.86 -18.62 -7.06
CA VAL C 110 14.25 -19.44 -8.20
C VAL C 110 13.09 -19.42 -9.18
N CYS C 111 13.32 -18.84 -10.35
CA CYS C 111 12.25 -18.56 -11.30
C CYS C 111 12.60 -19.17 -12.65
N ILE C 112 11.70 -19.99 -13.18
CA ILE C 112 11.92 -20.68 -14.45
C ILE C 112 10.90 -20.17 -15.45
N THR C 113 11.40 -19.70 -16.59
CA THR C 113 10.53 -19.23 -17.67
C THR C 113 11.22 -19.53 -18.99
N GLY C 114 10.51 -19.26 -20.08
CA GLY C 114 11.07 -19.46 -21.40
C GLY C 114 10.48 -20.64 -22.13
N ASP C 115 11.16 -21.09 -23.18
CA ASP C 115 10.67 -22.19 -23.99
C ASP C 115 10.68 -23.50 -23.20
N ASP C 116 9.76 -24.41 -23.47
CA ASP C 116 9.65 -25.65 -22.67
C ASP C 116 10.89 -26.49 -22.87
N LYS C 117 11.34 -26.61 -24.09
CA LYS C 117 12.57 -27.32 -24.42
C LYS C 117 13.84 -26.57 -23.97
N ASN C 118 13.82 -25.26 -23.79
CA ASN C 118 15.04 -24.50 -23.50
C ASN C 118 14.67 -23.45 -22.49
N ALA C 119 14.54 -23.85 -21.27
CA ALA C 119 14.11 -22.93 -20.20
C ALA C 119 15.24 -22.40 -19.34
N THR C 120 15.10 -21.21 -18.79
CA THR C 120 16.09 -20.54 -17.97
C THR C 120 15.59 -20.46 -16.53
N ALA C 121 16.43 -20.87 -15.60
CA ALA C 121 16.18 -20.71 -14.17
C ALA C 121 16.99 -19.52 -13.67
N SER C 122 16.31 -18.40 -13.41
CA SER C 122 16.96 -17.21 -12.88
C SER C 122 16.96 -17.28 -11.35
N PHE C 123 18.09 -16.92 -10.75
CA PHE C 123 18.26 -16.93 -9.30
C PHE C 123 18.39 -15.49 -8.84
N ILE C 124 17.36 -14.99 -8.16
CA ILE C 124 17.30 -13.61 -7.71
C ILE C 124 17.45 -13.60 -6.19
N TYR C 125 18.54 -13.01 -5.71
CA TYR C 125 18.82 -12.92 -4.29
C TYR C 125 18.97 -11.45 -3.92
N ASN C 126 18.26 -11.02 -2.89
CA ASN C 126 18.26 -9.63 -2.44
C ASN C 126 17.88 -8.67 -3.57
N GLY C 127 16.91 -9.07 -4.40
CA GLY C 127 16.40 -8.19 -5.44
C GLY C 127 17.24 -8.10 -6.68
N ARG C 128 18.33 -8.85 -6.77
CA ARG C 128 19.21 -8.82 -7.93
C ARG C 128 19.33 -10.22 -8.52
N LEU C 129 19.50 -10.28 -9.84
CA LEU C 129 19.79 -11.54 -10.51
C LEU C 129 21.25 -11.87 -10.26
N VAL C 130 21.50 -12.97 -9.56
CA VAL C 130 22.85 -13.36 -9.19
C VAL C 130 23.37 -14.49 -10.07
N ASP C 131 22.48 -15.37 -10.53
CA ASP C 131 22.89 -16.50 -11.34
C ASP C 131 21.72 -16.95 -12.20
N SER C 132 22.04 -17.74 -13.22
CA SER C 132 21.03 -18.35 -14.07
C SER C 132 21.60 -19.66 -14.61
N VAL C 133 20.70 -20.62 -14.86
CA VAL C 133 21.09 -21.90 -15.41
C VAL C 133 20.06 -22.31 -16.46
N VAL C 134 20.54 -22.98 -17.50
CA VAL C 134 19.70 -23.43 -18.59
C VAL C 134 19.27 -24.87 -18.32
N SER C 135 18.22 -25.29 -19.03
CA SER C 135 17.77 -26.68 -18.97
C SER C 135 18.91 -27.62 -19.35
N TRP C 136 19.03 -28.73 -18.62
CA TRP C 136 20.04 -29.72 -18.95
C TRP C 136 19.48 -30.86 -19.78
N SER C 137 18.21 -31.20 -19.60
CA SER C 137 17.55 -32.25 -20.36
C SER C 137 16.79 -31.71 -21.56
N LYS C 138 16.76 -30.39 -21.75
CA LYS C 138 16.09 -29.75 -22.88
C LYS C 138 14.61 -30.13 -22.93
N ASP C 139 14.03 -30.28 -21.75
CA ASP C 139 12.60 -30.55 -21.59
C ASP C 139 12.08 -29.51 -20.60
N ILE C 140 10.87 -29.70 -20.11
CA ILE C 140 10.24 -28.71 -19.23
C ILE C 140 11.02 -28.72 -17.92
N LEU C 141 11.85 -27.70 -17.72
CA LEU C 141 12.58 -27.56 -16.47
C LEU C 141 11.64 -27.02 -15.39
N ARG C 142 11.56 -27.73 -14.27
CA ARG C 142 10.59 -27.41 -13.23
C ARG C 142 11.26 -27.50 -11.86
N THR C 143 10.64 -26.84 -10.89
CA THR C 143 11.16 -26.77 -9.53
C THR C 143 10.05 -27.11 -8.54
N GLN C 144 10.21 -26.91 -7.26
CA GLN C 144 9.31 -27.38 -6.17
C GLN C 144 7.90 -26.82 -6.16
N GLU C 145 7.69 -25.54 -6.40
CA GLU C 145 6.36 -24.87 -6.34
C GLU C 145 6.10 -24.70 -4.86
N SER C 146 7.14 -24.48 -4.13
CA SER C 146 7.08 -24.36 -2.68
C SER C 146 8.38 -23.79 -2.17
N GLU C 147 8.45 -23.62 -0.88
CA GLU C 147 9.62 -23.08 -0.21
C GLU C 147 10.82 -24.02 -0.29
N CYS C 148 11.94 -23.45 -0.58
CA CYS C 148 13.18 -24.18 -0.42
C CYS C 148 13.75 -23.89 0.97
N VAL C 149 14.88 -24.45 1.30
CA VAL C 149 15.45 -24.32 2.65
C VAL C 149 16.87 -23.83 2.58
N CYS C 150 17.15 -22.82 3.36
CA CYS C 150 18.49 -22.27 3.45
C CYS C 150 19.03 -22.57 4.83
N ILE C 151 20.23 -23.14 4.90
CA ILE C 151 20.87 -23.40 6.22
C ILE C 151 22.27 -22.78 6.19
N ASN C 152 22.50 -21.79 7.03
CA ASN C 152 23.84 -21.19 7.18
C ASN C 152 24.24 -20.46 5.91
N GLY C 153 23.27 -19.91 5.18
CA GLY C 153 23.56 -19.17 3.96
C GLY C 153 23.37 -19.99 2.69
N THR C 154 23.35 -21.31 2.83
CA THR C 154 23.25 -22.18 1.64
C THR C 154 21.83 -22.67 1.52
N CYS C 155 21.20 -22.38 0.41
CA CYS C 155 19.86 -22.79 0.09
C CYS C 155 19.89 -23.94 -0.88
N THR C 156 19.06 -24.94 -0.67
CA THR C 156 18.99 -26.12 -1.53
C THR C 156 17.65 -26.12 -2.25
N VAL C 157 17.70 -26.36 -3.56
CA VAL C 157 16.51 -26.40 -4.41
C VAL C 157 16.56 -27.67 -5.23
N VAL C 158 15.42 -28.36 -5.31
CA VAL C 158 15.28 -29.55 -6.16
C VAL C 158 14.69 -29.10 -7.49
N MET C 159 15.36 -29.41 -8.58
CA MET C 159 14.92 -29.06 -9.92
C MET C 159 14.88 -30.31 -10.79
N THR C 160 13.82 -30.46 -11.56
CA THR C 160 13.62 -31.62 -12.42
C THR C 160 13.54 -31.19 -13.88
N ASP C 161 14.14 -31.99 -14.75
CA ASP C 161 14.11 -31.74 -16.18
C ASP C 161 13.89 -33.06 -16.89
N GLY C 162 12.94 -33.23 -17.77
CA GLY C 162 12.69 -34.55 -18.37
C GLY C 162 11.23 -34.90 -18.34
N SER C 163 10.88 -36.12 -18.71
CA SER C 163 9.49 -36.62 -18.78
C SER C 163 8.79 -36.68 -17.43
N ALA C 164 7.47 -36.57 -17.45
CA ALA C 164 6.70 -36.77 -16.21
C ALA C 164 6.31 -38.25 -16.11
N SER C 165 6.67 -39.05 -17.13
CA SER C 165 6.20 -40.45 -17.20
C SER C 165 7.33 -41.43 -17.40
N GLY C 166 8.56 -41.08 -17.04
CA GLY C 166 9.73 -41.90 -17.34
C GLY C 166 10.91 -41.28 -16.67
N LYS C 167 12.11 -41.86 -16.77
CA LYS C 167 13.28 -41.33 -16.04
C LYS C 167 13.44 -39.84 -16.33
N ALA C 168 13.57 -39.01 -15.29
CA ALA C 168 13.84 -37.59 -15.48
C ALA C 168 15.16 -37.27 -14.81
N ASP C 169 15.76 -36.14 -15.13
CA ASP C 169 17.07 -35.73 -14.59
C ASP C 169 16.80 -34.73 -13.50
N THR C 170 16.74 -35.20 -12.28
CA THR C 170 16.49 -34.39 -11.10
C THR C 170 17.83 -34.00 -10.48
N LYS C 171 17.99 -32.72 -10.22
CA LYS C 171 19.22 -32.19 -9.65
C LYS C 171 18.90 -31.41 -8.39
N ILE C 172 19.83 -31.45 -7.43
CA ILE C 172 19.76 -30.65 -6.23
C ILE C 172 20.81 -29.56 -6.36
N LEU C 173 20.37 -28.31 -6.31
CA LEU C 173 21.24 -27.16 -6.47
C LEU C 173 21.48 -26.50 -5.12
N PHE C 174 22.75 -26.28 -4.79
CA PHE C 174 23.14 -25.61 -3.56
C PHE C 174 23.49 -24.17 -3.91
N ILE C 175 22.73 -23.23 -3.36
CA ILE C 175 22.83 -21.83 -3.73
C ILE C 175 23.22 -21.02 -2.50
N GLU C 176 24.26 -20.20 -2.66
CA GLU C 176 24.76 -19.34 -1.60
C GLU C 176 24.68 -17.89 -2.08
N GLU C 177 23.81 -17.10 -1.44
CA GLU C 177 23.63 -15.70 -1.78
C GLU C 177 23.27 -15.51 -3.26
N GLY C 178 22.48 -16.44 -3.79
CA GLY C 178 22.04 -16.38 -5.16
C GLY C 178 22.97 -17.06 -6.16
N LYS C 179 24.13 -17.50 -5.73
CA LYS C 179 25.09 -18.14 -6.62
C LYS C 179 25.03 -19.66 -6.47
N ILE C 180 24.97 -20.36 -7.60
CA ILE C 180 24.98 -21.82 -7.61
C ILE C 180 26.41 -22.27 -7.35
N VAL C 181 26.66 -22.79 -6.15
CA VAL C 181 28.01 -23.21 -5.79
C VAL C 181 28.23 -24.70 -6.00
N HIS C 182 27.16 -25.49 -6.07
CA HIS C 182 27.28 -26.92 -6.31
C HIS C 182 25.98 -27.43 -6.92
N THR C 183 26.12 -28.48 -7.73
CA THR C 183 24.98 -29.14 -8.35
C THR C 183 25.22 -30.64 -8.30
N SER C 184 24.34 -31.36 -7.61
CA SER C 184 24.46 -32.80 -7.45
C SER C 184 23.24 -33.48 -8.06
N THR C 185 23.50 -34.49 -8.88
CA THR C 185 22.41 -35.26 -9.48
C THR C 185 21.73 -36.13 -8.43
N LEU C 186 20.48 -36.47 -8.69
CA LEU C 186 19.71 -37.26 -7.74
C LEU C 186 20.20 -38.69 -7.70
N SER C 187 20.47 -39.19 -6.50
CA SER C 187 20.95 -40.54 -6.29
C SER C 187 20.12 -41.22 -5.21
N GLY C 188 19.77 -42.47 -5.44
CA GLY C 188 18.99 -43.23 -4.50
C GLY C 188 17.93 -44.03 -5.21
N SER C 189 16.96 -44.50 -4.42
CA SER C 189 15.94 -45.41 -4.91
C SER C 189 14.73 -44.72 -5.51
N ALA C 190 14.58 -43.41 -5.38
CA ALA C 190 13.47 -42.68 -6.04
C ALA C 190 13.83 -42.28 -7.47
N GLN C 191 12.90 -42.75 -8.30
CA GLN C 191 13.07 -42.77 -9.74
C GLN C 191 12.31 -41.62 -10.36
N HIS C 192 11.29 -41.12 -9.68
CA HIS C 192 10.66 -39.88 -10.19
C HIS C 192 10.50 -38.95 -9.01
N VAL C 193 11.13 -37.80 -9.08
CA VAL C 193 11.06 -36.79 -8.00
C VAL C 193 10.57 -35.52 -8.68
N GLU C 194 9.48 -34.93 -8.23
CA GLU C 194 8.98 -33.65 -8.75
C GLU C 194 8.36 -32.86 -7.62
N GLU C 195 8.15 -31.56 -7.75
CA GLU C 195 7.43 -30.70 -6.75
C GLU C 195 7.63 -31.11 -5.32
N CYS C 196 8.83 -31.00 -4.81
CA CYS C 196 9.20 -31.46 -3.48
C CYS C 196 8.77 -30.46 -2.42
N SER C 197 8.11 -30.97 -1.39
CA SER C 197 7.81 -30.21 -0.19
C SER C 197 8.97 -30.43 0.78
N CYS C 198 9.88 -29.48 0.83
CA CYS C 198 11.10 -29.59 1.60
C CYS C 198 10.97 -28.86 2.92
N TYR C 199 11.61 -29.40 3.95
CA TYR C 199 11.63 -28.77 5.25
C TYR C 199 12.97 -29.03 5.92
N PRO C 200 13.44 -28.11 6.77
CA PRO C 200 14.73 -28.30 7.44
C PRO C 200 14.70 -29.38 8.50
N ARG C 201 15.59 -30.36 8.44
CA ARG C 201 15.72 -31.42 9.47
C ARG C 201 17.18 -31.46 9.89
N TYR C 202 17.64 -30.50 10.70
CA TYR C 202 19.05 -30.25 11.00
C TYR C 202 19.76 -31.54 11.40
N PRO C 203 20.96 -31.81 10.86
CA PRO C 203 21.77 -30.94 10.00
C PRO C 203 21.47 -31.05 8.51
N GLY C 204 20.29 -31.51 8.10
CA GLY C 204 20.02 -31.66 6.69
C GLY C 204 18.69 -31.10 6.25
N VAL C 205 18.30 -31.41 5.02
CA VAL C 205 17.01 -31.03 4.45
C VAL C 205 16.34 -32.29 3.94
N ARG C 206 15.06 -32.45 4.27
CA ARG C 206 14.28 -33.60 3.84
C ARG C 206 13.12 -33.11 3.00
N CYS C 207 12.95 -33.72 1.83
CA CYS C 207 11.92 -33.33 0.88
C CYS C 207 10.99 -34.52 0.63
N VAL C 208 9.69 -34.27 0.64
CA VAL C 208 8.69 -35.25 0.24
C VAL C 208 8.10 -34.76 -1.07
N CYS C 209 8.26 -35.56 -2.11
CA CYS C 209 8.01 -35.14 -3.49
C CYS C 209 6.84 -35.90 -4.08
N ARG C 210 6.66 -35.74 -5.38
CA ARG C 210 5.61 -36.42 -6.15
C ARG C 210 6.29 -37.33 -7.16
N ASP C 211 5.92 -38.61 -7.24
CA ASP C 211 6.38 -39.51 -8.32
C ASP C 211 5.23 -39.49 -9.29
N ASN C 212 5.45 -38.97 -10.48
CA ASN C 212 4.39 -38.85 -11.49
C ASN C 212 4.42 -40.10 -12.36
N TRP C 213 5.33 -41.01 -12.08
CA TRP C 213 5.51 -42.15 -13.01
C TRP C 213 4.99 -43.49 -12.50
N LYS C 214 5.47 -43.98 -11.39
CA LYS C 214 5.14 -45.35 -10.95
C LYS C 214 4.74 -45.38 -9.50
N GLY C 215 4.52 -44.23 -8.93
CA GLY C 215 4.27 -44.25 -7.49
C GLY C 215 3.09 -43.46 -7.00
N SER C 216 2.48 -43.93 -5.92
CA SER C 216 1.42 -43.23 -5.18
C SER C 216 2.07 -43.03 -3.84
N ASN C 217 3.18 -43.72 -3.60
CA ASN C 217 3.95 -43.52 -2.36
C ASN C 217 4.79 -42.29 -2.60
N ARG C 218 4.78 -41.33 -1.70
CA ARG C 218 5.54 -40.16 -2.08
C ARG C 218 7.04 -40.40 -1.94
N PRO C 219 7.82 -40.01 -2.95
CA PRO C 219 9.28 -40.11 -2.84
C PRO C 219 9.82 -39.20 -1.75
N ILE C 220 10.94 -39.63 -1.17
CA ILE C 220 11.66 -38.85 -0.17
C ILE C 220 13.05 -38.55 -0.70
N VAL C 221 13.60 -37.34 -0.41
CA VAL C 221 15.01 -36.88 -0.73
C VAL C 221 15.65 -36.23 0.51
N ASP C 222 16.77 -36.73 0.97
CA ASP C 222 17.52 -36.17 2.13
C ASP C 222 18.84 -35.56 1.70
N ILE C 223 19.07 -34.27 1.95
CA ILE C 223 20.26 -33.51 1.52
C ILE C 223 21.12 -33.22 2.74
N ASN C 224 22.41 -33.51 2.65
CA ASN C 224 23.27 -33.15 3.80
C ASN C 224 23.80 -31.80 3.44
N ILE C 225 23.49 -30.81 4.24
CA ILE C 225 23.94 -29.49 3.75
C ILE C 225 25.45 -29.55 3.91
N LYS C 226 25.94 -30.53 4.69
CA LYS C 226 27.39 -30.42 4.86
C LYS C 226 28.14 -31.13 3.74
N ASP C 227 27.83 -32.41 3.51
CA ASP C 227 28.54 -33.18 2.49
C ASP C 227 27.91 -33.11 1.12
N HIS C 228 26.97 -32.18 0.99
CA HIS C 228 26.23 -32.06 -0.29
C HIS C 228 25.89 -33.48 -0.71
N SER C 229 25.58 -34.34 0.27
CA SER C 229 25.22 -35.75 -0.02
C SER C 229 23.71 -35.91 -0.12
N ILE C 230 23.23 -36.53 -1.17
CA ILE C 230 21.78 -36.69 -1.43
C ILE C 230 21.40 -38.17 -1.38
N VAL C 231 20.44 -38.57 -0.54
CA VAL C 231 19.93 -39.96 -0.39
C VAL C 231 18.45 -39.92 -0.75
N SER C 232 17.92 -40.90 -1.49
CA SER C 232 16.47 -40.98 -1.86
C SER C 232 15.78 -42.27 -1.39
N SER C 233 14.48 -42.22 -1.06
CA SER C 233 13.61 -43.35 -0.66
C SER C 233 12.13 -42.99 -0.92
N TYR C 234 11.13 -43.67 -0.31
CA TYR C 234 9.72 -43.34 -0.37
C TYR C 234 9.15 -43.35 1.04
N VAL C 235 7.95 -42.79 1.19
CA VAL C 235 7.28 -42.80 2.49
C VAL C 235 6.76 -44.19 2.79
N CYS C 236 7.00 -44.67 4.01
CA CYS C 236 6.73 -46.06 4.35
C CYS C 236 5.27 -46.33 4.70
N SER C 237 4.47 -45.31 5.01
CA SER C 237 3.12 -45.54 5.49
C SER C 237 2.27 -46.25 4.44
N GLY C 238 1.53 -47.27 4.89
CA GLY C 238 0.61 -47.97 4.01
C GLY C 238 -0.53 -47.10 3.52
N LEU C 239 -0.79 -45.98 4.20
CA LEU C 239 -1.74 -44.98 3.73
C LEU C 239 -0.96 -43.96 2.94
N VAL C 240 -1.03 -44.08 1.61
CA VAL C 240 -0.24 -43.22 0.74
C VAL C 240 -0.90 -41.84 0.63
N GLY C 241 -0.10 -40.85 0.22
CA GLY C 241 -0.55 -39.48 0.23
C GLY C 241 -0.81 -38.86 -1.13
N ASP C 242 -0.56 -39.61 -2.20
CA ASP C 242 -0.69 -39.07 -3.55
C ASP C 242 -2.11 -39.30 -4.09
N THR C 243 -2.50 -38.44 -5.02
CA THR C 243 -3.78 -38.56 -5.72
C THR C 243 -3.48 -38.62 -7.21
N PRO C 244 -3.91 -39.67 -7.93
CA PRO C 244 -4.78 -40.78 -7.53
C PRO C 244 -4.09 -41.80 -6.62
N ARG C 245 -4.89 -42.63 -5.95
CA ARG C 245 -4.40 -43.71 -5.10
C ARG C 245 -5.50 -44.74 -4.96
N LYS C 246 -5.16 -45.87 -4.32
CA LYS C 246 -6.14 -46.97 -4.14
C LYS C 246 -6.87 -46.77 -2.80
N ASN C 247 -7.80 -47.63 -2.47
CA ASN C 247 -8.45 -47.53 -1.15
C ASN C 247 -7.41 -47.56 -0.04
N ASP C 248 -7.82 -47.22 1.16
CA ASP C 248 -6.95 -47.32 2.36
C ASP C 248 -6.70 -48.78 2.73
N SER C 249 -7.65 -49.68 2.43
CA SER C 249 -7.47 -51.11 2.72
C SER C 249 -6.63 -51.79 1.65
N SER C 250 -6.82 -51.41 0.38
CA SER C 250 -6.16 -52.08 -0.73
C SER C 250 -4.83 -51.44 -1.12
N SER C 251 -4.46 -50.31 -0.51
CA SER C 251 -3.22 -49.66 -0.87
C SER C 251 -2.03 -50.33 -0.19
N SER C 252 -0.84 -50.05 -0.72
CA SER C 252 0.39 -50.56 -0.15
C SER C 252 1.50 -49.55 -0.43
N SER C 253 2.59 -49.68 0.31
CA SER C 253 3.78 -48.87 0.11
C SER C 253 5.00 -49.76 0.29
N HIS C 254 6.13 -49.33 -0.25
CA HIS C 254 7.36 -50.13 -0.16
C HIS C 254 8.45 -49.30 0.49
N CYS C 255 8.48 -48.00 0.19
CA CYS C 255 9.41 -47.04 0.76
C CYS C 255 10.86 -47.40 0.56
N LEU C 256 11.11 -48.22 -0.46
CA LEU C 256 12.37 -48.24 -1.19
C LEU C 256 12.15 -48.26 -2.70
N ASP C 257 10.91 -48.35 -3.14
CA ASP C 257 10.53 -48.41 -4.55
C ASP C 257 9.11 -47.85 -4.67
N PRO C 258 8.69 -47.45 -5.87
CA PRO C 258 7.28 -47.12 -6.06
C PRO C 258 6.39 -48.34 -5.88
N ASN C 259 5.18 -48.08 -5.41
CA ASN C 259 4.23 -49.16 -5.12
C ASN C 259 3.51 -49.66 -6.37
N ASN C 260 3.64 -48.94 -7.49
CA ASN C 260 3.00 -49.30 -8.75
C ASN C 260 1.49 -49.45 -8.60
N GLU C 261 0.87 -48.55 -7.85
CA GLU C 261 -0.57 -48.57 -7.62
C GLU C 261 -1.15 -47.21 -8.00
N GLU C 262 -1.76 -47.15 -9.17
CA GLU C 262 -2.48 -45.95 -9.64
C GLU C 262 -1.57 -44.72 -9.58
N GLY C 263 -0.32 -44.92 -9.98
CA GLY C 263 0.69 -43.89 -9.83
C GLY C 263 0.97 -43.10 -11.09
N GLY C 264 0.12 -43.23 -12.11
CA GLY C 264 0.37 -42.62 -13.39
C GLY C 264 0.11 -41.12 -13.43
N HIS C 265 -0.27 -40.55 -12.29
CA HIS C 265 -0.47 -39.11 -12.16
C HIS C 265 -0.13 -38.77 -10.72
N GLY C 266 -0.40 -37.54 -10.29
CA GLY C 266 -0.08 -37.18 -8.93
C GLY C 266 -0.55 -35.78 -8.58
N VAL C 267 -0.19 -35.35 -7.39
CA VAL C 267 -0.47 -34.00 -6.91
C VAL C 267 0.63 -33.65 -5.92
N LYS C 268 0.97 -32.37 -5.85
CA LYS C 268 1.94 -31.92 -4.88
C LYS C 268 1.39 -32.07 -3.47
N GLY C 269 2.17 -32.69 -2.59
CA GLY C 269 1.75 -32.92 -1.23
C GLY C 269 2.92 -32.89 -0.28
N TRP C 270 2.67 -33.16 1.00
CA TRP C 270 3.70 -33.02 2.02
C TRP C 270 3.58 -34.17 3.01
N ALA C 271 4.68 -34.42 3.70
CA ALA C 271 4.74 -35.33 4.84
C ALA C 271 6.01 -35.01 5.62
N PHE C 272 5.92 -35.14 6.94
CA PHE C 272 7.10 -34.99 7.79
C PHE C 272 7.02 -36.02 8.91
N ASP C 273 8.18 -36.41 9.41
CA ASP C 273 8.30 -37.51 10.35
C ASP C 273 8.25 -37.01 11.79
N ASP C 274 7.62 -37.79 12.64
CA ASP C 274 7.59 -37.55 14.09
C ASP C 274 8.09 -38.83 14.76
N GLY C 275 9.41 -38.91 14.93
CA GLY C 275 10.00 -40.17 15.37
C GLY C 275 9.79 -41.22 14.29
N ASN C 276 9.16 -42.33 14.67
CA ASN C 276 8.82 -43.35 13.69
C ASN C 276 7.51 -43.07 12.97
N ASP C 277 6.72 -42.13 13.46
CA ASP C 277 5.44 -41.80 12.86
C ASP C 277 5.63 -40.75 11.77
N VAL C 278 4.60 -40.62 10.92
CA VAL C 278 4.59 -39.64 9.84
C VAL C 278 3.33 -38.81 9.96
N TRP C 279 3.49 -37.49 9.90
CA TRP C 279 2.37 -36.58 9.72
C TRP C 279 2.24 -36.26 8.23
N MET C 280 1.06 -36.45 7.68
CA MET C 280 0.86 -36.33 6.24
C MET C 280 -0.49 -35.72 5.95
N GLY C 281 -0.59 -35.07 4.80
CA GLY C 281 -1.85 -34.58 4.31
C GLY C 281 -2.12 -35.12 2.92
N ARG C 282 -3.40 -35.25 2.61
CA ARG C 282 -3.81 -35.74 1.30
C ARG C 282 -5.24 -35.31 1.04
N THR C 283 -5.66 -35.47 -0.20
CA THR C 283 -7.06 -35.30 -0.55
C THR C 283 -7.89 -36.43 0.04
N ILE C 284 -9.12 -36.11 0.44
CA ILE C 284 -10.02 -37.14 0.95
C ILE C 284 -10.44 -38.08 -0.19
N ASN C 285 -10.54 -37.54 -1.38
CA ASN C 285 -10.91 -38.36 -2.55
C ASN C 285 -9.67 -39.05 -3.02
N GLU C 286 -9.84 -40.32 -3.33
CA GLU C 286 -8.68 -41.08 -3.81
C GLU C 286 -8.41 -40.89 -5.29
N THR C 287 -9.32 -40.31 -6.06
CA THR C 287 -9.14 -40.16 -7.49
C THR C 287 -9.04 -38.71 -7.95
N SER C 288 -9.76 -37.80 -7.31
CA SER C 288 -9.74 -36.39 -7.67
C SER C 288 -9.31 -35.54 -6.49
N ARG C 289 -8.93 -34.30 -6.79
CA ARG C 289 -8.48 -33.35 -5.78
C ARG C 289 -9.69 -32.73 -5.09
N LEU C 290 -10.40 -33.57 -4.35
CA LEU C 290 -11.59 -33.18 -3.61
C LEU C 290 -11.35 -33.43 -2.13
N GLY C 291 -11.54 -32.39 -1.32
CA GLY C 291 -11.34 -32.51 0.11
C GLY C 291 -9.87 -32.54 0.49
N TYR C 292 -9.63 -32.38 1.79
CA TYR C 292 -8.27 -32.47 2.30
C TYR C 292 -8.30 -32.92 3.75
N GLU C 293 -7.47 -33.90 4.08
CA GLU C 293 -7.38 -34.43 5.42
C GLU C 293 -5.91 -34.55 5.83
N THR C 294 -5.65 -34.38 7.12
CA THR C 294 -4.35 -34.64 7.70
C THR C 294 -4.51 -35.65 8.84
N PHE C 295 -3.49 -36.46 9.04
CA PHE C 295 -3.52 -37.47 10.10
C PHE C 295 -2.09 -37.92 10.37
N LYS C 296 -1.93 -38.65 11.47
CA LYS C 296 -0.64 -39.20 11.86
C LYS C 296 -0.73 -40.72 11.77
N VAL C 297 0.20 -41.31 11.04
CA VAL C 297 0.26 -42.77 10.88
C VAL C 297 1.28 -43.31 11.87
N ILE C 298 0.85 -44.26 12.69
CA ILE C 298 1.71 -44.85 13.70
C ILE C 298 2.76 -45.72 13.03
N GLU C 299 4.03 -45.41 13.28
CA GLU C 299 5.16 -46.07 12.63
C GLU C 299 5.05 -46.03 11.10
N GLY C 300 4.41 -44.98 10.59
CA GLY C 300 4.24 -44.81 9.17
C GLY C 300 5.45 -44.25 8.45
N TRP C 301 6.48 -43.84 9.17
CA TRP C 301 7.70 -43.38 8.55
C TRP C 301 8.76 -44.48 8.43
N SER C 302 8.59 -45.58 9.16
CA SER C 302 9.60 -46.63 9.19
C SER C 302 9.09 -48.01 8.80
N ASN C 303 7.81 -48.27 9.04
CA ASN C 303 7.24 -49.60 8.75
C ASN C 303 6.38 -49.52 7.51
N PRO C 304 6.79 -50.13 6.39
CA PRO C 304 5.91 -50.21 5.25
C PRO C 304 4.88 -51.16 5.84
N LYS C 305 3.59 -51.01 5.53
CA LYS C 305 2.49 -51.86 6.08
C LYS C 305 1.76 -51.24 7.26
N SER C 306 2.24 -50.14 7.84
CA SER C 306 1.45 -49.52 8.92
C SER C 306 0.30 -48.75 8.31
N LYS C 307 -0.91 -49.03 8.77
CA LYS C 307 -2.10 -48.29 8.29
C LYS C 307 -2.86 -47.82 9.52
N LEU C 308 -2.18 -47.67 10.66
CA LEU C 308 -2.84 -47.15 11.87
C LEU C 308 -2.94 -45.63 11.85
N GLN C 309 -4.14 -45.11 11.60
CA GLN C 309 -4.38 -43.66 11.63
C GLN C 309 -4.59 -43.18 13.05
N THR C 310 -4.33 -41.88 13.25
CA THR C 310 -4.71 -41.19 14.48
C THR C 310 -4.65 -39.70 14.22
N ASN C 311 -5.37 -38.95 15.05
CA ASN C 311 -5.38 -37.48 15.01
C ASN C 311 -5.79 -36.96 13.64
N ARG C 312 -6.82 -37.57 13.04
CA ARG C 312 -7.28 -37.12 11.73
C ARG C 312 -7.98 -35.78 11.84
N GLN C 313 -7.71 -34.90 10.88
CA GLN C 313 -8.36 -33.61 10.79
C GLN C 313 -8.86 -33.40 9.37
N VAL C 314 -10.08 -32.88 9.26
CA VAL C 314 -10.63 -32.50 7.97
C VAL C 314 -10.31 -31.03 7.75
N ILE C 315 -9.47 -30.74 6.75
CA ILE C 315 -9.16 -29.35 6.44
C ILE C 315 -10.16 -28.81 5.42
N VAL C 316 -10.43 -29.57 4.37
CA VAL C 316 -11.40 -29.21 3.35
C VAL C 316 -12.41 -30.36 3.25
N ASP C 317 -13.69 -30.02 3.23
CA ASP C 317 -14.73 -31.04 3.14
C ASP C 317 -14.58 -31.83 1.84
N ARG C 318 -14.90 -33.12 1.91
CA ARG C 318 -14.71 -34.03 0.79
C ARG C 318 -15.43 -33.57 -0.47
N GLY C 319 -16.55 -32.87 -0.30
CA GLY C 319 -17.26 -32.34 -1.46
C GLY C 319 -16.64 -31.11 -2.07
N ASP C 320 -15.68 -30.49 -1.39
CA ASP C 320 -15.08 -29.25 -1.86
C ASP C 320 -13.75 -29.50 -2.56
N ARG C 321 -13.33 -28.53 -3.36
CA ARG C 321 -12.18 -28.68 -4.23
C ARG C 321 -10.89 -28.29 -3.51
N SER C 322 -9.88 -29.14 -3.63
CA SER C 322 -8.54 -28.87 -3.12
C SER C 322 -7.56 -28.86 -4.29
N GLY C 323 -6.27 -28.84 -3.98
CA GLY C 323 -5.25 -28.84 -5.01
C GLY C 323 -3.87 -29.12 -4.45
N TYR C 324 -2.87 -28.38 -4.92
CA TYR C 324 -1.53 -28.54 -4.39
C TYR C 324 -1.50 -28.24 -2.90
N SER C 325 -0.68 -28.99 -2.17
CA SER C 325 -0.41 -28.70 -0.77
C SER C 325 1.09 -28.82 -0.55
N GLY C 326 1.58 -28.08 0.44
CA GLY C 326 2.99 -28.10 0.71
C GLY C 326 3.26 -27.71 2.14
N ILE C 327 4.49 -27.95 2.55
CA ILE C 327 4.93 -27.71 3.92
C ILE C 327 5.78 -26.45 3.94
N PHE C 328 5.68 -25.72 5.05
CA PHE C 328 6.63 -24.66 5.34
C PHE C 328 6.86 -24.63 6.83
N SER C 329 8.09 -24.28 7.22
CA SER C 329 8.52 -24.34 8.61
C SER C 329 8.65 -22.94 9.17
N VAL C 330 8.18 -22.76 10.39
CA VAL C 330 8.29 -21.49 11.11
C VAL C 330 9.08 -21.74 12.38
N GLU C 331 10.17 -21.00 12.55
CA GLU C 331 10.94 -21.09 13.78
C GLU C 331 10.15 -20.50 14.93
N GLY C 332 10.11 -21.23 16.05
CA GLY C 332 9.44 -20.79 17.23
C GLY C 332 10.39 -20.30 18.31
N LYS C 333 9.92 -19.99 19.48
CA LYS C 333 10.91 -19.60 20.51
C LYS C 333 11.83 -20.79 20.91
N SER C 334 11.37 -22.05 20.94
CA SER C 334 12.29 -23.12 21.31
C SER C 334 12.31 -24.30 20.36
N CYS C 335 11.46 -24.33 19.35
CA CYS C 335 11.43 -25.47 18.43
C CYS C 335 11.01 -24.99 17.05
N ILE C 336 11.13 -25.89 16.07
CA ILE C 336 10.75 -25.64 14.69
C ILE C 336 9.34 -26.19 14.50
N ASN C 337 8.42 -25.33 14.10
CA ASN C 337 7.05 -25.74 13.81
C ASN C 337 6.90 -26.10 12.34
N ARG C 338 6.07 -27.09 12.06
CA ARG C 338 5.72 -27.47 10.71
C ARG C 338 4.30 -27.00 10.41
N CYS C 339 4.15 -26.23 9.35
CA CYS C 339 2.86 -25.74 8.90
C CYS C 339 2.65 -26.18 7.45
N PHE C 340 1.40 -26.17 7.01
CA PHE C 340 1.11 -26.51 5.62
C PHE C 340 0.02 -25.60 5.08
N TYR C 341 0.03 -25.45 3.77
CA TYR C 341 -0.99 -24.72 3.03
C TYR C 341 -1.68 -25.70 2.09
N VAL C 342 -2.94 -25.42 1.78
CA VAL C 342 -3.69 -26.17 0.79
C VAL C 342 -4.19 -25.20 -0.26
N GLU C 343 -3.90 -25.48 -1.52
CA GLU C 343 -4.40 -24.71 -2.64
C GLU C 343 -5.80 -25.19 -2.98
N LEU C 344 -6.75 -24.26 -3.07
CA LEU C 344 -8.14 -24.57 -3.35
C LEU C 344 -8.44 -24.12 -4.78
N ILE C 345 -8.24 -25.01 -5.74
CA ILE C 345 -8.41 -24.71 -7.15
C ILE C 345 -9.89 -24.61 -7.48
N ARG C 346 -10.27 -23.55 -8.18
CA ARG C 346 -11.62 -23.40 -8.72
C ARG C 346 -11.52 -23.04 -10.18
N GLY C 347 -12.38 -23.62 -11.00
CA GLY C 347 -12.43 -23.24 -12.39
C GLY C 347 -12.38 -24.37 -13.40
N ARG C 348 -11.73 -24.11 -14.52
CA ARG C 348 -11.76 -24.98 -15.69
C ARG C 348 -11.07 -26.31 -15.60
N LYS C 349 -11.62 -27.25 -16.37
CA LYS C 349 -11.27 -28.66 -16.47
C LYS C 349 -11.93 -29.46 -15.35
N GLU C 350 -12.55 -28.81 -14.36
CA GLU C 350 -13.40 -29.48 -13.39
C GLU C 350 -14.70 -28.75 -13.11
N GLU C 351 -14.75 -27.44 -13.36
CA GLU C 351 -15.96 -26.63 -13.18
C GLU C 351 -16.08 -25.79 -14.44
N THR C 352 -17.05 -26.11 -15.30
CA THR C 352 -17.14 -25.55 -16.64
C THR C 352 -18.12 -24.38 -16.73
N GLU C 353 -18.62 -23.87 -15.61
CA GLU C 353 -19.48 -22.69 -15.63
C GLU C 353 -18.69 -21.39 -15.68
N VAL C 354 -17.37 -21.46 -15.59
CA VAL C 354 -16.50 -20.30 -15.77
C VAL C 354 -15.41 -20.67 -16.76
N LEU C 355 -14.79 -19.66 -17.35
CA LEU C 355 -13.73 -19.85 -18.33
C LEU C 355 -12.33 -19.79 -17.72
N TRP C 356 -12.21 -19.46 -16.44
CA TRP C 356 -10.91 -19.23 -15.83
C TRP C 356 -10.57 -20.37 -14.87
N THR C 357 -9.29 -20.44 -14.52
CA THR C 357 -8.78 -21.32 -13.48
C THR C 357 -7.98 -20.49 -12.49
N SER C 358 -8.34 -20.57 -11.22
CA SER C 358 -7.64 -19.82 -10.17
C SER C 358 -7.81 -20.57 -8.86
N ASN C 359 -7.22 -20.04 -7.79
CA ASN C 359 -7.21 -20.73 -6.51
C ASN C 359 -7.22 -19.72 -5.38
N SER C 360 -7.66 -20.19 -4.22
CA SER C 360 -7.40 -19.57 -2.94
C SER C 360 -6.56 -20.54 -2.12
N ILE C 361 -6.15 -20.13 -0.93
CA ILE C 361 -5.38 -20.98 -0.05
C ILE C 361 -5.98 -20.97 1.34
N VAL C 362 -5.71 -22.04 2.08
CA VAL C 362 -5.96 -22.10 3.51
C VAL C 362 -4.69 -22.63 4.16
N VAL C 363 -4.27 -22.01 5.26
CA VAL C 363 -3.00 -22.32 5.89
C VAL C 363 -3.27 -22.84 7.30
N PHE C 364 -2.63 -23.94 7.66
CA PHE C 364 -2.70 -24.50 8.99
C PHE C 364 -1.29 -24.65 9.54
N CYS C 365 -1.16 -24.47 10.85
CA CYS C 365 0.13 -24.58 11.51
C CYS C 365 0.05 -25.63 12.61
N GLY C 366 1.14 -26.35 12.78
CA GLY C 366 1.21 -27.35 13.83
C GLY C 366 1.01 -26.75 15.20
N THR C 367 0.32 -27.49 16.05
CA THR C 367 0.00 -27.03 17.39
C THR C 367 0.27 -28.13 18.39
N SER C 368 0.79 -27.75 19.56
CA SER C 368 0.94 -28.66 20.67
C SER C 368 -0.30 -28.71 21.57
N GLY C 369 -1.25 -27.82 21.35
CA GLY C 369 -2.44 -27.75 22.16
C GLY C 369 -3.59 -28.55 21.59
N THR C 370 -4.80 -28.11 21.90
CA THR C 370 -6.00 -28.78 21.44
C THR C 370 -6.67 -27.99 20.33
N TYR C 371 -7.56 -28.66 19.61
CA TYR C 371 -8.26 -28.07 18.48
C TYR C 371 -9.59 -28.78 18.30
N GLY C 372 -10.49 -28.15 17.55
CA GLY C 372 -11.77 -28.74 17.24
C GLY C 372 -11.83 -29.24 15.82
N THR C 373 -13.02 -29.26 15.24
CA THR C 373 -13.23 -29.67 13.86
C THR C 373 -13.76 -28.50 13.06
N GLY C 374 -13.82 -28.70 11.75
CA GLY C 374 -14.35 -27.70 10.85
C GLY C 374 -13.95 -28.01 9.43
N SER C 375 -14.33 -27.10 8.54
CA SER C 375 -13.97 -27.21 7.12
C SER C 375 -13.87 -25.80 6.57
N TRP C 376 -12.83 -25.52 5.81
CA TRP C 376 -12.54 -24.18 5.32
C TRP C 376 -12.36 -24.23 3.81
N PRO C 377 -13.47 -24.34 3.07
CA PRO C 377 -13.38 -24.43 1.60
C PRO C 377 -13.13 -23.08 0.95
N ASP C 378 -13.00 -23.08 -0.37
CA ASP C 378 -12.90 -21.81 -1.09
C ASP C 378 -14.11 -20.92 -0.83
N GLY C 379 -15.31 -21.47 -0.99
CA GLY C 379 -16.53 -20.77 -0.63
C GLY C 379 -17.14 -19.91 -1.71
N ALA C 380 -16.49 -19.78 -2.87
CA ALA C 380 -17.07 -19.00 -3.95
C ALA C 380 -18.09 -19.83 -4.71
N ASP C 381 -19.20 -19.21 -5.07
CA ASP C 381 -20.23 -19.84 -5.89
C ASP C 381 -20.01 -19.40 -7.33
N LEU C 382 -19.56 -20.32 -8.17
CA LEU C 382 -19.20 -20.01 -9.54
C LEU C 382 -20.40 -19.80 -10.44
N ASN C 383 -21.59 -20.25 -10.03
CA ASN C 383 -22.79 -20.03 -10.83
C ASN C 383 -23.15 -18.56 -10.93
N LEU C 384 -22.84 -17.76 -9.89
CA LEU C 384 -23.11 -16.34 -9.92
C LEU C 384 -21.88 -15.49 -10.22
N MET C 385 -20.71 -16.10 -10.36
CA MET C 385 -19.49 -15.35 -10.58
C MET C 385 -19.35 -15.02 -12.07
N PRO C 386 -18.63 -13.95 -12.40
CA PRO C 386 -18.40 -13.63 -13.82
C PRO C 386 -17.68 -14.77 -14.53
N ILE C 387 -18.12 -15.05 -15.75
CA ILE C 387 -17.65 -16.21 -16.49
C ILE C 387 -16.34 -15.91 -17.20
N GLU D 1 28.36 5.91 1.80
CA GLU D 1 26.97 6.19 1.51
C GLU D 1 26.78 6.57 0.04
N TYR D 2 27.61 7.48 -0.44
CA TYR D 2 27.60 7.82 -1.86
C TYR D 2 28.05 6.62 -2.69
N ARG D 3 27.39 6.43 -3.83
CA ARG D 3 27.70 5.37 -4.76
C ARG D 3 28.85 5.82 -5.66
N ASN D 4 29.82 4.93 -5.82
CA ASN D 4 31.01 5.25 -6.64
C ASN D 4 31.02 4.39 -7.87
N TRP D 5 30.48 3.20 -7.81
CA TRP D 5 30.50 2.25 -8.93
C TRP D 5 31.93 1.82 -9.27
N SER D 6 32.76 1.66 -8.24
CA SER D 6 34.18 1.39 -8.44
C SER D 6 34.46 -0.07 -8.82
N LYS D 7 33.47 -0.95 -8.70
CA LYS D 7 33.68 -2.34 -9.02
C LYS D 7 33.81 -2.52 -10.53
N PRO D 8 34.50 -3.58 -10.98
CA PRO D 8 34.58 -3.85 -12.42
C PRO D 8 33.23 -4.27 -12.99
N GLN D 9 33.18 -4.47 -14.30
CA GLN D 9 31.98 -4.95 -14.94
C GLN D 9 31.91 -6.47 -14.85
N CYS D 10 30.73 -6.99 -14.51
CA CYS D 10 30.55 -8.43 -14.42
C CYS D 10 30.73 -9.08 -15.79
N GLY D 11 31.35 -10.26 -15.78
CA GLY D 11 31.46 -11.04 -17.00
C GLY D 11 30.09 -11.44 -17.46
N ILE D 12 29.73 -11.07 -18.68
CA ILE D 12 28.38 -11.26 -19.20
C ILE D 12 28.45 -12.21 -20.39
N THR D 13 27.74 -13.33 -20.29
CA THR D 13 27.55 -14.25 -21.40
C THR D 13 26.19 -14.07 -22.06
N GLY D 14 25.39 -13.14 -21.58
CA GLY D 14 24.04 -12.98 -22.05
C GLY D 14 23.18 -12.37 -20.96
N PHE D 15 21.87 -12.51 -21.13
CA PHE D 15 20.92 -11.89 -20.23
C PHE D 15 19.82 -12.88 -19.86
N ALA D 16 19.39 -12.82 -18.60
CA ALA D 16 18.35 -13.68 -18.07
C ALA D 16 17.12 -12.86 -17.73
N PRO D 17 15.92 -13.43 -17.84
CA PRO D 17 14.70 -12.66 -17.55
C PRO D 17 14.68 -12.19 -16.11
N PHE D 18 14.24 -10.96 -15.91
CA PHE D 18 14.22 -10.40 -14.57
C PHE D 18 12.83 -9.99 -14.12
N SER D 19 12.09 -9.22 -14.92
CA SER D 19 10.82 -8.69 -14.47
C SER D 19 9.90 -8.49 -15.66
N LYS D 20 8.59 -8.51 -15.38
CA LYS D 20 7.54 -8.29 -16.36
C LYS D 20 6.31 -7.80 -15.62
N ASP D 21 5.79 -6.64 -16.02
CA ASP D 21 4.72 -6.01 -15.28
C ASP D 21 3.32 -6.38 -15.75
N ASN D 22 3.15 -6.80 -17.01
CA ASN D 22 1.84 -7.20 -17.55
C ASN D 22 0.82 -6.08 -17.43
N SER D 23 1.27 -4.84 -17.67
CA SER D 23 0.44 -3.66 -17.40
C SER D 23 -0.81 -3.65 -18.26
N ILE D 24 -0.67 -3.89 -19.57
CA ILE D 24 -1.82 -3.80 -20.47
C ILE D 24 -2.79 -4.94 -20.21
N ARG D 25 -2.27 -6.14 -19.94
CA ARG D 25 -3.14 -7.27 -19.65
C ARG D 25 -3.96 -7.04 -18.39
N LEU D 26 -3.33 -6.47 -17.35
CA LEU D 26 -4.04 -6.13 -16.13
C LEU D 26 -4.95 -4.92 -16.32
N SER D 27 -4.71 -4.10 -17.34
CA SER D 27 -5.56 -2.96 -17.62
C SER D 27 -6.97 -3.36 -18.02
N ALA D 28 -7.14 -4.53 -18.63
CA ALA D 28 -8.47 -4.93 -19.09
C ALA D 28 -9.44 -5.07 -17.93
N GLY D 29 -8.99 -5.62 -16.82
CA GLY D 29 -9.76 -5.57 -15.60
C GLY D 29 -8.93 -5.01 -14.46
N GLY D 30 -9.29 -3.81 -14.00
CA GLY D 30 -8.48 -3.13 -13.00
C GLY D 30 -8.04 -1.75 -13.48
N ASP D 31 -7.66 -0.89 -12.53
CA ASP D 31 -7.34 0.50 -12.83
C ASP D 31 -5.83 0.65 -12.91
N ILE D 32 -5.30 0.76 -14.12
CA ILE D 32 -3.88 0.81 -14.37
C ILE D 32 -3.57 2.07 -15.17
N TRP D 33 -2.50 2.77 -14.78
CA TRP D 33 -2.10 4.00 -15.44
C TRP D 33 -1.79 3.76 -16.92
N VAL D 34 -2.07 4.76 -17.74
CA VAL D 34 -1.58 4.81 -19.10
C VAL D 34 -0.20 5.48 -19.07
N THR D 35 0.80 4.77 -19.58
CA THR D 35 2.18 5.23 -19.48
C THR D 35 2.87 5.10 -20.83
N ARG D 36 4.04 5.71 -20.92
CA ARG D 36 4.97 5.50 -22.02
C ARG D 36 6.35 5.96 -21.55
N GLU D 37 7.37 5.64 -22.35
CA GLU D 37 8.76 5.94 -22.05
C GLU D 37 9.15 5.48 -20.64
N PRO D 38 9.07 4.18 -20.34
CA PRO D 38 9.47 3.71 -19.02
C PRO D 38 10.98 3.51 -18.92
N TYR D 39 11.44 3.34 -17.69
CA TYR D 39 12.83 2.98 -17.45
C TYR D 39 12.95 2.40 -16.04
N VAL D 40 14.09 1.79 -15.77
CA VAL D 40 14.36 1.15 -14.49
C VAL D 40 15.60 1.77 -13.88
N SER D 41 15.50 2.13 -12.61
CA SER D 41 16.66 2.57 -11.84
C SER D 41 16.54 1.93 -10.46
N CYS D 42 17.70 1.68 -9.84
CA CYS D 42 17.76 0.95 -8.59
C CYS D 42 18.49 1.76 -7.54
N ASP D 43 17.95 1.79 -6.34
CA ASP D 43 18.70 2.22 -5.17
C ASP D 43 19.54 1.05 -4.67
N PRO D 44 20.48 1.29 -3.74
CA PRO D 44 21.36 0.19 -3.30
C PRO D 44 20.62 -1.01 -2.73
N ASP D 45 19.33 -0.93 -2.49
CA ASP D 45 18.54 -2.09 -2.04
C ASP D 45 17.62 -2.64 -3.14
N LYS D 46 16.73 -1.84 -3.71
CA LYS D 46 15.71 -2.32 -4.67
C LYS D 46 15.78 -1.65 -6.04
N CYS D 47 15.14 -2.25 -6.99
CA CYS D 47 14.99 -1.67 -8.32
C CYS D 47 13.61 -1.08 -8.39
N TYR D 48 13.52 0.10 -8.93
CA TYR D 48 12.23 0.77 -9.15
C TYR D 48 11.99 0.91 -10.61
N GLN D 49 10.75 0.94 -10.98
CA GLN D 49 10.33 1.17 -12.35
C GLN D 49 9.71 2.56 -12.45
N PHE D 50 10.06 3.28 -13.51
CA PHE D 50 9.54 4.62 -13.76
C PHE D 50 8.83 4.63 -15.10
N ALA D 51 7.88 5.55 -15.24
CA ALA D 51 7.21 5.77 -16.51
C ALA D 51 6.59 7.15 -16.49
N LEU D 52 6.36 7.69 -17.67
CA LEU D 52 5.67 8.96 -17.84
C LEU D 52 4.20 8.63 -18.04
N GLY D 53 3.40 8.87 -17.00
CA GLY D 53 1.97 8.67 -17.09
C GLY D 53 1.31 9.74 -17.94
N GLN D 54 0.10 9.43 -18.39
CA GLN D 54 -0.69 10.38 -19.18
C GLN D 54 -1.78 11.05 -18.37
N GLY D 55 -1.73 10.95 -17.04
CA GLY D 55 -2.74 11.55 -16.20
C GLY D 55 -4.06 10.81 -16.21
N THR D 56 -4.05 9.54 -16.59
CA THR D 56 -5.28 8.78 -16.75
C THR D 56 -4.98 7.30 -16.61
N THR D 57 -6.03 6.53 -16.32
CA THR D 57 -5.96 5.09 -16.39
C THR D 57 -6.41 4.64 -17.77
N LEU D 58 -6.23 3.35 -18.07
CA LEU D 58 -6.57 2.87 -19.40
C LEU D 58 -8.08 2.79 -19.62
N ASN D 59 -8.83 2.23 -18.67
CA ASN D 59 -10.28 2.15 -18.78
C ASN D 59 -10.91 3.47 -18.33
N ASN D 60 -10.66 4.50 -19.13
CA ASN D 60 -10.95 5.87 -18.78
C ASN D 60 -11.26 6.66 -20.04
N VAL D 61 -12.18 7.62 -19.92
CA VAL D 61 -12.49 8.47 -21.06
C VAL D 61 -11.30 9.34 -21.44
N HIS D 62 -10.36 9.53 -20.51
CA HIS D 62 -9.20 10.38 -20.77
C HIS D 62 -8.05 9.62 -21.41
N SER D 63 -8.17 8.31 -21.57
CA SER D 63 -7.13 7.56 -22.28
C SER D 63 -7.20 7.79 -23.78
N ASN D 64 -8.28 8.40 -24.23
CA ASN D 64 -8.34 8.75 -25.65
C ASN D 64 -7.20 9.72 -25.98
N ASN D 65 -6.60 9.64 -27.16
CA ASN D 65 -5.53 10.51 -27.65
C ASN D 65 -4.34 10.58 -26.69
N THR D 66 -4.01 9.44 -26.07
CA THR D 66 -2.81 9.34 -25.25
C THR D 66 -1.56 9.06 -26.09
N VAL D 67 -1.65 9.24 -27.40
CA VAL D 67 -0.48 9.15 -28.27
C VAL D 67 0.33 10.42 -28.28
N ARG D 68 -0.22 11.49 -27.73
CA ARG D 68 0.45 12.79 -27.59
C ARG D 68 1.65 12.67 -26.65
N ASP D 69 2.79 13.23 -27.04
CA ASP D 69 4.00 13.08 -26.24
C ASP D 69 4.06 14.05 -25.07
N ARG D 70 3.59 15.29 -25.24
CA ARG D 70 3.76 16.34 -24.24
C ARG D 70 2.41 16.95 -23.90
N THR D 71 1.92 16.68 -22.71
CA THR D 71 0.67 17.24 -22.20
C THR D 71 0.95 17.77 -20.79
N PRO D 72 0.16 18.75 -20.33
CA PRO D 72 0.36 19.26 -18.96
C PRO D 72 0.09 18.23 -17.87
N TYR D 73 -0.63 17.15 -18.17
CA TYR D 73 -1.04 16.18 -17.17
C TYR D 73 -0.05 15.03 -17.00
N ARG D 74 1.01 14.98 -17.80
CA ARG D 74 1.98 13.90 -17.68
C ARG D 74 2.80 14.07 -16.40
N THR D 75 2.95 12.98 -15.67
CA THR D 75 3.71 12.94 -14.43
C THR D 75 4.60 11.70 -14.45
N LEU D 76 5.68 11.74 -13.70
CA LEU D 76 6.61 10.62 -13.59
C LEU D 76 6.12 9.69 -12.49
N LEU D 77 5.70 8.49 -12.87
CA LEU D 77 5.28 7.47 -11.92
C LEU D 77 6.49 6.67 -11.44
N MET D 78 6.45 6.26 -10.18
CA MET D 78 7.57 5.56 -9.56
C MET D 78 7.01 4.46 -8.69
N ASN D 79 7.23 3.21 -9.08
CA ASN D 79 6.84 2.06 -8.30
C ASN D 79 8.06 1.15 -8.12
N GLU D 80 7.94 0.21 -7.18
CA GLU D 80 8.94 -0.85 -7.12
C GLU D 80 8.85 -1.72 -8.36
N LEU D 81 10.00 -2.22 -8.81
CA LEU D 81 10.02 -3.07 -10.00
C LEU D 81 9.18 -4.32 -9.77
N GLY D 82 8.15 -4.49 -10.58
CA GLY D 82 7.22 -5.59 -10.39
C GLY D 82 5.83 -5.12 -10.03
N VAL D 83 5.72 -4.09 -9.22
CA VAL D 83 4.41 -3.55 -8.87
C VAL D 83 3.88 -2.76 -10.06
N PRO D 84 2.76 -3.18 -10.65
CA PRO D 84 2.19 -2.42 -11.77
C PRO D 84 1.69 -1.07 -11.32
N PHE D 85 1.62 -0.14 -12.27
CA PHE D 85 1.22 1.24 -12.00
C PHE D 85 -0.28 1.27 -11.74
N HIS D 86 -0.65 0.88 -10.52
CA HIS D 86 -2.04 0.91 -10.07
C HIS D 86 -2.36 2.30 -9.53
N LEU D 87 -3.55 2.47 -8.94
CA LEU D 87 -3.98 3.79 -8.49
C LEU D 87 -3.23 4.29 -7.27
N GLY D 88 -2.57 3.41 -6.52
CA GLY D 88 -1.75 3.81 -5.40
C GLY D 88 -0.35 4.24 -5.77
N THR D 89 -0.03 4.26 -7.06
CA THR D 89 1.30 4.63 -7.52
C THR D 89 1.57 6.11 -7.26
N LYS D 90 2.77 6.42 -6.80
CA LYS D 90 3.17 7.80 -6.55
C LYS D 90 3.72 8.43 -7.82
N GLN D 91 3.18 9.59 -8.20
CA GLN D 91 3.77 10.42 -9.24
C GLN D 91 4.67 11.45 -8.56
N VAL D 92 5.97 11.37 -8.84
CA VAL D 92 6.96 12.13 -8.09
C VAL D 92 7.15 13.54 -8.62
N CYS D 93 6.68 13.85 -9.82
CA CYS D 93 6.87 15.17 -10.40
C CYS D 93 6.01 15.28 -11.65
N ILE D 94 5.87 16.52 -12.12
CA ILE D 94 5.23 16.78 -13.42
C ILE D 94 6.32 16.71 -14.49
N ALA D 95 6.13 15.82 -15.47
CA ALA D 95 7.16 15.62 -16.47
C ALA D 95 6.58 14.89 -17.68
N TRP D 96 6.85 15.42 -18.87
CA TRP D 96 6.75 14.65 -20.09
C TRP D 96 8.13 14.28 -20.64
N SER D 97 9.18 14.58 -19.91
CA SER D 97 10.53 14.08 -20.17
C SER D 97 11.25 13.95 -18.83
N SER D 98 11.88 12.82 -18.62
CA SER D 98 12.30 12.48 -17.26
C SER D 98 13.61 11.72 -17.25
N SER D 99 14.26 11.75 -16.09
CA SER D 99 15.43 10.95 -15.80
C SER D 99 15.59 10.89 -14.29
N SER D 100 15.92 9.70 -13.79
CA SER D 100 15.94 9.48 -12.34
C SER D 100 17.28 8.91 -11.90
N CYS D 101 17.74 9.36 -10.74
CA CYS D 101 19.04 9.05 -10.18
C CYS D 101 18.91 8.69 -8.71
N HIS D 102 19.69 7.70 -8.28
CA HIS D 102 19.93 7.48 -6.85
C HIS D 102 21.43 7.49 -6.63
N ASP D 103 21.91 8.50 -5.91
CA ASP D 103 23.33 8.68 -5.66
C ASP D 103 23.83 7.89 -4.46
N GLY D 104 23.02 6.97 -3.94
CA GLY D 104 23.34 6.22 -2.76
C GLY D 104 22.74 6.77 -1.48
N LYS D 105 22.33 8.03 -1.47
CA LYS D 105 21.71 8.66 -0.32
C LYS D 105 20.25 8.98 -0.54
N ALA D 106 19.89 9.48 -1.72
CA ALA D 106 18.53 9.91 -2.01
C ALA D 106 18.30 9.86 -3.51
N TRP D 107 17.03 9.93 -3.89
CA TRP D 107 16.65 9.92 -5.30
C TRP D 107 16.74 11.32 -5.88
N LEU D 108 17.30 11.42 -7.09
CA LEU D 108 17.26 12.62 -7.90
C LEU D 108 16.32 12.39 -9.06
N HIS D 109 15.42 13.33 -9.29
CA HIS D 109 14.50 13.29 -10.41
C HIS D 109 14.66 14.55 -11.24
N VAL D 110 14.95 14.38 -12.53
CA VAL D 110 15.02 15.48 -13.48
C VAL D 110 13.76 15.43 -14.31
N CYS D 111 12.91 16.45 -14.17
CA CYS D 111 11.57 16.45 -14.73
C CYS D 111 11.38 17.67 -15.60
N ILE D 112 10.97 17.47 -16.84
CA ILE D 112 10.77 18.54 -17.80
C ILE D 112 9.29 18.63 -18.14
N THR D 113 8.74 19.84 -18.05
CA THR D 113 7.34 20.07 -18.33
C THR D 113 7.16 21.52 -18.75
N GLY D 114 5.96 21.87 -19.15
CA GLY D 114 5.65 23.20 -19.60
C GLY D 114 5.47 23.28 -21.10
N ASP D 115 5.60 24.49 -21.62
CA ASP D 115 5.43 24.73 -23.05
C ASP D 115 6.54 24.04 -23.84
N ASP D 116 6.20 23.67 -25.08
CA ASP D 116 7.18 23.02 -25.95
C ASP D 116 8.37 23.92 -26.22
N LYS D 117 8.13 25.22 -26.36
CA LYS D 117 9.18 26.19 -26.70
C LYS D 117 9.61 26.97 -25.49
N ASN D 118 9.18 26.64 -24.28
CA ASN D 118 9.70 27.31 -23.05
C ASN D 118 9.60 26.31 -21.90
N ALA D 119 10.01 25.08 -22.17
CA ALA D 119 9.95 24.02 -21.18
C ALA D 119 10.81 24.36 -19.96
N THR D 120 10.41 23.80 -18.82
CA THR D 120 11.13 23.94 -17.56
C THR D 120 11.60 22.58 -17.10
N ALA D 121 12.87 22.49 -16.71
CA ALA D 121 13.43 21.28 -16.13
C ALA D 121 13.57 21.48 -14.62
N SER D 122 12.83 20.69 -13.86
CA SER D 122 12.92 20.71 -12.40
C SER D 122 13.87 19.62 -11.94
N PHE D 123 14.66 19.93 -10.92
CA PHE D 123 15.61 19.00 -10.33
C PHE D 123 15.16 18.73 -8.90
N ILE D 124 14.69 17.52 -8.65
CA ILE D 124 14.09 17.15 -7.37
C ILE D 124 14.99 16.12 -6.71
N TYR D 125 15.55 16.47 -5.57
CA TYR D 125 16.47 15.60 -4.84
C TYR D 125 15.95 15.46 -3.41
N ASN D 126 15.86 14.21 -2.95
CA ASN D 126 15.35 13.89 -1.61
C ASN D 126 13.97 14.49 -1.36
N GLY D 127 13.10 14.45 -2.38
CA GLY D 127 11.76 14.96 -2.23
C GLY D 127 11.66 16.47 -2.16
N ARG D 128 12.49 17.20 -2.85
CA ARG D 128 12.48 18.65 -2.77
C ARG D 128 12.99 19.23 -4.05
N LEU D 129 12.38 20.28 -4.55
CA LEU D 129 12.95 21.03 -5.68
C LEU D 129 14.19 21.76 -5.21
N VAL D 130 15.34 21.41 -5.77
CA VAL D 130 16.59 22.06 -5.43
C VAL D 130 17.01 23.06 -6.51
N ASP D 131 16.72 22.77 -7.77
CA ASP D 131 17.19 23.62 -8.85
C ASP D 131 16.21 23.53 -10.02
N SER D 132 16.35 24.47 -10.95
CA SER D 132 15.49 24.55 -12.11
C SER D 132 16.22 25.28 -13.22
N VAL D 133 16.03 24.82 -14.45
CA VAL D 133 16.63 25.45 -15.62
C VAL D 133 15.60 25.50 -16.74
N VAL D 134 15.62 26.59 -17.50
CA VAL D 134 14.71 26.80 -18.61
C VAL D 134 15.36 26.27 -19.88
N SER D 135 14.53 25.97 -20.86
CA SER D 135 15.02 25.59 -22.19
C SER D 135 15.91 26.69 -22.75
N TRP D 136 17.08 26.29 -23.23
CA TRP D 136 18.05 27.25 -23.76
C TRP D 136 17.92 27.47 -25.26
N SER D 137 17.39 26.51 -26.00
CA SER D 137 17.16 26.67 -27.43
C SER D 137 15.70 26.96 -27.78
N LYS D 138 14.81 27.04 -26.79
CA LYS D 138 13.40 27.34 -27.01
C LYS D 138 12.73 26.36 -27.96
N ASP D 139 13.15 25.10 -27.89
CA ASP D 139 12.50 24.00 -28.58
C ASP D 139 12.18 22.95 -27.53
N ILE D 140 11.79 21.75 -27.94
CA ILE D 140 11.40 20.72 -26.98
C ILE D 140 12.64 20.33 -26.18
N LEU D 141 12.70 20.78 -24.93
CA LEU D 141 13.77 20.37 -24.03
C LEU D 141 13.49 18.95 -23.56
N ARG D 142 14.47 18.06 -23.75
CA ARG D 142 14.27 16.65 -23.49
C ARG D 142 15.49 16.11 -22.76
N THR D 143 15.34 14.92 -22.19
CA THR D 143 16.43 14.30 -21.43
C THR D 143 16.44 12.81 -21.77
N GLN D 144 17.14 12.03 -20.95
CA GLN D 144 17.55 10.68 -21.32
C GLN D 144 16.37 9.72 -21.44
N GLU D 145 15.29 9.95 -20.70
CA GLU D 145 14.19 9.00 -20.57
C GLU D 145 14.65 7.67 -19.99
N SER D 146 15.74 7.69 -19.23
CA SER D 146 16.25 6.50 -18.56
C SER D 146 16.95 6.94 -17.29
N GLU D 147 17.63 6.01 -16.63
CA GLU D 147 18.35 6.31 -15.41
C GLU D 147 19.59 7.13 -15.74
N CYS D 148 19.84 8.14 -14.92
CA CYS D 148 21.10 8.86 -14.97
C CYS D 148 22.08 8.24 -13.96
N VAL D 149 23.34 8.65 -14.04
CA VAL D 149 24.42 8.02 -13.29
C VAL D 149 25.03 9.03 -12.35
N CYS D 150 25.18 8.65 -11.08
CA CYS D 150 25.87 9.44 -10.08
C CYS D 150 27.15 8.72 -9.65
N ILE D 151 28.24 9.46 -9.57
CA ILE D 151 29.50 8.97 -9.04
C ILE D 151 29.94 9.94 -7.96
N ASN D 152 30.10 9.43 -6.74
CA ASN D 152 30.65 10.21 -5.60
C ASN D 152 29.79 11.41 -5.28
N GLY D 153 28.51 11.26 -5.41
CA GLY D 153 27.58 12.32 -5.11
C GLY D 153 27.31 13.26 -6.27
N THR D 154 28.02 13.10 -7.38
CA THR D 154 27.83 13.94 -8.55
C THR D 154 27.08 13.15 -9.61
N CYS D 155 25.84 13.55 -9.88
CA CYS D 155 25.04 12.94 -10.92
C CYS D 155 25.20 13.71 -12.22
N THR D 156 25.20 12.99 -13.33
CA THR D 156 25.31 13.60 -14.64
C THR D 156 24.09 13.23 -15.47
N VAL D 157 23.52 14.22 -16.15
CA VAL D 157 22.34 14.03 -16.98
C VAL D 157 22.59 14.71 -18.32
N VAL D 158 22.12 14.07 -19.39
CA VAL D 158 22.27 14.60 -20.74
C VAL D 158 20.94 15.20 -21.15
N MET D 159 20.96 16.49 -21.51
CA MET D 159 19.76 17.20 -21.91
C MET D 159 19.97 17.80 -23.29
N THR D 160 18.95 17.71 -24.13
CA THR D 160 19.01 18.22 -25.49
C THR D 160 17.91 19.26 -25.70
N ASP D 161 18.26 20.32 -26.42
CA ASP D 161 17.30 21.35 -26.78
C ASP D 161 17.53 21.74 -28.23
N GLY D 162 16.52 21.59 -29.06
CA GLY D 162 16.65 21.90 -30.47
C GLY D 162 15.72 21.11 -31.35
N SER D 163 16.14 20.84 -32.58
CA SER D 163 15.31 20.16 -33.56
C SER D 163 15.67 18.69 -33.62
N ALA D 164 14.67 17.87 -33.96
CA ALA D 164 14.87 16.44 -34.15
C ALA D 164 15.43 16.09 -35.52
N SER D 165 15.37 17.03 -36.47
CA SER D 165 15.82 16.78 -37.84
C SER D 165 17.05 17.60 -38.20
N GLY D 166 17.77 18.10 -37.22
CA GLY D 166 18.99 18.86 -37.46
C GLY D 166 19.78 19.07 -36.19
N LYS D 167 20.73 20.00 -36.20
CA LYS D 167 21.60 20.26 -35.03
C LYS D 167 20.76 20.68 -33.84
N ALA D 168 21.14 20.23 -32.67
CA ALA D 168 20.38 20.54 -31.46
C ALA D 168 21.41 20.85 -30.40
N ASP D 169 21.02 21.58 -29.39
CA ASP D 169 21.99 21.97 -28.37
C ASP D 169 21.94 20.92 -27.29
N THR D 170 22.92 20.09 -27.30
CA THR D 170 22.99 19.07 -26.26
C THR D 170 23.94 19.53 -25.16
N LYS D 171 23.48 19.45 -23.92
CA LYS D 171 24.26 19.84 -22.76
C LYS D 171 24.34 18.68 -21.78
N ILE D 172 25.46 18.59 -21.08
CA ILE D 172 25.66 17.63 -20.01
C ILE D 172 25.67 18.40 -18.70
N LEU D 173 24.76 18.05 -17.81
CA LEU D 173 24.58 18.76 -16.55
C LEU D 173 25.13 17.91 -15.41
N PHE D 174 26.01 18.49 -14.61
CA PHE D 174 26.57 17.86 -13.43
C PHE D 174 25.79 18.35 -12.22
N ILE D 175 25.13 17.43 -11.53
CA ILE D 175 24.22 17.76 -10.44
C ILE D 175 24.73 17.12 -9.16
N GLU D 176 24.83 17.93 -8.11
CA GLU D 176 25.20 17.46 -6.77
C GLU D 176 24.07 17.79 -5.81
N GLU D 177 23.38 16.76 -5.34
CA GLU D 177 22.27 16.90 -4.39
C GLU D 177 21.18 17.82 -4.93
N GLY D 178 20.88 17.68 -6.22
CA GLY D 178 19.84 18.44 -6.87
C GLY D 178 20.29 19.76 -7.45
N LYS D 179 21.51 20.15 -7.11
CA LYS D 179 22.05 21.46 -7.53
C LYS D 179 22.90 21.31 -8.77
N ILE D 180 22.64 22.15 -9.76
CA ILE D 180 23.47 22.14 -10.95
C ILE D 180 24.77 22.87 -10.62
N VAL D 181 25.86 22.12 -10.53
CA VAL D 181 27.15 22.72 -10.21
C VAL D 181 27.96 23.05 -11.46
N HIS D 182 27.70 22.36 -12.57
CA HIS D 182 28.38 22.64 -13.82
C HIS D 182 27.50 22.23 -14.98
N THR D 183 27.62 22.96 -16.08
CA THR D 183 26.91 22.65 -17.32
C THR D 183 27.91 22.69 -18.45
N SER D 184 28.06 21.56 -19.13
CA SER D 184 29.03 21.42 -20.22
C SER D 184 28.30 21.20 -21.53
N THR D 185 28.62 22.04 -22.52
CA THR D 185 28.12 21.82 -23.87
C THR D 185 28.77 20.58 -24.47
N LEU D 186 27.98 19.80 -25.20
CA LEU D 186 28.46 18.56 -25.79
C LEU D 186 29.64 18.82 -26.71
N SER D 187 30.69 18.04 -26.56
CA SER D 187 31.90 18.17 -27.35
C SER D 187 32.25 16.83 -27.97
N GLY D 188 32.77 16.87 -29.19
CA GLY D 188 33.16 15.65 -29.88
C GLY D 188 32.59 15.53 -31.28
N SER D 189 32.61 14.32 -31.82
CA SER D 189 32.20 14.11 -33.20
C SER D 189 30.74 13.70 -33.34
N ALA D 190 30.05 13.39 -32.25
CA ALA D 190 28.63 13.07 -32.33
C ALA D 190 27.84 14.31 -32.71
N GLN D 191 27.05 14.19 -33.77
CA GLN D 191 26.38 15.34 -34.38
C GLN D 191 24.98 15.57 -33.82
N HIS D 192 24.23 14.50 -33.56
CA HIS D 192 22.92 14.59 -32.94
C HIS D 192 22.86 13.56 -31.80
N VAL D 193 22.54 14.04 -30.61
CA VAL D 193 22.55 13.21 -29.40
C VAL D 193 21.22 13.35 -28.70
N GLU D 194 20.57 12.21 -28.43
CA GLU D 194 19.23 12.21 -27.88
C GLU D 194 19.00 10.93 -27.09
N GLU D 195 18.28 11.06 -25.99
CA GLU D 195 17.78 9.93 -25.19
C GLU D 195 18.89 8.94 -24.87
N CYS D 196 19.90 9.44 -24.17
CA CYS D 196 21.10 8.66 -23.88
C CYS D 196 20.81 7.59 -22.83
N SER D 197 21.28 6.37 -23.10
CA SER D 197 21.32 5.30 -22.12
C SER D 197 22.71 5.32 -21.49
N CYS D 198 22.79 5.82 -20.27
CA CYS D 198 24.06 6.03 -19.59
C CYS D 198 24.26 4.95 -18.54
N TYR D 199 25.50 4.48 -18.43
CA TYR D 199 25.88 3.53 -17.41
C TYR D 199 27.22 3.95 -16.80
N PRO D 200 27.47 3.62 -15.54
CA PRO D 200 28.76 3.99 -14.94
C PRO D 200 29.91 3.14 -15.44
N ARG D 201 30.82 3.77 -16.18
CA ARG D 201 32.09 3.15 -16.53
C ARG D 201 33.21 3.87 -15.78
N TYR D 202 33.44 3.41 -14.56
CA TYR D 202 34.31 4.11 -13.63
C TYR D 202 35.71 4.27 -14.22
N PRO D 203 36.35 5.43 -14.07
CA PRO D 203 35.95 6.59 -13.25
C PRO D 203 34.94 7.54 -13.89
N GLY D 204 34.46 7.24 -15.11
CA GLY D 204 33.55 8.16 -15.76
C GLY D 204 32.16 7.60 -16.01
N VAL D 205 31.43 8.22 -16.93
CA VAL D 205 30.10 7.78 -17.33
C VAL D 205 30.08 7.70 -18.85
N ARG D 206 29.56 6.59 -19.37
CA ARG D 206 29.43 6.38 -20.80
C ARG D 206 27.96 6.31 -21.17
N CYS D 207 27.58 7.09 -22.18
CA CYS D 207 26.20 7.18 -22.63
C CYS D 207 26.10 6.77 -24.09
N VAL D 208 25.20 5.84 -24.38
CA VAL D 208 24.87 5.46 -25.74
C VAL D 208 23.51 6.05 -26.06
N CYS D 209 23.46 6.91 -27.05
CA CYS D 209 22.29 7.73 -27.36
C CYS D 209 21.74 7.34 -28.72
N ARG D 210 20.73 8.07 -29.18
CA ARG D 210 20.19 7.90 -30.51
C ARG D 210 20.47 9.14 -31.34
N ASP D 211 20.80 8.94 -32.61
CA ASP D 211 20.93 10.01 -33.57
C ASP D 211 19.62 10.05 -34.38
N ASN D 212 18.85 11.11 -34.20
CA ASN D 212 17.58 11.27 -34.88
C ASN D 212 17.71 12.06 -36.17
N TRP D 213 18.94 12.39 -36.58
CA TRP D 213 19.15 13.31 -37.69
C TRP D 213 19.78 12.64 -38.90
N LYS D 214 20.95 12.02 -38.76
CA LYS D 214 21.69 11.57 -39.93
C LYS D 214 22.39 10.23 -39.76
N GLY D 215 22.04 9.43 -38.77
CA GLY D 215 22.77 8.19 -38.53
C GLY D 215 21.90 7.13 -37.89
N SER D 216 22.09 5.90 -38.33
CA SER D 216 21.54 4.73 -37.68
C SER D 216 22.52 4.07 -36.73
N ASN D 217 23.77 4.52 -36.70
CA ASN D 217 24.70 4.11 -35.66
C ASN D 217 24.49 4.97 -34.42
N ARG D 218 24.65 4.35 -33.27
CA ARG D 218 24.32 5.08 -32.06
C ARG D 218 25.50 5.93 -31.61
N PRO D 219 25.25 7.21 -31.31
CA PRO D 219 26.32 8.07 -30.79
C PRO D 219 26.72 7.65 -29.39
N ILE D 220 27.97 7.95 -29.06
CA ILE D 220 28.53 7.70 -27.73
C ILE D 220 28.92 9.02 -27.11
N VAL D 221 28.62 9.20 -25.83
CA VAL D 221 29.08 10.34 -25.06
C VAL D 221 29.89 9.79 -23.89
N ASP D 222 31.14 10.20 -23.80
CA ASP D 222 32.03 9.80 -22.70
C ASP D 222 32.20 10.98 -21.76
N ILE D 223 31.79 10.80 -20.50
CA ILE D 223 31.78 11.87 -19.52
C ILE D 223 32.78 11.50 -18.42
N ASN D 224 33.75 12.38 -18.19
CA ASN D 224 34.70 12.22 -17.10
C ASN D 224 34.16 12.95 -15.87
N ILE D 225 33.89 12.20 -14.81
CA ILE D 225 33.32 12.80 -13.61
C ILE D 225 34.34 13.70 -12.91
N LYS D 226 35.58 13.25 -12.79
CA LYS D 226 36.62 14.05 -12.11
C LYS D 226 36.83 15.36 -12.84
N ASP D 227 36.97 15.35 -14.16
CA ASP D 227 37.39 16.52 -14.92
C ASP D 227 36.26 17.26 -15.61
N HIS D 228 35.05 16.71 -15.60
CA HIS D 228 33.92 17.25 -16.36
C HIS D 228 34.26 17.40 -17.83
N SER D 229 34.94 16.39 -18.39
CA SER D 229 35.31 16.36 -19.79
C SER D 229 34.29 15.54 -20.58
N ILE D 230 33.99 16.01 -21.80
CA ILE D 230 33.00 15.37 -22.65
C ILE D 230 33.69 14.95 -23.95
N VAL D 231 33.50 13.70 -24.34
CA VAL D 231 34.03 13.15 -25.57
C VAL D 231 32.91 12.41 -26.30
N SER D 232 32.78 12.64 -27.60
CA SER D 232 31.68 12.10 -28.37
C SER D 232 32.20 11.29 -29.55
N SER D 233 31.57 10.14 -29.78
CA SER D 233 31.87 9.30 -30.94
C SER D 233 30.62 8.51 -31.33
N TYR D 234 30.80 7.46 -32.13
CA TYR D 234 29.70 6.60 -32.51
C TYR D 234 30.07 5.15 -32.24
N VAL D 235 29.05 4.34 -31.96
CA VAL D 235 29.26 2.90 -31.80
C VAL D 235 29.77 2.34 -33.12
N CYS D 236 30.96 1.76 -33.09
CA CYS D 236 31.65 1.42 -34.33
C CYS D 236 31.05 0.20 -35.01
N SER D 237 30.32 -0.64 -34.26
CA SER D 237 29.82 -1.91 -34.76
C SER D 237 29.04 -1.74 -36.06
N GLY D 238 29.38 -2.56 -37.06
CA GLY D 238 28.70 -2.52 -38.34
C GLY D 238 27.26 -2.94 -38.28
N LEU D 239 26.88 -3.68 -37.24
CA LEU D 239 25.49 -4.02 -36.99
C LEU D 239 24.88 -2.88 -36.18
N VAL D 240 24.28 -1.92 -36.88
CA VAL D 240 23.78 -0.72 -36.22
C VAL D 240 22.56 -1.04 -35.36
N GLY D 241 22.40 -0.28 -34.29
CA GLY D 241 21.37 -0.57 -33.30
C GLY D 241 20.12 0.28 -33.34
N ASP D 242 20.10 1.30 -34.19
CA ASP D 242 18.96 2.20 -34.25
C ASP D 242 17.87 1.65 -35.17
N THR D 243 16.67 2.20 -35.02
CA THR D 243 15.54 1.91 -35.90
C THR D 243 14.94 3.24 -36.31
N PRO D 244 14.84 3.55 -37.60
CA PRO D 244 15.13 2.73 -38.79
C PRO D 244 16.61 2.47 -39.02
N ARG D 245 16.91 1.48 -39.85
CA ARG D 245 18.28 1.17 -40.24
C ARG D 245 18.22 0.33 -41.51
N LYS D 246 19.39 0.02 -42.04
CA LYS D 246 19.49 -0.89 -43.17
C LYS D 246 19.58 -2.33 -42.67
N ASN D 247 19.38 -3.26 -43.60
CA ASN D 247 19.49 -4.72 -43.31
C ASN D 247 20.92 -5.04 -42.89
N ASP D 248 21.12 -6.20 -42.27
CA ASP D 248 22.43 -6.58 -41.76
C ASP D 248 23.48 -6.68 -42.87
N SER D 249 23.05 -6.89 -44.12
CA SER D 249 23.98 -6.95 -45.24
C SER D 249 24.51 -5.57 -45.61
N SER D 250 23.65 -4.55 -45.57
CA SER D 250 23.99 -3.22 -46.07
C SER D 250 24.29 -2.21 -44.97
N SER D 251 24.24 -2.66 -43.74
CA SER D 251 24.56 -1.72 -42.67
C SER D 251 26.04 -1.35 -42.75
N SER D 252 26.40 -0.16 -42.28
CA SER D 252 27.80 0.29 -42.20
C SER D 252 27.80 1.15 -40.96
N SER D 253 28.95 1.41 -40.36
CA SER D 253 29.07 2.33 -39.20
C SER D 253 30.43 2.99 -39.38
N HIS D 254 30.63 4.20 -38.83
CA HIS D 254 31.87 4.95 -39.14
C HIS D 254 32.75 4.96 -37.92
N CYS D 255 32.13 4.96 -36.79
CA CYS D 255 32.80 4.94 -35.49
C CYS D 255 33.25 6.34 -35.08
N LEU D 256 33.12 7.30 -35.98
CA LEU D 256 33.34 8.71 -35.67
C LEU D 256 32.23 9.61 -36.18
N ASP D 257 31.52 9.20 -37.22
CA ASP D 257 30.48 10.01 -37.84
C ASP D 257 29.20 9.21 -37.97
N PRO D 258 28.05 9.85 -38.14
CA PRO D 258 26.85 9.11 -38.53
C PRO D 258 27.04 8.47 -39.90
N ASN D 259 26.39 7.31 -40.08
CA ASN D 259 26.58 6.51 -41.27
C ASN D 259 25.74 6.98 -42.45
N ASN D 260 24.84 7.94 -42.25
CA ASN D 260 23.96 8.44 -43.30
C ASN D 260 23.15 7.31 -43.95
N GLU D 261 22.63 6.42 -43.11
CA GLU D 261 21.87 5.27 -43.57
C GLU D 261 20.56 5.21 -42.78
N GLU D 262 19.49 5.72 -43.39
CA GLU D 262 18.16 5.75 -42.77
C GLU D 262 18.22 6.38 -41.39
N GLY D 263 19.15 7.31 -41.19
CA GLY D 263 19.42 7.83 -39.86
C GLY D 263 18.37 8.72 -39.27
N GLY D 264 17.55 9.29 -40.13
CA GLY D 264 16.45 10.10 -39.64
C GLY D 264 15.52 9.24 -38.84
N HIS D 265 15.14 9.73 -37.66
CA HIS D 265 14.24 9.00 -36.75
C HIS D 265 15.11 8.04 -35.96
N GLY D 266 14.54 7.37 -35.01
CA GLY D 266 15.32 6.48 -34.19
C GLY D 266 14.47 5.96 -33.08
N VAL D 267 15.07 5.17 -32.26
CA VAL D 267 14.38 4.64 -31.08
C VAL D 267 15.44 4.72 -30.06
N LYS D 268 15.04 4.97 -28.87
CA LYS D 268 15.94 4.92 -27.73
C LYS D 268 16.46 3.50 -27.55
N GLY D 269 17.76 3.36 -27.45
CA GLY D 269 18.39 2.05 -27.30
C GLY D 269 19.58 2.10 -26.38
N TRP D 270 20.35 1.01 -26.32
CA TRP D 270 21.46 0.90 -25.39
C TRP D 270 22.56 0.06 -26.01
N ALA D 271 23.75 0.20 -25.44
CA ALA D 271 24.92 -0.58 -25.79
C ALA D 271 25.97 -0.37 -24.71
N PHE D 272 26.76 -1.41 -24.45
CA PHE D 272 27.89 -1.28 -23.55
C PHE D 272 29.01 -2.17 -24.05
N ASP D 273 30.25 -1.78 -23.77
CA ASP D 273 31.43 -2.44 -24.29
C ASP D 273 31.88 -3.54 -23.33
N ASP D 274 32.41 -4.62 -23.90
CA ASP D 274 33.04 -5.70 -23.16
C ASP D 274 34.40 -5.91 -23.80
N GLY D 275 35.39 -5.16 -23.33
CA GLY D 275 36.66 -5.12 -24.03
C GLY D 275 36.48 -4.44 -25.36
N ASN D 276 36.91 -5.11 -26.43
CA ASN D 276 36.69 -4.60 -27.78
C ASN D 276 35.30 -4.94 -28.32
N ASP D 277 34.59 -5.85 -27.67
CA ASP D 277 33.26 -6.24 -28.11
C ASP D 277 32.20 -5.30 -27.55
N VAL D 278 31.03 -5.31 -28.17
CA VAL D 278 29.91 -4.50 -27.74
C VAL D 278 28.70 -5.39 -27.52
N TRP D 279 28.04 -5.22 -26.39
CA TRP D 279 26.74 -5.82 -26.15
C TRP D 279 25.67 -4.78 -26.45
N MET D 280 24.77 -5.11 -27.37
CA MET D 280 23.79 -4.14 -27.84
C MET D 280 22.43 -4.80 -27.97
N GLY D 281 21.39 -3.98 -27.87
CA GLY D 281 20.04 -4.43 -28.12
C GLY D 281 19.38 -3.54 -29.14
N ARG D 282 18.50 -4.15 -29.94
CA ARG D 282 17.82 -3.41 -31.00
C ARG D 282 16.55 -4.17 -31.38
N THR D 283 15.68 -3.47 -32.10
CA THR D 283 14.50 -4.11 -32.67
C THR D 283 14.92 -5.08 -33.78
N ILE D 284 14.22 -6.21 -33.84
CA ILE D 284 14.49 -7.18 -34.90
C ILE D 284 14.11 -6.60 -36.25
N ASN D 285 12.97 -5.92 -36.31
CA ASN D 285 12.50 -5.28 -37.56
C ASN D 285 13.36 -4.05 -37.85
N GLU D 286 13.86 -3.88 -39.07
CA GLU D 286 14.74 -2.78 -39.43
C GLU D 286 14.02 -1.44 -39.47
N THR D 287 12.77 -1.41 -39.93
CA THR D 287 12.03 -0.18 -40.13
C THR D 287 11.02 0.12 -39.03
N SER D 288 10.50 -0.90 -38.36
CA SER D 288 9.49 -0.71 -37.32
C SER D 288 10.02 -1.18 -35.97
N ARG D 289 9.34 -0.74 -34.91
CA ARG D 289 9.68 -1.14 -33.55
C ARG D 289 8.94 -2.45 -33.22
N LEU D 290 9.29 -3.49 -33.97
CA LEU D 290 8.71 -4.81 -33.82
C LEU D 290 9.82 -5.79 -33.45
N GLY D 291 9.61 -6.56 -32.40
CA GLY D 291 10.59 -7.50 -31.94
C GLY D 291 11.77 -6.84 -31.25
N TYR D 292 12.49 -7.64 -30.48
CA TYR D 292 13.69 -7.16 -29.81
C TYR D 292 14.70 -8.29 -29.71
N GLU D 293 15.95 -7.99 -30.05
CA GLU D 293 17.04 -8.95 -29.96
C GLU D 293 18.22 -8.29 -29.26
N THR D 294 18.98 -9.12 -28.56
CA THR D 294 20.25 -8.71 -27.98
C THR D 294 21.33 -9.68 -28.43
N PHE D 295 22.51 -9.15 -28.72
CA PHE D 295 23.61 -9.99 -29.15
C PHE D 295 24.91 -9.28 -28.79
N LYS D 296 26.03 -9.95 -29.09
CA LYS D 296 27.35 -9.37 -28.89
C LYS D 296 28.05 -9.34 -30.24
N VAL D 297 28.64 -8.20 -30.56
CA VAL D 297 29.41 -8.04 -31.80
C VAL D 297 30.88 -8.15 -31.45
N ILE D 298 31.56 -9.11 -32.09
CA ILE D 298 32.98 -9.34 -31.82
C ILE D 298 33.79 -8.19 -32.39
N GLU D 299 34.61 -7.57 -31.54
CA GLU D 299 35.37 -6.37 -31.90
C GLU D 299 34.45 -5.26 -32.40
N GLY D 300 33.25 -5.21 -31.85
CA GLY D 300 32.26 -4.25 -32.27
C GLY D 300 32.38 -2.87 -31.67
N TRP D 301 33.18 -2.73 -30.60
CA TRP D 301 33.39 -1.42 -30.00
C TRP D 301 34.59 -0.69 -30.60
N SER D 302 35.38 -1.35 -31.44
CA SER D 302 36.57 -0.73 -32.01
C SER D 302 36.66 -0.82 -33.52
N ASN D 303 36.10 -1.85 -34.14
CA ASN D 303 36.22 -2.06 -35.59
C ASN D 303 34.94 -1.61 -36.27
N PRO D 304 34.98 -0.58 -37.12
CA PRO D 304 33.79 -0.14 -37.83
C PRO D 304 33.28 -1.10 -38.90
N LYS D 305 34.03 -2.17 -39.16
CA LYS D 305 33.69 -3.10 -40.27
C LYS D 305 33.25 -4.45 -39.72
N SER D 306 33.35 -4.63 -38.41
CA SER D 306 33.02 -5.93 -37.84
C SER D 306 31.52 -6.16 -37.85
N LYS D 307 31.12 -7.31 -38.40
CA LYS D 307 29.73 -7.72 -38.39
C LYS D 307 29.59 -9.13 -37.81
N LEU D 308 30.58 -9.53 -37.02
CA LEU D 308 30.60 -10.87 -36.42
C LEU D 308 29.70 -10.87 -35.19
N GLN D 309 28.57 -11.54 -35.29
CA GLN D 309 27.59 -11.61 -34.23
C GLN D 309 27.78 -12.89 -33.42
N THR D 310 27.42 -12.84 -32.14
CA THR D 310 27.40 -14.03 -31.30
C THR D 310 26.50 -13.76 -30.10
N ASN D 311 26.13 -14.84 -29.43
CA ASN D 311 25.34 -14.79 -28.20
C ASN D 311 24.03 -14.02 -28.42
N ARG D 312 23.36 -14.30 -29.52
CA ARG D 312 22.12 -13.63 -29.84
C ARG D 312 20.98 -14.18 -28.98
N GLN D 313 20.20 -13.27 -28.40
CA GLN D 313 19.00 -13.62 -27.66
C GLN D 313 17.81 -12.88 -28.24
N VAL D 314 16.70 -13.59 -28.38
CA VAL D 314 15.45 -12.96 -28.77
C VAL D 314 14.68 -12.58 -27.51
N ILE D 315 14.48 -11.29 -27.30
CA ILE D 315 13.75 -10.83 -26.13
C ILE D 315 12.26 -10.74 -26.43
N VAL D 316 11.91 -10.14 -27.56
CA VAL D 316 10.54 -10.02 -28.01
C VAL D 316 10.47 -10.57 -29.43
N ASP D 317 9.44 -11.34 -29.70
CA ASP D 317 9.30 -12.01 -30.99
C ASP D 317 9.16 -10.99 -32.12
N ARG D 318 9.62 -11.38 -33.31
CA ARG D 318 9.66 -10.52 -34.48
C ARG D 318 8.32 -9.89 -34.80
N GLY D 319 7.20 -10.58 -34.59
CA GLY D 319 5.90 -10.03 -34.88
C GLY D 319 5.29 -9.23 -33.76
N ASP D 320 5.94 -9.18 -32.61
CA ASP D 320 5.42 -8.46 -31.45
C ASP D 320 6.05 -7.09 -31.34
N ARG D 321 5.36 -6.19 -30.63
CA ARG D 321 5.71 -4.78 -30.61
C ARG D 321 6.70 -4.49 -29.48
N SER D 322 7.86 -3.94 -29.83
CA SER D 322 8.82 -3.41 -28.90
C SER D 322 8.65 -1.90 -28.78
N GLY D 323 9.60 -1.23 -28.15
CA GLY D 323 9.57 0.21 -28.03
C GLY D 323 10.91 0.76 -27.60
N TYR D 324 10.90 1.73 -26.70
CA TYR D 324 12.15 2.23 -26.12
C TYR D 324 12.83 1.11 -25.35
N SER D 325 14.15 1.12 -25.36
CA SER D 325 14.95 0.23 -24.53
C SER D 325 16.09 1.03 -23.93
N GLY D 326 16.51 0.63 -22.73
CA GLY D 326 17.56 1.36 -22.06
C GLY D 326 18.28 0.46 -21.09
N ILE D 327 19.40 0.95 -20.59
CA ILE D 327 20.29 0.19 -19.73
C ILE D 327 20.17 0.72 -18.31
N PHE D 328 20.39 -0.17 -17.34
CA PHE D 328 20.60 0.25 -15.97
C PHE D 328 21.56 -0.73 -15.31
N SER D 329 22.35 -0.21 -14.38
CA SER D 329 23.43 -0.97 -13.76
C SER D 329 23.08 -1.29 -12.32
N VAL D 330 23.43 -2.50 -11.90
CA VAL D 330 23.17 -2.98 -10.54
C VAL D 330 24.49 -3.40 -9.93
N GLU D 331 24.80 -2.87 -8.75
CA GLU D 331 26.01 -3.27 -8.06
C GLU D 331 25.81 -4.65 -7.44
N GLY D 332 26.67 -5.58 -7.81
CA GLY D 332 26.68 -6.91 -7.23
C GLY D 332 27.61 -7.00 -6.05
N LYS D 333 28.03 -8.21 -5.77
CA LYS D 333 28.96 -8.45 -4.64
C LYS D 333 30.39 -8.06 -5.06
N SER D 334 30.80 -8.33 -6.30
CA SER D 334 32.16 -8.11 -6.75
C SER D 334 32.27 -7.29 -8.02
N CYS D 335 31.19 -7.10 -8.78
CA CYS D 335 31.27 -6.34 -10.01
C CYS D 335 29.99 -5.55 -10.21
N ILE D 336 29.94 -4.83 -11.32
CA ILE D 336 28.76 -4.06 -11.73
C ILE D 336 28.08 -4.85 -12.84
N ASN D 337 26.81 -5.19 -12.62
CA ASN D 337 26.02 -5.91 -13.61
C ASN D 337 25.24 -4.93 -14.48
N ARG D 338 25.14 -5.27 -15.77
CA ARG D 338 24.38 -4.48 -16.72
C ARG D 338 23.05 -5.16 -16.99
N CYS D 339 21.98 -4.40 -16.86
CA CYS D 339 20.63 -4.88 -17.14
C CYS D 339 19.96 -3.92 -18.11
N PHE D 340 18.94 -4.43 -18.80
CA PHE D 340 18.21 -3.60 -19.75
C PHE D 340 16.72 -3.90 -19.65
N TYR D 341 15.93 -2.89 -20.01
CA TYR D 341 14.49 -2.98 -20.09
C TYR D 341 14.06 -2.75 -21.53
N VAL D 342 12.92 -3.30 -21.90
CA VAL D 342 12.31 -3.07 -23.20
C VAL D 342 10.87 -2.62 -22.99
N GLU D 343 10.52 -1.47 -23.58
CA GLU D 343 9.16 -0.96 -23.55
C GLU D 343 8.36 -1.69 -24.62
N LEU D 344 7.15 -2.13 -24.25
CA LEU D 344 6.29 -2.86 -25.17
C LEU D 344 5.08 -1.97 -25.49
N ILE D 345 5.24 -1.15 -26.52
CA ILE D 345 4.22 -0.16 -26.87
C ILE D 345 3.02 -0.87 -27.50
N ARG D 346 1.84 -0.56 -26.99
CA ARG D 346 0.58 -1.04 -27.56
C ARG D 346 -0.34 0.16 -27.75
N GLY D 347 -1.14 0.11 -28.81
CA GLY D 347 -2.17 1.10 -29.00
C GLY D 347 -2.02 1.89 -30.29
N ARG D 348 -2.42 3.13 -30.19
CA ARG D 348 -2.66 3.98 -31.37
C ARG D 348 -1.49 4.46 -32.22
N LYS D 349 -1.84 4.52 -33.49
CA LYS D 349 -0.93 4.69 -34.59
C LYS D 349 -0.95 3.24 -35.07
N GLU D 350 -0.15 2.38 -34.49
CA GLU D 350 0.01 1.01 -35.03
C GLU D 350 -1.22 0.11 -34.86
N GLU D 351 -1.90 0.18 -33.72
CA GLU D 351 -3.09 -0.66 -33.44
C GLU D 351 -4.32 0.23 -33.32
N THR D 352 -5.11 0.32 -34.38
CA THR D 352 -6.26 1.21 -34.39
C THR D 352 -7.48 0.61 -33.70
N GLU D 353 -7.37 -0.61 -33.17
CA GLU D 353 -8.47 -1.24 -32.45
C GLU D 353 -8.82 -0.51 -31.16
N VAL D 354 -7.88 0.25 -30.59
CA VAL D 354 -8.09 0.98 -29.35
C VAL D 354 -7.76 2.44 -29.59
N LEU D 355 -8.30 3.30 -28.71
CA LEU D 355 -8.10 4.73 -28.81
C LEU D 355 -6.92 5.22 -27.99
N TRP D 356 -6.28 4.35 -27.23
CA TRP D 356 -5.25 4.74 -26.29
C TRP D 356 -3.90 4.23 -26.76
N THR D 357 -2.84 4.84 -26.25
CA THR D 357 -1.48 4.36 -26.40
C THR D 357 -0.90 4.15 -25.01
N SER D 358 -0.37 2.96 -24.77
CA SER D 358 0.26 2.64 -23.49
C SER D 358 1.35 1.61 -23.74
N ASN D 359 1.93 1.09 -22.66
CA ASN D 359 3.06 0.19 -22.79
C ASN D 359 3.11 -0.78 -21.62
N SER D 360 3.82 -1.88 -21.84
CA SER D 360 4.28 -2.78 -20.79
C SER D 360 5.81 -2.77 -20.79
N ILE D 361 6.40 -3.43 -19.81
CA ILE D 361 7.85 -3.47 -19.71
C ILE D 361 8.29 -4.89 -19.39
N VAL D 362 9.41 -5.28 -19.98
CA VAL D 362 10.10 -6.53 -19.66
C VAL D 362 11.55 -6.19 -19.37
N VAL D 363 12.09 -6.77 -18.30
CA VAL D 363 13.42 -6.43 -17.80
C VAL D 363 14.29 -7.68 -17.85
N PHE D 364 15.50 -7.53 -18.37
CA PHE D 364 16.49 -8.58 -18.40
C PHE D 364 17.77 -8.09 -17.74
N CYS D 365 18.49 -9.00 -17.11
CA CYS D 365 19.73 -8.66 -16.42
C CYS D 365 20.86 -9.54 -16.90
N GLY D 366 22.05 -8.94 -16.97
CA GLY D 366 23.22 -9.68 -17.40
C GLY D 366 23.52 -10.84 -16.47
N THR D 367 24.08 -11.89 -17.05
CA THR D 367 24.37 -13.10 -16.31
C THR D 367 25.68 -13.70 -16.80
N SER D 368 26.46 -14.24 -15.87
CA SER D 368 27.64 -15.02 -16.20
C SER D 368 27.34 -16.50 -16.35
N GLY D 369 26.12 -16.92 -16.04
CA GLY D 369 25.71 -18.30 -16.16
C GLY D 369 25.11 -18.62 -17.51
N THR D 370 24.36 -19.72 -17.55
CA THR D 370 23.72 -20.16 -18.77
C THR D 370 22.26 -19.73 -18.80
N TYR D 371 21.68 -19.78 -19.99
CA TYR D 371 20.31 -19.35 -20.21
C TYR D 371 19.77 -20.03 -21.45
N GLY D 372 18.45 -20.05 -21.57
CA GLY D 372 17.80 -20.64 -22.72
C GLY D 372 17.24 -19.62 -23.69
N THR D 373 16.18 -20.00 -24.39
CA THR D 373 15.49 -19.10 -25.32
C THR D 373 14.07 -18.86 -24.82
N GLY D 374 13.38 -17.96 -25.52
CA GLY D 374 12.02 -17.64 -25.17
C GLY D 374 11.62 -16.33 -25.79
N SER D 375 10.40 -15.91 -25.46
CA SER D 375 9.87 -14.64 -25.94
C SER D 375 8.85 -14.15 -24.93
N TRP D 376 8.94 -12.87 -24.57
CA TRP D 376 8.11 -12.29 -23.51
C TRP D 376 7.47 -11.02 -24.03
N PRO D 377 6.45 -11.14 -24.88
CA PRO D 377 5.79 -9.94 -25.42
C PRO D 377 4.77 -9.37 -24.46
N ASP D 378 4.13 -8.27 -24.85
CA ASP D 378 3.09 -7.67 -24.01
C ASP D 378 1.95 -8.65 -23.74
N GLY D 379 1.42 -9.27 -24.80
CA GLY D 379 0.47 -10.35 -24.66
C GLY D 379 -0.97 -9.96 -24.45
N ALA D 380 -1.29 -8.66 -24.49
CA ALA D 380 -2.67 -8.23 -24.38
C ALA D 380 -3.38 -8.38 -25.71
N ASP D 381 -4.64 -8.82 -25.66
CA ASP D 381 -5.50 -8.92 -26.83
C ASP D 381 -6.31 -7.63 -26.92
N LEU D 382 -5.92 -6.74 -27.84
CA LEU D 382 -6.57 -5.46 -27.96
C LEU D 382 -7.93 -5.54 -28.64
N ASN D 383 -8.24 -6.62 -29.34
CA ASN D 383 -9.57 -6.78 -29.92
C ASN D 383 -10.65 -6.92 -28.86
N LEU D 384 -10.33 -7.53 -27.73
CA LEU D 384 -11.28 -7.68 -26.63
C LEU D 384 -11.11 -6.63 -25.55
N MET D 385 -10.01 -5.89 -25.55
CA MET D 385 -9.76 -4.89 -24.54
C MET D 385 -10.68 -3.68 -24.75
N PRO D 386 -11.07 -3.00 -23.67
CA PRO D 386 -11.86 -1.78 -23.82
C PRO D 386 -11.10 -0.72 -24.60
N ILE D 387 -11.82 0.03 -25.43
CA ILE D 387 -11.21 1.04 -26.26
C ILE D 387 -10.94 2.31 -25.45
#